data_5AZP
#
_entry.id   5AZP
#
_cell.length_a   257.515
_cell.length_b   257.515
_cell.length_c   81.825
_cell.angle_alpha   90.00
_cell.angle_beta   90.00
_cell.angle_gamma   90.00
#
_symmetry.space_group_name_H-M   'I 4'
#
loop_
_entity.id
_entity.type
_entity.pdbx_description
1 polymer 'Multidrug efflux outer membrane protein OprN'
2 non-polymer '(2S)-1-(pentanoyloxy)propan-2-yl hexanoate'
3 non-polymer OCTANAL
4 non-polymer 'octyl beta-D-glucopyranoside'
5 non-polymer GLYCEROL
6 non-polymer 'FORMIC ACID'
7 non-polymer 'SODIUM ION'
8 non-polymer 'ACETATE ION'
9 water water
#
_entity_poly.entity_id   1
_entity_poly.type   'polypeptide(L)'
_entity_poly.pdbx_seq_one_letter_code
;CTVGPDYRTPDTAAAKIDATASKPYDRSRFESLWWKQFDDPTLNQLVEQSLSGNRDLRVAFARLRAARALRDDVANDRFP
VVTSRASADIGKGQQPGVTEDRVNSERYDLGLDSAWELDLFGRIRRQLESSDALSEAAEADLQQLQVSLIAELVDAYGQL
RGAQLREKIALSNLENQKESRQLTEQLRDAGVGAELDVLRADARLAATAASVPQLQAEAERARHRIATLLGQRPEELTVD
LSPRDLPAITKALPIGDPGELLRRRPDIRAAERRLAASTADVGVATADLFPRVSLSGFLGFTAGRGSQIGSSAARAWSVG
PSISWAAFDLGSVRARLRGAKADADAALASYEQQVLLALEESANAFSDYGKRQERLVSLVRQSEASRAAAQQAAIRYREG
TTDFLVLLDAEREQLSAEDAQAQAEVELYRGIVAIYRSLGGGWQPSAGSHHHHHH
;
_entity_poly.pdbx_strand_id   A,B,C
#
loop_
_chem_comp.id
_chem_comp.type
_chem_comp.name
_chem_comp.formula
3PK non-polymer '(2S)-1-(pentanoyloxy)propan-2-yl hexanoate' 'C14 H26 O4'
ACT non-polymer 'ACETATE ION' 'C2 H3 O2 -1'
BOG D-saccharide 'octyl beta-D-glucopyranoside' 'C14 H28 O6'
FMT non-polymer 'FORMIC ACID' 'C H2 O2'
GOL non-polymer GLYCEROL 'C3 H8 O3'
NA non-polymer 'SODIUM ION' 'Na 1'
OYA non-polymer OCTANAL 'C8 H16 O'
#
# COMPACT_ATOMS: atom_id res chain seq x y z
N CYS A 1 -4.12 -6.54 -42.86
CA CYS A 1 -3.49 -5.27 -42.36
C CYS A 1 -3.38 -5.64 -40.86
N THR A 2 -2.49 -5.00 -40.18
CA THR A 2 -2.67 -4.87 -38.75
CA THR A 2 -2.57 -4.87 -38.74
C THR A 2 -2.62 -3.37 -38.46
N VAL A 3 -3.75 -2.80 -38.08
CA VAL A 3 -3.80 -1.36 -37.89
C VAL A 3 -3.40 -0.96 -36.48
N GLY A 4 -3.29 0.33 -36.29
CA GLY A 4 -2.84 0.92 -35.03
C GLY A 4 -1.32 1.04 -35.00
N PRO A 5 -0.83 1.66 -33.94
CA PRO A 5 0.59 1.94 -33.86
C PRO A 5 1.42 0.63 -33.74
N ASP A 6 2.60 0.64 -34.32
CA ASP A 6 3.49 -0.49 -34.21
C ASP A 6 4.52 -0.16 -33.09
N TYR A 7 4.41 -0.89 -32.03
CA TYR A 7 5.19 -0.59 -30.82
C TYR A 7 6.68 -0.63 -31.08
N ARG A 8 7.41 0.35 -30.53
CA ARG A 8 8.84 0.38 -30.53
C ARG A 8 9.24 0.71 -29.09
N THR A 9 10.13 -0.09 -28.55
CA THR A 9 10.65 0.14 -27.19
C THR A 9 11.25 1.52 -27.11
N PRO A 10 11.01 2.23 -26.00
CA PRO A 10 11.54 3.59 -25.91
C PRO A 10 13.06 3.61 -25.99
N ASP A 11 13.63 4.67 -26.55
CA ASP A 11 15.07 4.79 -26.70
C ASP A 11 15.62 5.42 -25.42
N THR A 12 15.56 4.69 -24.34
CA THR A 12 15.88 5.25 -23.02
C THR A 12 17.39 5.31 -22.85
N ALA A 13 17.92 6.46 -22.47
CA ALA A 13 19.37 6.60 -22.34
C ALA A 13 19.90 5.71 -21.20
N ALA A 14 21.12 5.21 -21.37
CA ALA A 14 21.78 4.44 -20.31
C ALA A 14 21.98 5.25 -19.03
N ALA A 15 21.91 4.61 -17.89
CA ALA A 15 22.19 5.25 -16.62
C ALA A 15 23.60 5.77 -16.59
N LYS A 16 23.78 6.91 -15.95
CA LYS A 16 25.09 7.52 -15.85
C LYS A 16 25.33 7.78 -14.37
N ILE A 17 26.33 7.08 -13.80
CA ILE A 17 26.67 7.27 -12.39
C ILE A 17 28.19 7.49 -12.33
N ASP A 18 28.61 8.76 -12.50
CA ASP A 18 30.05 9.18 -12.49
C ASP A 18 30.88 8.62 -11.31
N ALA A 19 30.29 8.64 -10.10
CA ALA A 19 30.99 8.18 -8.89
C ALA A 19 31.41 6.69 -8.94
N THR A 20 30.84 5.93 -9.87
CA THR A 20 31.26 4.56 -9.98
C THR A 20 32.62 4.40 -10.69
N ALA A 21 33.17 5.47 -11.30
CA ALA A 21 34.57 5.50 -11.76
C ALA A 21 35.47 5.89 -10.58
N SER A 22 35.37 5.14 -9.49
CA SER A 22 36.22 5.36 -8.31
C SER A 22 36.63 4.01 -7.70
N LYS A 23 37.62 4.12 -6.83
CA LYS A 23 38.29 3.00 -6.18
C LYS A 23 37.44 1.97 -5.50
N PRO A 24 36.30 2.36 -4.88
CA PRO A 24 35.56 1.23 -4.23
C PRO A 24 34.89 0.22 -5.19
N TYR A 25 34.91 0.50 -6.49
CA TYR A 25 34.14 -0.30 -7.48
C TYR A 25 34.99 -0.90 -8.61
N ASP A 26 34.55 -2.05 -9.10
CA ASP A 26 35.11 -2.77 -10.24
C ASP A 26 34.06 -2.88 -11.32
N ARG A 27 34.23 -2.03 -12.33
CA ARG A 27 33.30 -1.98 -13.44
C ARG A 27 33.58 -3.03 -14.54
N SER A 28 34.59 -3.85 -14.37
CA SER A 28 35.01 -4.81 -15.40
C SER A 28 34.14 -6.04 -15.45
N ARG A 29 33.37 -6.34 -14.36
CA ARG A 29 32.36 -7.35 -14.48
C ARG A 29 31.32 -7.22 -13.37
N PHE A 30 30.22 -7.91 -13.60
CA PHE A 30 29.10 -7.92 -12.65
C PHE A 30 28.97 -9.32 -12.09
N GLU A 31 28.87 -9.44 -10.78
CA GLU A 31 28.64 -10.72 -10.16
C GLU A 31 27.15 -10.94 -9.91
N SER A 32 26.54 -11.81 -10.70
CA SER A 32 25.11 -12.03 -10.62
CA SER A 32 25.14 -12.14 -10.67
C SER A 32 24.71 -12.72 -9.32
N LEU A 33 25.57 -13.60 -8.80
CA LEU A 33 25.25 -14.28 -7.50
C LEU A 33 25.97 -13.40 -6.47
N TRP A 34 25.48 -12.19 -6.36
CA TRP A 34 26.25 -11.14 -5.69
C TRP A 34 26.52 -11.34 -4.20
N TRP A 35 25.63 -12.05 -3.55
CA TRP A 35 25.75 -12.33 -2.16
C TRP A 35 26.86 -13.34 -1.81
N LYS A 36 27.26 -14.14 -2.81
CA LYS A 36 28.32 -15.14 -2.59
C LYS A 36 29.66 -14.53 -2.29
N GLN A 37 29.82 -13.25 -2.60
CA GLN A 37 31.03 -12.51 -2.37
CA GLN A 37 31.10 -12.62 -2.41
C GLN A 37 31.33 -12.29 -0.92
N PHE A 38 30.30 -12.40 -0.07
CA PHE A 38 30.50 -12.30 1.36
C PHE A 38 31.20 -13.57 1.92
N ASP A 39 31.32 -14.62 1.13
CA ASP A 39 32.01 -15.86 1.53
CA ASP A 39 32.00 -15.86 1.52
C ASP A 39 31.42 -16.40 2.81
N ASP A 40 30.11 -16.41 2.87
CA ASP A 40 29.39 -16.83 4.09
C ASP A 40 28.50 -17.98 3.76
N PRO A 41 28.92 -19.21 4.07
CA PRO A 41 28.09 -20.35 3.69
C PRO A 41 26.70 -20.43 4.32
N THR A 42 26.57 -19.92 5.53
CA THR A 42 25.25 -19.86 6.15
C THR A 42 24.30 -18.95 5.33
N LEU A 43 24.80 -17.79 4.92
CA LEU A 43 24.02 -16.87 4.08
C LEU A 43 23.64 -17.54 2.78
N ASN A 44 24.61 -18.25 2.20
CA ASN A 44 24.32 -18.91 0.94
C ASN A 44 23.23 -19.90 1.08
N GLN A 45 23.20 -20.66 2.16
CA GLN A 45 22.18 -21.65 2.34
C GLN A 45 20.82 -21.00 2.64
N LEU A 46 20.82 -19.87 3.33
CA LEU A 46 19.56 -19.12 3.50
C LEU A 46 18.93 -18.78 2.14
N VAL A 47 19.75 -18.21 1.23
CA VAL A 47 19.25 -17.82 -0.07
C VAL A 47 18.71 -19.01 -0.79
N GLU A 48 19.45 -20.15 -0.85
CA GLU A 48 18.91 -21.32 -1.55
C GLU A 48 17.61 -21.82 -0.99
N GLN A 49 17.52 -21.82 0.31
CA GLN A 49 16.27 -22.30 0.96
CA GLN A 49 16.30 -22.31 0.94
C GLN A 49 15.12 -21.35 0.65
N SER A 50 15.41 -20.03 0.61
CA SER A 50 14.34 -19.04 0.27
CA SER A 50 14.35 -19.09 0.31
C SER A 50 13.81 -19.26 -1.11
N LEU A 51 14.71 -19.51 -2.08
CA LEU A 51 14.24 -19.74 -3.43
C LEU A 51 13.37 -20.98 -3.54
N SER A 52 13.68 -21.99 -2.73
CA SER A 52 12.90 -23.20 -2.66
C SER A 52 11.58 -23.09 -1.97
N GLY A 53 11.55 -22.28 -0.90
CA GLY A 53 10.43 -22.25 0.04
C GLY A 53 9.57 -20.99 0.10
N ASN A 54 10.08 -19.85 -0.37
CA ASN A 54 9.33 -18.62 -0.22
C ASN A 54 7.94 -18.66 -0.86
N ARG A 55 6.87 -18.36 -0.11
CA ARG A 55 5.52 -18.51 -0.62
C ARG A 55 5.13 -17.38 -1.55
N ASP A 56 5.69 -16.16 -1.36
CA ASP A 56 5.41 -15.05 -2.28
C ASP A 56 5.92 -15.38 -3.70
N LEU A 57 7.09 -16.03 -3.76
CA LEU A 57 7.60 -16.43 -5.06
C LEU A 57 6.69 -17.43 -5.71
N ARG A 58 6.10 -18.35 -4.92
CA ARG A 58 5.12 -19.27 -5.43
C ARG A 58 3.86 -18.61 -5.98
N VAL A 59 3.35 -17.60 -5.26
CA VAL A 59 2.25 -16.81 -5.75
C VAL A 59 2.58 -16.19 -7.13
N ALA A 60 3.77 -15.62 -7.22
CA ALA A 60 4.14 -14.93 -8.44
C ALA A 60 4.25 -15.90 -9.64
N PHE A 61 4.80 -17.11 -9.38
CA PHE A 61 4.89 -18.11 -10.45
CA PHE A 61 4.96 -18.16 -10.42
C PHE A 61 3.50 -18.54 -10.86
N ALA A 62 2.58 -18.66 -9.89
CA ALA A 62 1.18 -19.02 -10.23
C ALA A 62 0.55 -17.93 -11.06
N ARG A 63 0.82 -16.66 -10.75
CA ARG A 63 0.28 -15.55 -11.53
CA ARG A 63 0.29 -15.52 -11.52
C ARG A 63 0.82 -15.56 -12.96
N LEU A 64 2.08 -15.92 -13.11
CA LEU A 64 2.67 -16.08 -14.43
C LEU A 64 1.94 -17.18 -15.21
N ARG A 65 1.74 -18.33 -14.59
CA ARG A 65 1.01 -19.39 -15.24
C ARG A 65 -0.38 -18.93 -15.66
N ALA A 66 -1.04 -18.20 -14.80
CA ALA A 66 -2.37 -17.71 -15.13
C ALA A 66 -2.33 -16.75 -16.34
N ALA A 67 -1.32 -15.90 -16.41
CA ALA A 67 -1.19 -14.97 -17.55
C ALA A 67 -0.94 -15.71 -18.85
N ARG A 68 -0.13 -16.77 -18.82
CA ARG A 68 0.12 -17.58 -19.99
C ARG A 68 -1.16 -18.30 -20.44
N ALA A 69 -1.95 -18.78 -19.48
CA ALA A 69 -3.21 -19.45 -19.81
C ALA A 69 -4.19 -18.52 -20.47
N LEU A 70 -4.28 -17.27 -20.01
CA LEU A 70 -5.11 -16.26 -20.62
CA LEU A 70 -5.17 -16.27 -20.66
C LEU A 70 -4.71 -16.07 -22.10
N ARG A 71 -3.41 -15.93 -22.29
CA ARG A 71 -2.84 -15.76 -23.60
C ARG A 71 -3.19 -16.90 -24.50
N ASP A 72 -3.11 -18.12 -23.99
CA ASP A 72 -3.41 -19.29 -24.83
C ASP A 72 -4.88 -19.30 -25.29
N ASP A 73 -5.78 -18.85 -24.44
CA ASP A 73 -7.17 -18.76 -24.81
C ASP A 73 -7.35 -17.75 -25.99
N VAL A 74 -6.79 -16.57 -25.85
CA VAL A 74 -6.89 -15.49 -26.85
C VAL A 74 -6.31 -15.97 -28.18
N ALA A 75 -5.22 -16.73 -28.11
CA ALA A 75 -4.56 -17.15 -29.35
C ALA A 75 -5.46 -18.00 -30.24
N ASN A 76 -6.38 -18.78 -29.65
CA ASN A 76 -7.31 -19.57 -30.44
C ASN A 76 -8.35 -18.75 -31.21
N ASP A 77 -8.51 -17.48 -30.89
CA ASP A 77 -9.42 -16.64 -31.67
C ASP A 77 -8.97 -16.35 -33.09
N ARG A 78 -7.74 -16.68 -33.41
CA ARG A 78 -7.22 -16.45 -34.75
C ARG A 78 -7.82 -17.46 -35.76
N PHE A 79 -8.36 -18.55 -35.27
CA PHE A 79 -8.89 -19.62 -36.12
C PHE A 79 -10.39 -19.82 -35.88
N PRO A 80 -11.06 -20.55 -36.81
CA PRO A 80 -12.41 -20.92 -36.56
C PRO A 80 -12.55 -21.67 -35.27
N VAL A 81 -13.63 -21.41 -34.56
CA VAL A 81 -13.97 -22.01 -33.34
C VAL A 81 -15.10 -22.94 -33.63
N VAL A 82 -14.85 -24.23 -33.52
CA VAL A 82 -15.81 -25.24 -33.98
C VAL A 82 -16.33 -26.10 -32.82
N THR A 83 -17.58 -25.89 -32.45
CA THR A 83 -18.17 -26.56 -31.33
C THR A 83 -19.18 -27.55 -31.84
N SER A 84 -19.84 -28.27 -30.94
CA SER A 84 -20.81 -29.29 -31.35
C SER A 84 -22.12 -29.08 -30.64
N ARG A 85 -23.22 -29.55 -31.25
CA ARG A 85 -24.55 -29.33 -30.66
C ARG A 85 -25.59 -30.41 -31.09
N ALA A 86 -26.44 -30.82 -30.15
CA ALA A 86 -27.62 -31.63 -30.45
C ALA A 86 -28.79 -30.84 -29.89
N SER A 87 -29.80 -30.51 -30.69
CA SER A 87 -30.92 -29.75 -30.20
C SER A 87 -32.23 -30.13 -30.87
N ALA A 88 -33.33 -29.72 -30.23
CA ALA A 88 -34.67 -29.92 -30.84
C ALA A 88 -35.49 -28.70 -30.48
N ASP A 89 -36.50 -28.42 -31.30
CA ASP A 89 -37.50 -27.43 -30.99
C ASP A 89 -38.85 -28.01 -31.32
N ILE A 90 -39.66 -28.15 -30.28
CA ILE A 90 -40.96 -28.81 -30.32
C ILE A 90 -42.00 -27.86 -29.74
N GLY A 91 -43.15 -27.73 -30.40
CA GLY A 91 -44.19 -26.89 -29.84
C GLY A 91 -45.48 -26.93 -30.62
N LYS A 92 -46.39 -26.05 -30.28
CA LYS A 92 -47.66 -25.94 -31.02
C LYS A 92 -48.08 -24.48 -31.01
N GLY A 93 -48.31 -23.97 -32.21
CA GLY A 93 -48.78 -22.62 -32.40
C GLY A 93 -48.89 -22.20 -33.82
N GLN A 94 -49.39 -20.99 -34.02
CA GLN A 94 -49.34 -20.38 -35.32
C GLN A 94 -47.92 -20.29 -35.85
N GLN A 95 -47.82 -20.20 -37.18
CA GLN A 95 -46.55 -19.92 -37.87
C GLN A 95 -46.71 -18.71 -38.75
N PRO A 96 -46.38 -17.52 -38.19
CA PRO A 96 -46.60 -16.27 -38.91
C PRO A 96 -46.00 -16.30 -40.31
N GLY A 97 -46.78 -15.85 -41.27
CA GLY A 97 -46.44 -15.97 -42.68
C GLY A 97 -47.02 -17.28 -43.20
N VAL A 98 -46.44 -18.39 -42.76
CA VAL A 98 -46.86 -19.70 -43.23
C VAL A 98 -48.37 -19.95 -42.99
N THR A 99 -48.83 -20.05 -41.74
CA THR A 99 -50.23 -20.40 -41.44
C THR A 99 -50.82 -19.79 -40.15
N GLU A 100 -52.14 -19.55 -40.13
CA GLU A 100 -52.83 -19.08 -38.91
C GLU A 100 -53.46 -20.16 -38.06
N ASP A 101 -53.41 -21.39 -38.52
CA ASP A 101 -53.81 -22.51 -37.67
C ASP A 101 -52.68 -22.74 -36.65
N ARG A 102 -53.04 -23.22 -35.48
CA ARG A 102 -52.09 -23.72 -34.50
C ARG A 102 -51.67 -25.15 -34.87
N VAL A 103 -50.45 -25.29 -35.35
CA VAL A 103 -49.94 -26.54 -35.85
C VAL A 103 -48.82 -27.02 -34.95
N ASN A 104 -48.67 -28.34 -34.88
CA ASN A 104 -47.52 -28.95 -34.24
C ASN A 104 -46.26 -28.70 -35.05
N SER A 105 -45.14 -28.44 -34.34
CA SER A 105 -43.86 -28.11 -34.95
C SER A 105 -42.83 -29.02 -34.26
N GLU A 106 -41.97 -29.64 -35.03
CA GLU A 106 -40.85 -30.43 -34.50
C GLU A 106 -39.66 -30.24 -35.42
N ARG A 107 -38.49 -30.02 -34.82
CA ARG A 107 -37.28 -29.91 -35.55
C ARG A 107 -36.10 -30.48 -34.70
N TYR A 108 -35.18 -31.18 -35.37
CA TYR A 108 -34.02 -31.79 -34.72
C TYR A 108 -32.78 -31.39 -35.48
N ASP A 109 -31.70 -31.06 -34.74
CA ASP A 109 -30.45 -30.67 -35.34
C ASP A 109 -29.30 -31.31 -34.58
N LEU A 110 -28.32 -31.80 -35.31
CA LEU A 110 -27.12 -32.43 -34.73
C LEU A 110 -25.96 -32.09 -35.64
N GLY A 111 -24.96 -31.38 -35.15
CA GLY A 111 -23.81 -31.09 -35.98
C GLY A 111 -22.75 -30.23 -35.32
N LEU A 112 -21.86 -29.72 -36.16
CA LEU A 112 -20.82 -28.80 -35.76
C LEU A 112 -21.25 -27.40 -36.10
N ASP A 113 -21.08 -26.47 -35.14
CA ASP A 113 -21.25 -25.04 -35.29
C ASP A 113 -19.88 -24.39 -35.36
N SER A 114 -19.65 -23.53 -36.39
CA SER A 114 -18.38 -22.82 -36.54
CA SER A 114 -18.38 -22.82 -36.52
C SER A 114 -18.64 -21.31 -36.48
N ALA A 115 -17.76 -20.61 -35.78
CA ALA A 115 -17.75 -19.15 -35.74
C ALA A 115 -16.31 -18.70 -36.09
N TRP A 116 -16.18 -17.70 -36.94
CA TRP A 116 -14.85 -17.28 -37.32
C TRP A 116 -14.84 -15.80 -37.60
N GLU A 117 -14.03 -15.03 -36.84
CA GLU A 117 -13.77 -13.64 -37.18
C GLU A 117 -12.55 -13.65 -38.10
N LEU A 118 -12.70 -13.19 -39.35
CA LEU A 118 -11.57 -13.16 -40.27
C LEU A 118 -10.71 -12.01 -39.83
N ASP A 119 -9.43 -12.22 -39.60
CA ASP A 119 -8.75 -11.12 -38.82
C ASP A 119 -8.17 -10.09 -39.82
N LEU A 120 -9.03 -9.41 -40.63
CA LEU A 120 -8.51 -8.68 -41.78
C LEU A 120 -7.80 -7.37 -41.43
N PHE A 121 -8.16 -6.75 -40.28
CA PHE A 121 -7.53 -5.53 -39.84
C PHE A 121 -6.67 -5.74 -38.57
N GLY A 122 -6.55 -6.97 -38.14
CA GLY A 122 -5.57 -7.30 -37.12
C GLY A 122 -6.07 -7.09 -35.70
N ARG A 123 -7.38 -6.96 -35.51
CA ARG A 123 -7.94 -6.83 -34.16
CA ARG A 123 -7.93 -6.80 -34.12
C ARG A 123 -7.47 -7.95 -33.23
N ILE A 124 -7.58 -9.17 -33.72
CA ILE A 124 -7.27 -10.36 -32.93
C ILE A 124 -5.76 -10.52 -32.74
N ARG A 125 -5.01 -10.24 -33.80
CA ARG A 125 -3.58 -10.29 -33.68
C ARG A 125 -3.07 -9.24 -32.66
N ARG A 126 -3.68 -8.05 -32.64
CA ARG A 126 -3.36 -7.03 -31.62
C ARG A 126 -3.73 -7.51 -30.19
N GLN A 127 -4.87 -8.20 -30.04
CA GLN A 127 -5.24 -8.80 -28.76
C GLN A 127 -4.20 -9.80 -28.29
N LEU A 128 -3.73 -10.64 -29.21
CA LEU A 128 -2.73 -11.60 -28.85
C LEU A 128 -1.42 -10.91 -28.50
N GLU A 129 -1.02 -9.90 -29.27
CA GLU A 129 0.16 -9.13 -28.97
C GLU A 129 0.10 -8.55 -27.54
N SER A 130 -1.02 -7.98 -27.17
CA SER A 130 -1.22 -7.49 -25.82
C SER A 130 -1.10 -8.60 -24.75
N SER A 131 -1.79 -9.69 -24.99
CA SER A 131 -1.78 -10.82 -24.04
CA SER A 131 -1.80 -10.76 -24.01
C SER A 131 -0.38 -11.39 -23.85
N ASP A 132 0.36 -11.52 -24.96
CA ASP A 132 1.74 -12.01 -24.95
C ASP A 132 2.61 -11.06 -24.08
N ALA A 133 2.49 -9.74 -24.30
CA ALA A 133 3.29 -8.78 -23.58
C ALA A 133 2.93 -8.79 -22.09
N LEU A 134 1.62 -8.94 -21.74
CA LEU A 134 1.23 -9.04 -20.33
C LEU A 134 1.78 -10.32 -19.66
N SER A 135 1.90 -11.41 -20.40
CA SER A 135 2.54 -12.60 -19.82
CA SER A 135 2.60 -12.64 -19.91
C SER A 135 4.06 -12.34 -19.59
N GLU A 136 4.74 -11.63 -20.48
CA GLU A 136 6.13 -11.24 -20.25
C GLU A 136 6.26 -10.29 -19.09
N ALA A 137 5.28 -9.37 -18.91
CA ALA A 137 5.27 -8.53 -17.72
C ALA A 137 5.17 -9.36 -16.43
N ALA A 138 4.33 -10.39 -16.43
CA ALA A 138 4.16 -11.28 -15.24
C ALA A 138 5.50 -11.99 -14.93
N GLU A 139 6.22 -12.37 -15.98
CA GLU A 139 7.52 -13.00 -15.78
C GLU A 139 8.48 -12.02 -15.14
N ALA A 140 8.55 -10.78 -15.67
CA ALA A 140 9.37 -9.75 -15.10
C ALA A 140 9.00 -9.41 -13.68
N ASP A 141 7.70 -9.42 -13.33
CA ASP A 141 7.24 -9.20 -11.97
C ASP A 141 7.79 -10.28 -11.01
N LEU A 142 7.83 -11.54 -11.48
CA LEU A 142 8.34 -12.64 -10.69
C LEU A 142 9.84 -12.44 -10.49
N GLN A 143 10.57 -12.05 -11.53
CA GLN A 143 12.03 -11.83 -11.42
C GLN A 143 12.32 -10.65 -10.50
N GLN A 144 11.49 -9.59 -10.55
CA GLN A 144 11.66 -8.46 -9.63
C GLN A 144 11.43 -8.88 -8.20
N LEU A 145 10.44 -9.70 -7.97
CA LEU A 145 10.12 -10.19 -6.61
C LEU A 145 11.33 -11.00 -6.11
N GLN A 146 11.94 -11.79 -6.97
CA GLN A 146 13.15 -12.51 -6.56
C GLN A 146 14.31 -11.58 -6.17
N VAL A 147 14.54 -10.54 -6.98
CA VAL A 147 15.55 -9.53 -6.62
C VAL A 147 15.27 -8.94 -5.28
N SER A 148 14.01 -8.57 -5.06
CA SER A 148 13.64 -7.93 -3.85
C SER A 148 13.72 -8.84 -2.65
N LEU A 149 13.30 -10.07 -2.83
CA LEU A 149 13.37 -11.09 -1.80
C LEU A 149 14.81 -11.38 -1.40
N ILE A 150 15.69 -11.61 -2.35
CA ILE A 150 17.05 -11.89 -2.01
C ILE A 150 17.68 -10.70 -1.23
N ALA A 151 17.45 -9.46 -1.73
CA ALA A 151 17.97 -8.32 -1.00
C ALA A 151 17.41 -8.23 0.43
N GLU A 152 16.11 -8.41 0.61
CA GLU A 152 15.47 -8.35 1.91
C GLU A 152 16.08 -9.38 2.87
N LEU A 153 16.32 -10.57 2.33
CA LEU A 153 16.89 -11.69 3.13
C LEU A 153 18.32 -11.40 3.52
N VAL A 154 19.16 -11.01 2.55
CA VAL A 154 20.54 -10.70 2.88
C VAL A 154 20.62 -9.55 3.88
N ASP A 155 19.79 -8.51 3.66
CA ASP A 155 19.71 -7.40 4.57
C ASP A 155 19.32 -7.82 6.00
N ALA A 156 18.31 -8.67 6.12
CA ALA A 156 17.85 -9.17 7.42
C ALA A 156 18.98 -9.94 8.13
N TYR A 157 19.71 -10.75 7.35
CA TYR A 157 20.85 -11.44 7.96
C TYR A 157 21.90 -10.50 8.49
N GLY A 158 22.21 -9.41 7.81
CA GLY A 158 23.08 -8.38 8.35
C GLY A 158 22.55 -7.73 9.61
N GLN A 159 21.26 -7.46 9.66
CA GLN A 159 20.65 -6.94 10.86
C GLN A 159 20.76 -7.89 12.04
N LEU A 160 20.58 -9.20 11.80
CA LEU A 160 20.78 -10.22 12.84
C LEU A 160 22.21 -10.21 13.34
N ARG A 161 23.16 -10.19 12.38
CA ARG A 161 24.58 -10.14 12.79
C ARG A 161 24.90 -8.94 13.60
N GLY A 162 24.31 -7.81 13.17
CA GLY A 162 24.48 -6.49 13.86
C GLY A 162 24.00 -6.55 15.30
N ALA A 163 22.83 -7.14 15.52
CA ALA A 163 22.29 -7.25 16.89
C ALA A 163 23.14 -8.15 17.75
N GLN A 164 23.68 -9.21 17.18
CA GLN A 164 24.55 -10.14 17.92
C GLN A 164 25.88 -9.47 18.22
N LEU A 165 26.42 -8.69 17.29
CA LEU A 165 27.65 -7.92 17.52
C LEU A 165 27.46 -6.87 18.60
N ARG A 166 26.35 -6.13 18.52
CA ARG A 166 26.09 -5.11 19.51
C ARG A 166 25.84 -5.68 20.91
N GLU A 167 25.23 -6.86 21.00
CA GLU A 167 25.06 -7.56 22.27
C GLU A 167 26.44 -7.92 22.88
N LYS A 168 27.35 -8.46 22.04
CA LYS A 168 28.70 -8.75 22.47
C LYS A 168 29.43 -7.52 23.02
N ILE A 169 29.28 -6.42 22.32
CA ILE A 169 29.87 -5.14 22.72
C ILE A 169 29.26 -4.65 24.06
N ALA A 170 27.93 -4.75 24.19
CA ALA A 170 27.29 -4.36 25.44
C ALA A 170 27.78 -5.16 26.62
N LEU A 171 27.95 -6.46 26.40
CA LEU A 171 28.33 -7.33 27.51
C LEU A 171 29.81 -7.13 27.89
N SER A 172 30.63 -6.85 26.90
CA SER A 172 32.03 -6.54 27.15
C SER A 172 32.19 -5.23 27.99
N ASN A 173 31.47 -4.20 27.58
CA ASN A 173 31.41 -2.95 28.31
C ASN A 173 30.81 -3.09 29.69
N LEU A 174 29.82 -3.97 29.81
CA LEU A 174 29.24 -4.21 31.12
C LEU A 174 30.31 -4.75 32.09
N GLU A 175 31.14 -5.69 31.59
CA GLU A 175 32.24 -6.22 32.41
C GLU A 175 33.20 -5.13 32.88
N ASN A 176 33.60 -4.24 31.98
CA ASN A 176 34.49 -3.16 32.36
C ASN A 176 33.82 -2.26 33.45
N GLN A 177 32.54 -2.02 33.26
CA GLN A 177 31.78 -1.16 34.16
C GLN A 177 31.61 -1.85 35.53
N LYS A 178 31.52 -3.19 35.56
CA LYS A 178 31.46 -3.89 36.86
C LYS A 178 32.75 -3.78 37.62
N GLU A 179 33.85 -3.84 36.90
CA GLU A 179 35.15 -3.65 37.54
C GLU A 179 35.30 -2.25 38.15
N SER A 180 34.92 -1.22 37.39
CA SER A 180 34.94 0.13 37.84
C SER A 180 34.03 0.29 39.06
N ARG A 181 32.84 -0.31 39.02
CA ARG A 181 31.93 -0.16 40.17
CA ARG A 181 31.91 -0.18 40.17
C ARG A 181 32.55 -0.81 41.42
N GLN A 182 33.21 -1.95 41.23
CA GLN A 182 33.91 -2.56 42.38
C GLN A 182 34.94 -1.63 42.98
N LEU A 183 35.71 -0.96 42.13
CA LEU A 183 36.69 -0.02 42.60
C LEU A 183 36.06 1.17 43.34
N THR A 184 34.93 1.68 42.85
CA THR A 184 34.28 2.77 43.57
C THR A 184 33.94 2.33 45.02
N GLU A 185 33.48 1.10 45.16
CA GLU A 185 33.00 0.65 46.46
C GLU A 185 34.22 0.43 47.38
N GLN A 186 35.27 -0.14 46.85
CA GLN A 186 36.53 -0.25 47.62
C GLN A 186 37.09 1.05 48.07
N LEU A 187 37.20 2.00 47.17
CA LEU A 187 37.70 3.29 47.54
C LEU A 187 36.81 3.93 48.60
N ARG A 188 35.50 3.79 48.45
CA ARG A 188 34.58 4.34 49.47
C ARG A 188 34.88 3.70 50.84
N ASP A 189 34.95 2.38 50.83
CA ASP A 189 35.16 1.59 52.08
C ASP A 189 36.51 1.79 52.74
N ALA A 190 37.52 2.16 51.98
CA ALA A 190 38.83 2.55 52.52
C ALA A 190 38.93 4.03 52.95
N GLY A 191 37.82 4.80 52.86
CA GLY A 191 37.78 6.18 53.35
C GLY A 191 38.42 7.15 52.42
N VAL A 192 38.68 6.77 51.17
CA VAL A 192 39.23 7.69 50.17
C VAL A 192 38.29 7.78 48.96
N GLY A 193 37.01 7.41 49.13
CA GLY A 193 36.05 7.43 48.01
C GLY A 193 34.80 8.20 48.38
N ALA A 194 33.66 7.84 47.80
CA ALA A 194 32.46 8.64 47.98
C ALA A 194 31.30 7.82 47.57
N GLU A 195 30.26 7.82 48.40
CA GLU A 195 29.03 7.18 48.03
C GLU A 195 28.51 7.64 46.64
N LEU A 196 28.71 8.92 46.29
CA LEU A 196 28.26 9.43 45.04
C LEU A 196 28.89 8.70 43.85
N ASP A 197 30.14 8.24 44.02
CA ASP A 197 30.81 7.45 42.97
C ASP A 197 30.10 6.12 42.77
N VAL A 198 29.80 5.44 43.85
CA VAL A 198 29.14 4.18 43.79
C VAL A 198 27.78 4.26 43.12
N LEU A 199 26.98 5.26 43.49
CA LEU A 199 25.64 5.45 42.94
C LEU A 199 25.67 5.69 41.43
N ARG A 200 26.64 6.54 41.01
CA ARG A 200 26.79 6.81 39.57
C ARG A 200 27.25 5.58 38.79
N ALA A 201 28.13 4.80 39.43
CA ALA A 201 28.56 3.52 38.82
C ALA A 201 27.40 2.50 38.72
N ASP A 202 26.56 2.44 39.73
CA ASP A 202 25.37 1.59 39.68
C ASP A 202 24.43 2.04 38.60
N ALA A 203 24.20 3.34 38.43
CA ALA A 203 23.27 3.80 37.40
C ALA A 203 23.77 3.39 36.01
N ARG A 204 25.07 3.55 35.78
CA ARG A 204 25.72 3.22 34.51
CA ARG A 204 25.65 3.23 34.46
C ARG A 204 25.62 1.72 34.19
N LEU A 205 25.88 0.92 35.18
CA LEU A 205 25.78 -0.51 35.04
C LEU A 205 24.38 -0.91 34.61
N ALA A 206 23.39 -0.35 35.30
CA ALA A 206 22.00 -0.64 34.95
C ALA A 206 21.62 -0.22 33.57
N ALA A 207 22.08 0.95 33.15
CA ALA A 207 21.86 1.42 31.79
C ALA A 207 22.42 0.43 30.75
N THR A 208 23.63 -0.04 30.95
CA THR A 208 24.21 -0.96 29.99
C THR A 208 23.52 -2.28 30.02
N ALA A 209 23.17 -2.74 31.21
CA ALA A 209 22.43 -4.01 31.33
C ALA A 209 21.05 -3.95 30.58
N ALA A 210 20.37 -2.79 30.65
CA ALA A 210 19.11 -2.63 29.96
C ALA A 210 19.24 -2.76 28.48
N SER A 211 20.38 -2.45 27.89
CA SER A 211 20.49 -2.53 26.46
C SER A 211 20.49 -3.97 25.95
N VAL A 212 20.89 -4.93 26.79
CA VAL A 212 21.11 -6.30 26.34
C VAL A 212 19.79 -6.94 25.87
N PRO A 213 18.72 -6.91 26.71
CA PRO A 213 17.50 -7.55 26.23
C PRO A 213 16.91 -6.85 25.04
N GLN A 214 17.15 -5.54 24.86
CA GLN A 214 16.65 -4.86 23.68
C GLN A 214 17.31 -5.39 22.38
N LEU A 215 18.62 -5.58 22.47
CA LEU A 215 19.38 -6.13 21.34
C LEU A 215 19.04 -7.59 21.11
N GLN A 216 18.76 -8.32 22.18
CA GLN A 216 18.33 -9.68 22.00
C GLN A 216 16.96 -9.72 21.32
N ALA A 217 16.06 -8.82 21.69
CA ALA A 217 14.75 -8.81 21.01
C ALA A 217 14.87 -8.50 19.53
N GLU A 218 15.78 -7.58 19.15
N GLU A 218 15.79 -7.58 19.18
CA GLU A 218 16.03 -7.24 17.75
CA GLU A 218 16.02 -7.24 17.81
C GLU A 218 16.54 -8.45 16.99
C GLU A 218 16.54 -8.44 17.01
N ALA A 219 17.44 -9.19 17.61
CA ALA A 219 17.96 -10.41 16.98
C ALA A 219 16.85 -11.45 16.77
N GLU A 220 15.97 -11.62 17.74
CA GLU A 220 14.85 -12.56 17.55
C GLU A 220 13.88 -12.11 16.46
N ARG A 221 13.60 -10.81 16.36
CA ARG A 221 12.76 -10.30 15.26
CA ARG A 221 12.74 -10.34 15.28
C ARG A 221 13.40 -10.62 13.91
N ALA A 222 14.70 -10.41 13.79
CA ALA A 222 15.41 -10.72 12.53
C ALA A 222 15.33 -12.23 12.22
N ARG A 223 15.53 -13.10 13.24
CA ARG A 223 15.40 -14.52 13.04
CA ARG A 223 15.42 -14.53 13.03
C ARG A 223 14.03 -14.89 12.51
N HIS A 224 13.01 -14.34 13.11
CA HIS A 224 11.64 -14.65 12.68
C HIS A 224 11.34 -14.09 11.25
N ARG A 225 11.88 -12.94 10.87
CA ARG A 225 11.76 -12.44 9.50
C ARG A 225 12.42 -13.42 8.52
N ILE A 226 13.62 -13.88 8.87
CA ILE A 226 14.38 -14.84 8.08
C ILE A 226 13.55 -16.11 7.88
N ALA A 227 12.95 -16.64 8.98
CA ALA A 227 12.16 -17.85 8.84
C ALA A 227 11.04 -17.67 7.80
N THR A 228 10.27 -16.59 7.91
CA THR A 228 9.21 -16.38 6.94
C THR A 228 9.76 -16.24 5.51
N LEU A 229 10.83 -15.46 5.36
CA LEU A 229 11.41 -15.34 4.05
C LEU A 229 11.84 -16.68 3.46
N LEU A 230 12.23 -17.63 4.31
CA LEU A 230 12.51 -18.99 3.87
C LEU A 230 11.31 -19.88 3.59
N GLY A 231 10.10 -19.43 3.94
CA GLY A 231 8.92 -20.28 3.87
C GLY A 231 8.85 -21.23 5.05
N GLN A 232 9.45 -20.86 6.17
CA GLN A 232 9.50 -21.71 7.36
C GLN A 232 8.85 -21.10 8.60
N ARG A 233 8.31 -21.97 9.45
CA ARG A 233 7.78 -21.53 10.72
C ARG A 233 8.98 -21.13 11.65
N PRO A 234 8.73 -20.24 12.63
CA PRO A 234 9.82 -19.65 13.40
C PRO A 234 10.60 -20.71 14.20
N GLU A 235 9.90 -21.67 14.73
CA GLU A 235 10.59 -22.69 15.52
C GLU A 235 11.14 -23.83 14.67
N GLU A 236 11.04 -23.79 13.33
CA GLU A 236 11.45 -24.84 12.48
C GLU A 236 12.56 -24.46 11.54
N LEU A 237 13.25 -23.38 11.80
CA LEU A 237 14.26 -22.92 10.87
C LEU A 237 15.34 -23.99 10.68
N THR A 238 15.72 -24.25 9.42
CA THR A 238 16.59 -25.35 9.12
C THR A 238 18.07 -24.94 9.13
N VAL A 239 18.37 -23.65 9.31
CA VAL A 239 19.73 -23.12 9.24
C VAL A 239 20.10 -22.59 10.61
N ASP A 240 21.29 -22.97 11.09
CA ASP A 240 21.79 -22.54 12.40
C ASP A 240 22.24 -21.07 12.33
N LEU A 241 21.62 -20.24 13.14
CA LEU A 241 21.90 -18.78 13.16
C LEU A 241 22.63 -18.32 14.40
N SER A 242 23.28 -19.26 15.11
CA SER A 242 24.12 -18.86 16.23
CA SER A 242 24.17 -18.90 16.21
C SER A 242 25.18 -17.82 15.81
N PRO A 243 25.64 -16.99 16.76
CA PRO A 243 26.46 -15.86 16.34
C PRO A 243 27.75 -16.13 15.53
N ARG A 244 27.93 -15.27 14.54
CA ARG A 244 29.07 -15.25 13.66
CA ARG A 244 29.12 -15.22 13.73
C ARG A 244 29.35 -13.75 13.36
N ASP A 245 30.55 -13.47 12.94
CA ASP A 245 30.91 -12.11 12.55
C ASP A 245 30.06 -11.61 11.38
N LEU A 246 29.81 -10.30 11.36
CA LEU A 246 29.18 -9.74 10.17
C LEU A 246 30.07 -9.94 8.95
N PRO A 247 29.55 -10.42 7.82
CA PRO A 247 30.38 -10.65 6.64
C PRO A 247 30.93 -9.35 6.05
N ALA A 248 32.00 -9.46 5.29
CA ALA A 248 32.61 -8.29 4.65
C ALA A 248 33.13 -8.67 3.27
N ILE A 249 33.21 -7.68 2.38
CA ILE A 249 33.76 -7.84 1.00
C ILE A 249 34.88 -6.84 0.97
N THR A 250 36.10 -7.38 0.94
CA THR A 250 37.33 -6.55 0.87
C THR A 250 37.76 -6.17 -0.56
N LYS A 251 37.45 -7.00 -1.58
CA LYS A 251 37.77 -6.60 -2.97
C LYS A 251 36.81 -5.53 -3.51
N ALA A 252 37.25 -4.85 -4.56
CA ALA A 252 36.43 -3.79 -5.12
C ALA A 252 35.14 -4.48 -5.59
N LEU A 253 33.99 -3.84 -5.37
CA LEU A 253 32.71 -4.50 -5.74
C LEU A 253 32.54 -4.63 -7.22
N PRO A 254 32.34 -5.82 -7.73
CA PRO A 254 32.03 -6.05 -9.13
C PRO A 254 30.57 -5.63 -9.46
N ILE A 255 30.48 -4.45 -10.05
CA ILE A 255 29.18 -3.77 -10.37
C ILE A 255 28.90 -3.67 -11.84
N GLY A 256 29.84 -4.18 -12.67
CA GLY A 256 29.70 -4.04 -14.10
C GLY A 256 29.64 -2.61 -14.56
N ASP A 257 29.07 -2.43 -15.72
CA ASP A 257 28.88 -1.08 -16.25
C ASP A 257 27.52 -0.61 -15.72
N PRO A 258 27.53 0.44 -14.90
CA PRO A 258 26.23 0.96 -14.41
C PRO A 258 25.29 1.35 -15.49
N GLY A 259 25.82 1.73 -16.64
CA GLY A 259 25.03 1.90 -17.84
C GLY A 259 24.13 0.77 -18.26
N GLU A 260 24.36 -0.44 -17.81
CA GLU A 260 23.53 -1.59 -18.14
C GLU A 260 22.35 -1.78 -17.15
N LEU A 261 22.29 -1.00 -16.06
CA LEU A 261 21.33 -1.37 -15.03
C LEU A 261 19.89 -1.32 -15.47
N LEU A 262 19.52 -0.35 -16.34
CA LEU A 262 18.13 -0.30 -16.77
C LEU A 262 17.74 -1.49 -17.62
N ARG A 263 18.68 -2.13 -18.30
CA ARG A 263 18.39 -3.35 -19.01
C ARG A 263 18.40 -4.58 -18.10
N ARG A 264 19.04 -4.50 -16.95
CA ARG A 264 19.11 -5.66 -16.08
C ARG A 264 17.86 -5.73 -15.15
N ARG A 265 17.37 -4.56 -14.73
CA ARG A 265 16.33 -4.51 -13.73
C ARG A 265 14.99 -5.10 -14.25
N PRO A 266 14.44 -6.11 -13.55
CA PRO A 266 13.17 -6.66 -14.07
C PRO A 266 11.99 -5.70 -13.93
N ASP A 267 11.99 -4.85 -12.92
CA ASP A 267 10.89 -3.86 -12.80
C ASP A 267 10.79 -2.92 -14.00
N ILE A 268 11.93 -2.58 -14.58
CA ILE A 268 11.92 -1.74 -15.76
C ILE A 268 11.31 -2.52 -16.96
N ARG A 269 11.70 -3.81 -17.09
CA ARG A 269 11.17 -4.61 -18.16
CA ARG A 269 11.17 -4.72 -18.14
C ARG A 269 9.67 -4.86 -17.97
N ALA A 270 9.21 -5.04 -16.73
CA ALA A 270 7.81 -5.25 -16.47
C ALA A 270 6.99 -4.00 -16.94
N ALA A 271 7.47 -2.82 -16.56
CA ALA A 271 6.83 -1.56 -17.01
C ALA A 271 6.86 -1.38 -18.52
N GLU A 272 7.95 -1.79 -19.12
CA GLU A 272 8.12 -1.72 -20.59
C GLU A 272 7.16 -2.68 -21.28
N ARG A 273 6.97 -3.85 -20.71
CA ARG A 273 6.02 -4.84 -21.27
C ARG A 273 4.57 -4.39 -21.10
N ARG A 274 4.27 -3.69 -20.01
CA ARG A 274 2.93 -3.15 -19.83
CA ARG A 274 2.92 -3.16 -19.84
C ARG A 274 2.66 -2.00 -20.85
N LEU A 275 3.70 -1.22 -21.17
CA LEU A 275 3.60 -0.17 -22.19
C LEU A 275 3.39 -0.85 -23.57
N ALA A 276 4.13 -1.91 -23.88
CA ALA A 276 3.94 -2.68 -25.14
C ALA A 276 2.50 -3.19 -25.19
N ALA A 277 1.98 -3.75 -24.10
CA ALA A 277 0.64 -4.24 -24.10
C ALA A 277 -0.40 -3.14 -24.34
N SER A 278 -0.23 -2.01 -23.66
CA SER A 278 -1.17 -0.90 -23.82
CA SER A 278 -1.13 -0.84 -23.84
C SER A 278 -1.12 -0.32 -25.28
N THR A 279 0.03 -0.40 -25.91
CA THR A 279 0.22 0.04 -27.28
C THR A 279 -0.53 -0.91 -28.23
N ALA A 280 -0.41 -2.21 -28.03
CA ALA A 280 -1.25 -3.15 -28.72
C ALA A 280 -2.74 -2.89 -28.54
N ASP A 281 -3.15 -2.55 -27.33
CA ASP A 281 -4.54 -2.27 -27.09
C ASP A 281 -5.06 -1.07 -27.87
N VAL A 282 -4.20 -0.12 -28.21
CA VAL A 282 -4.64 1.00 -29.08
C VAL A 282 -5.01 0.41 -30.47
N GLY A 283 -4.23 -0.56 -30.92
CA GLY A 283 -4.52 -1.24 -32.17
C GLY A 283 -5.81 -1.98 -32.20
N VAL A 284 -6.10 -2.66 -31.11
CA VAL A 284 -7.39 -3.33 -30.91
C VAL A 284 -8.49 -2.30 -31.10
N ALA A 285 -8.36 -1.16 -30.46
CA ALA A 285 -9.44 -0.14 -30.58
C ALA A 285 -9.50 0.47 -31.99
N THR A 286 -8.32 0.56 -32.62
CA THR A 286 -8.21 1.14 -33.94
C THR A 286 -8.95 0.30 -34.98
N ALA A 287 -8.81 -1.03 -34.84
CA ALA A 287 -9.41 -2.02 -35.75
C ALA A 287 -10.93 -1.82 -35.82
N ASP A 288 -11.55 -1.33 -34.74
CA ASP A 288 -13.02 -1.11 -34.78
C ASP A 288 -13.51 0.07 -35.61
N LEU A 289 -12.62 0.87 -36.13
CA LEU A 289 -12.97 1.92 -37.06
C LEU A 289 -13.31 1.28 -38.42
N PHE A 290 -12.82 0.07 -38.64
CA PHE A 290 -12.91 -0.65 -39.90
C PHE A 290 -13.96 -1.73 -39.83
N PRO A 291 -14.40 -2.24 -41.00
CA PRO A 291 -15.35 -3.31 -40.96
C PRO A 291 -14.86 -4.61 -40.30
N ARG A 292 -15.81 -5.34 -39.71
CA ARG A 292 -15.61 -6.67 -39.15
C ARG A 292 -16.23 -7.73 -40.04
N VAL A 293 -15.40 -8.64 -40.55
CA VAL A 293 -15.81 -9.70 -41.47
C VAL A 293 -15.80 -11.03 -40.73
N SER A 294 -16.94 -11.71 -40.72
CA SER A 294 -17.17 -12.97 -40.01
CA SER A 294 -17.10 -13.02 -40.07
C SER A 294 -17.78 -14.04 -40.94
N LEU A 295 -17.60 -15.30 -40.56
CA LEU A 295 -18.15 -16.44 -41.29
C LEU A 295 -18.58 -17.50 -40.31
N SER A 296 -19.88 -17.72 -40.20
CA SER A 296 -20.38 -18.81 -39.38
C SER A 296 -20.69 -20.01 -40.30
N GLY A 297 -20.83 -21.16 -39.69
CA GLY A 297 -21.13 -22.37 -40.41
C GLY A 297 -21.85 -23.40 -39.58
N PHE A 298 -22.60 -24.25 -40.27
CA PHE A 298 -23.15 -25.45 -39.63
C PHE A 298 -22.89 -26.62 -40.56
N LEU A 299 -22.54 -27.77 -39.98
CA LEU A 299 -22.38 -29.02 -40.77
C LEU A 299 -22.87 -30.21 -39.93
N GLY A 300 -23.86 -30.92 -40.45
CA GLY A 300 -24.48 -31.95 -39.64
C GLY A 300 -25.78 -32.48 -40.26
N PHE A 301 -26.79 -32.58 -39.43
CA PHE A 301 -28.10 -33.13 -39.77
C PHE A 301 -29.20 -32.23 -39.26
N THR A 302 -30.26 -32.12 -40.05
CA THR A 302 -31.46 -31.37 -39.70
C THR A 302 -32.63 -32.19 -40.21
N ALA A 303 -33.57 -32.47 -39.34
CA ALA A 303 -34.78 -33.19 -39.77
C ALA A 303 -36.00 -32.80 -38.97
N GLY A 304 -37.18 -33.08 -39.56
CA GLY A 304 -38.44 -32.94 -38.86
C GLY A 304 -38.79 -34.13 -38.02
N ARG A 305 -38.13 -35.24 -38.22
CA ARG A 305 -38.41 -36.49 -37.48
C ARG A 305 -37.09 -36.98 -36.93
N GLY A 306 -37.04 -37.25 -35.64
CA GLY A 306 -35.83 -37.61 -34.92
C GLY A 306 -35.10 -38.85 -35.45
N SER A 307 -35.87 -39.79 -35.99
CA SER A 307 -35.31 -41.03 -36.53
C SER A 307 -34.48 -40.78 -37.78
N GLN A 308 -34.70 -39.67 -38.48
CA GLN A 308 -33.88 -39.38 -39.64
C GLN A 308 -32.50 -38.81 -39.30
N ILE A 309 -32.28 -38.36 -38.07
CA ILE A 309 -30.97 -37.78 -37.72
C ILE A 309 -29.84 -38.77 -37.89
N GLY A 310 -28.80 -38.34 -38.59
CA GLY A 310 -27.67 -39.19 -38.85
C GLY A 310 -27.76 -39.89 -40.20
N SER A 311 -28.89 -39.82 -40.87
CA SER A 311 -29.07 -40.45 -42.18
C SER A 311 -28.67 -39.50 -43.29
N SER A 312 -28.35 -40.05 -44.44
CA SER A 312 -27.95 -39.23 -45.55
C SER A 312 -29.10 -38.31 -46.01
N ALA A 313 -30.35 -38.73 -45.81
CA ALA A 313 -31.50 -37.91 -46.16
C ALA A 313 -31.62 -36.62 -45.29
N ALA A 314 -30.97 -36.64 -44.14
CA ALA A 314 -31.06 -35.52 -43.18
C ALA A 314 -29.77 -34.71 -43.12
N ARG A 315 -28.82 -34.92 -44.04
CA ARG A 315 -27.63 -34.11 -44.12
C ARG A 315 -27.97 -32.65 -44.35
N ALA A 316 -27.23 -31.75 -43.70
CA ALA A 316 -27.49 -30.34 -43.82
C ALA A 316 -26.21 -29.56 -43.61
N TRP A 317 -26.10 -28.44 -44.31
CA TRP A 317 -24.99 -27.51 -44.07
C TRP A 317 -25.50 -26.10 -44.32
N SER A 318 -24.82 -25.14 -43.74
CA SER A 318 -25.07 -23.76 -44.03
C SER A 318 -23.86 -22.91 -43.74
N VAL A 319 -23.73 -21.78 -44.43
CA VAL A 319 -22.69 -20.78 -44.15
C VAL A 319 -23.34 -19.43 -43.99
N GLY A 320 -22.74 -18.59 -43.16
CA GLY A 320 -23.27 -17.30 -42.80
C GLY A 320 -22.17 -16.25 -42.87
N PRO A 321 -21.80 -15.82 -44.09
CA PRO A 321 -20.86 -14.71 -44.20
C PRO A 321 -21.49 -13.37 -43.82
N SER A 322 -20.70 -12.51 -43.17
CA SER A 322 -21.19 -11.26 -42.69
C SER A 322 -20.10 -10.20 -42.71
N ILE A 323 -20.47 -8.96 -43.00
CA ILE A 323 -19.58 -7.82 -42.79
C ILE A 323 -20.37 -6.76 -42.11
N SER A 324 -19.86 -6.22 -41.01
CA SER A 324 -20.51 -5.14 -40.29
CA SER A 324 -20.53 -5.12 -40.32
C SER A 324 -19.59 -3.97 -40.15
N TRP A 325 -20.17 -2.78 -40.00
CA TRP A 325 -19.35 -1.58 -39.81
C TRP A 325 -20.10 -0.59 -38.94
N ALA A 326 -19.38 0.06 -38.02
CA ALA A 326 -20.05 0.96 -37.07
C ALA A 326 -20.82 2.07 -37.66
N ALA A 327 -20.45 2.56 -38.84
CA ALA A 327 -21.25 3.58 -39.53
C ALA A 327 -21.59 4.75 -38.63
N PHE A 328 -22.88 4.97 -38.28
CA PHE A 328 -23.22 6.16 -37.53
C PHE A 328 -22.76 6.05 -36.07
N ASP A 329 -22.39 4.87 -35.63
CA ASP A 329 -21.88 4.72 -34.27
C ASP A 329 -20.38 4.84 -34.24
N LEU A 330 -19.77 5.36 -35.29
CA LEU A 330 -18.31 5.62 -35.23
C LEU A 330 -17.94 6.55 -34.10
N GLY A 331 -18.85 7.41 -33.64
CA GLY A 331 -18.46 8.27 -32.52
C GLY A 331 -18.14 7.43 -31.27
N SER A 332 -18.86 6.34 -31.01
CA SER A 332 -18.59 5.48 -29.85
C SER A 332 -17.22 4.79 -30.02
N VAL A 333 -16.97 4.34 -31.25
CA VAL A 333 -15.67 3.70 -31.57
C VAL A 333 -14.54 4.69 -31.34
N ARG A 334 -14.71 5.94 -31.80
CA ARG A 334 -13.72 6.96 -31.56
C ARG A 334 -13.49 7.25 -30.06
N ALA A 335 -14.57 7.23 -29.30
CA ALA A 335 -14.46 7.43 -27.83
C ALA A 335 -13.59 6.34 -27.24
N ARG A 336 -13.86 5.09 -27.61
CA ARG A 336 -13.06 3.97 -27.12
C ARG A 336 -11.60 4.09 -27.53
N LEU A 337 -11.35 4.56 -28.74
CA LEU A 337 -10.00 4.79 -29.21
C LEU A 337 -9.27 5.90 -28.44
N ARG A 338 -9.97 6.99 -28.14
CA ARG A 338 -9.38 8.04 -27.25
C ARG A 338 -9.06 7.46 -25.91
N GLY A 339 -9.92 6.57 -25.39
CA GLY A 339 -9.66 5.96 -24.10
C GLY A 339 -8.41 5.10 -24.15
N ALA A 340 -8.29 4.29 -25.18
CA ALA A 340 -7.10 3.43 -25.34
C ALA A 340 -5.83 4.24 -25.48
N LYS A 341 -5.89 5.32 -26.23
CA LYS A 341 -4.71 6.21 -26.35
C LYS A 341 -4.33 6.81 -25.03
N ALA A 342 -5.33 7.25 -24.27
CA ALA A 342 -5.06 7.77 -22.91
C ALA A 342 -4.41 6.70 -22.01
N ASP A 343 -4.88 5.51 -22.12
CA ASP A 343 -4.33 4.41 -21.32
C ASP A 343 -2.84 4.16 -21.72
N ALA A 344 -2.54 4.29 -23.00
CA ALA A 344 -1.15 4.10 -23.46
C ALA A 344 -0.25 5.27 -23.07
N ASP A 345 -0.77 6.51 -23.04
CA ASP A 345 -0.06 7.67 -22.50
C ASP A 345 0.22 7.44 -21.00
N ALA A 346 -0.75 6.89 -20.25
CA ALA A 346 -0.52 6.57 -18.83
C ALA A 346 0.58 5.54 -18.66
N ALA A 347 0.56 4.53 -19.51
CA ALA A 347 1.59 3.45 -19.45
C ALA A 347 2.97 3.99 -19.77
N LEU A 348 3.09 4.93 -20.73
CA LEU A 348 4.37 5.48 -21.06
C LEU A 348 4.89 6.30 -19.88
N ALA A 349 4.04 7.16 -19.36
CA ALA A 349 4.43 7.98 -18.20
C ALA A 349 4.82 7.09 -16.97
N SER A 350 4.11 5.98 -16.77
CA SER A 350 4.42 5.00 -15.72
CA SER A 350 4.43 5.08 -15.70
C SER A 350 5.77 4.36 -15.92
N TYR A 351 6.05 3.97 -17.17
CA TYR A 351 7.36 3.42 -17.56
C TYR A 351 8.51 4.42 -17.26
N GLU A 352 8.31 5.67 -17.67
CA GLU A 352 9.32 6.69 -17.42
C GLU A 352 9.51 6.94 -15.95
N GLN A 353 8.44 6.97 -15.16
CA GLN A 353 8.54 7.07 -13.72
C GLN A 353 9.35 5.92 -13.16
N GLN A 354 9.13 4.72 -13.65
CA GLN A 354 9.88 3.58 -13.15
C GLN A 354 11.38 3.70 -13.45
N VAL A 355 11.72 4.23 -14.61
CA VAL A 355 13.12 4.53 -14.95
C VAL A 355 13.69 5.56 -13.95
N LEU A 356 12.96 6.66 -13.71
CA LEU A 356 13.47 7.69 -12.79
C LEU A 356 13.66 7.14 -11.38
N LEU A 357 12.72 6.31 -10.93
CA LEU A 357 12.84 5.70 -9.58
C LEU A 357 14.05 4.76 -9.52
N ALA A 358 14.33 4.05 -10.60
CA ALA A 358 15.50 3.20 -10.64
C ALA A 358 16.79 4.00 -10.61
N LEU A 359 16.84 5.10 -11.34
CA LEU A 359 18.01 5.93 -11.36
C LEU A 359 18.21 6.60 -9.98
N GLU A 360 17.11 6.99 -9.36
CA GLU A 360 17.18 7.52 -8.00
C GLU A 360 17.70 6.51 -7.01
N GLU A 361 17.17 5.31 -7.09
CA GLU A 361 17.63 4.23 -6.21
C GLU A 361 19.11 3.93 -6.35
N SER A 362 19.58 3.82 -7.58
CA SER A 362 21.00 3.55 -7.82
CA SER A 362 20.98 3.58 -7.82
C SER A 362 21.88 4.74 -7.43
N ALA A 363 21.45 5.99 -7.74
CA ALA A 363 22.20 7.14 -7.28
C ALA A 363 22.30 7.18 -5.77
N ASN A 364 21.16 6.92 -5.09
CA ASN A 364 21.21 6.89 -3.63
C ASN A 364 22.16 5.77 -3.10
N ALA A 365 22.11 4.59 -3.72
CA ALA A 365 22.90 3.47 -3.20
C ALA A 365 24.40 3.75 -3.34
N PHE A 366 24.81 4.37 -4.44
CA PHE A 366 26.24 4.66 -4.62
C PHE A 366 26.67 5.84 -3.75
N SER A 367 25.83 6.88 -3.64
CA SER A 367 26.17 8.00 -2.76
CA SER A 367 26.21 8.00 -2.78
C SER A 367 26.29 7.54 -1.30
N ASP A 368 25.29 6.79 -0.86
CA ASP A 368 25.33 6.26 0.52
C ASP A 368 26.57 5.41 0.80
N TYR A 369 26.92 4.49 -0.12
CA TYR A 369 28.01 3.56 0.16
C TYR A 369 29.32 4.29 0.32
N GLY A 370 29.61 5.28 -0.54
CA GLY A 370 30.84 6.00 -0.41
C GLY A 370 30.92 6.76 0.93
N LYS A 371 29.81 7.38 1.31
CA LYS A 371 29.76 8.14 2.55
C LYS A 371 29.80 7.20 3.76
N ARG A 372 29.22 6.02 3.65
CA ARG A 372 29.29 5.05 4.76
C ARG A 372 30.75 4.56 4.96
N GLN A 373 31.52 4.42 3.85
CA GLN A 373 32.91 4.11 4.03
C GLN A 373 33.65 5.21 4.75
N GLU A 374 33.38 6.44 4.34
CA GLU A 374 34.08 7.56 4.98
C GLU A 374 33.71 7.68 6.44
N ARG A 375 32.44 7.55 6.76
CA ARG A 375 32.00 7.62 8.11
C ARG A 375 32.67 6.57 9.01
N LEU A 376 32.82 5.37 8.48
CA LEU A 376 33.42 4.28 9.30
C LEU A 376 34.86 4.55 9.64
N VAL A 377 35.61 5.23 8.76
CA VAL A 377 36.99 5.63 9.06
C VAL A 377 37.05 6.46 10.35
N SER A 378 36.15 7.43 10.46
CA SER A 378 36.11 8.30 11.61
C SER A 378 35.68 7.54 12.84
N LEU A 379 34.70 6.67 12.70
CA LEU A 379 34.23 5.92 13.86
C LEU A 379 35.25 4.92 14.39
N VAL A 380 36.05 4.32 13.50
CA VAL A 380 37.14 3.45 13.94
C VAL A 380 38.10 4.27 14.80
N ARG A 381 38.44 5.49 14.36
CA ARG A 381 39.28 6.36 15.15
C ARG A 381 38.67 6.74 16.49
N GLN A 382 37.36 6.99 16.51
CA GLN A 382 36.68 7.32 17.73
C GLN A 382 36.80 6.16 18.74
N SER A 383 36.58 4.96 18.25
CA SER A 383 36.60 3.78 19.15
C SER A 383 37.98 3.56 19.72
N GLU A 384 38.98 3.67 18.84
CA GLU A 384 40.38 3.52 19.31
C GLU A 384 40.76 4.53 20.38
N ALA A 385 40.45 5.82 20.12
CA ALA A 385 40.79 6.86 21.09
C ALA A 385 39.99 6.67 22.38
N SER A 386 38.73 6.24 22.26
CA SER A 386 37.88 6.10 23.41
CA SER A 386 37.88 6.08 23.41
C SER A 386 38.32 4.94 24.33
N ARG A 387 38.79 3.85 23.75
CA ARG A 387 39.30 2.74 24.55
C ARG A 387 40.56 3.19 25.29
N ALA A 388 41.47 3.91 24.63
CA ALA A 388 42.70 4.35 25.29
C ALA A 388 42.37 5.35 26.42
N ALA A 389 41.45 6.31 26.15
CA ALA A 389 41.01 7.24 27.17
C ALA A 389 40.43 6.53 28.36
N ALA A 390 39.61 5.50 28.17
CA ALA A 390 38.96 4.82 29.32
C ALA A 390 40.01 4.11 30.18
N GLN A 391 41.00 3.51 29.54
CA GLN A 391 42.08 2.87 30.30
C GLN A 391 42.85 3.86 31.10
N GLN A 392 43.21 4.99 30.48
CA GLN A 392 43.93 6.04 31.19
C GLN A 392 43.12 6.69 32.31
N ALA A 393 41.82 6.86 32.05
CA ALA A 393 40.94 7.37 33.12
C ALA A 393 40.83 6.44 34.32
N ALA A 394 40.85 5.15 34.07
CA ALA A 394 40.78 4.17 35.17
C ALA A 394 42.10 4.20 36.01
N ILE A 395 43.22 4.38 35.33
CA ILE A 395 44.51 4.55 36.00
C ILE A 395 44.48 5.77 36.88
N ARG A 396 44.01 6.86 36.33
CA ARG A 396 43.93 8.10 37.06
C ARG A 396 42.94 8.02 38.21
N TYR A 397 41.80 7.41 38.01
CA TYR A 397 40.80 7.31 39.10
C TYR A 397 41.37 6.50 40.27
N ARG A 398 42.07 5.43 39.95
CA ARG A 398 42.73 4.66 41.00
C ARG A 398 43.78 5.49 41.74
N GLU A 399 44.50 6.36 41.04
CA GLU A 399 45.59 7.20 41.64
C GLU A 399 44.98 8.12 42.67
N GLY A 400 43.66 8.25 42.66
CA GLY A 400 42.85 8.35 43.91
C GLY A 400 42.42 9.76 44.33
N THR A 401 42.71 10.73 43.47
CA THR A 401 42.33 12.14 43.72
C THR A 401 41.48 12.78 42.57
N THR A 402 40.82 11.94 41.75
CA THR A 402 39.99 12.46 40.64
CA THR A 402 40.03 12.41 40.60
C THR A 402 38.56 11.97 40.78
N ASP A 403 37.63 12.80 40.33
CA ASP A 403 36.30 12.46 40.54
C ASP A 403 36.08 11.28 39.49
N PHE A 404 35.23 10.44 39.99
CA PHE A 404 34.73 9.33 39.24
C PHE A 404 34.16 9.82 37.91
N LEU A 405 33.64 11.04 37.81
CA LEU A 405 32.96 11.47 36.55
C LEU A 405 33.93 11.30 35.34
N VAL A 406 35.22 11.49 35.58
CA VAL A 406 36.21 11.34 34.48
C VAL A 406 36.21 9.90 33.96
N LEU A 407 36.13 8.94 34.84
CA LEU A 407 36.05 7.58 34.45
C LEU A 407 34.71 7.24 33.86
N LEU A 408 33.64 7.66 34.56
CA LEU A 408 32.31 7.44 34.02
C LEU A 408 32.09 7.96 32.62
N ASP A 409 32.48 9.18 32.37
CA ASP A 409 32.31 9.75 31.04
C ASP A 409 33.14 8.99 30.01
N ALA A 410 34.36 8.62 30.35
CA ALA A 410 35.18 7.82 29.41
C ALA A 410 34.59 6.45 29.12
N GLU A 411 33.97 5.79 30.14
CA GLU A 411 33.31 4.51 29.92
C GLU A 411 32.07 4.70 29.09
N ARG A 412 31.29 5.76 29.27
CA ARG A 412 30.13 6.01 28.41
C ARG A 412 30.55 6.20 26.97
N GLU A 413 31.64 6.99 26.80
CA GLU A 413 32.12 7.27 25.46
C GLU A 413 32.68 5.99 24.78
N GLN A 414 33.37 5.14 25.52
CA GLN A 414 33.82 3.88 24.94
C GLN A 414 32.64 3.05 24.39
N LEU A 415 31.61 2.88 25.22
CA LEU A 415 30.46 2.08 24.78
C LEU A 415 29.76 2.76 23.60
N SER A 416 29.55 4.07 23.68
CA SER A 416 28.88 4.83 22.64
C SER A 416 29.64 4.67 21.31
N ALA A 417 30.94 4.81 21.38
CA ALA A 417 31.79 4.72 20.17
C ALA A 417 31.77 3.31 19.58
N GLU A 418 31.96 2.31 20.43
CA GLU A 418 32.01 0.91 19.93
C GLU A 418 30.67 0.52 19.31
N ASP A 419 29.60 0.90 19.96
CA ASP A 419 28.29 0.64 19.45
C ASP A 419 28.01 1.37 18.13
N ALA A 420 28.39 2.63 18.02
CA ALA A 420 28.28 3.41 16.79
C ALA A 420 29.07 2.81 15.65
N GLN A 421 30.28 2.39 15.94
CA GLN A 421 31.10 1.71 14.93
C GLN A 421 30.41 0.42 14.41
N ALA A 422 29.87 -0.38 15.33
CA ALA A 422 29.16 -1.60 14.90
C ALA A 422 27.95 -1.26 14.03
N GLN A 423 27.15 -0.27 14.46
CA GLN A 423 26.02 0.15 13.65
C GLN A 423 26.48 0.60 12.23
N ALA A 424 27.57 1.35 12.15
CA ALA A 424 28.12 1.76 10.88
C ALA A 424 28.64 0.61 9.99
N GLU A 425 29.18 -0.43 10.64
CA GLU A 425 29.60 -1.64 9.93
C GLU A 425 28.36 -2.31 9.29
N VAL A 426 27.28 -2.37 10.07
CA VAL A 426 25.98 -2.91 9.57
C VAL A 426 25.48 -2.06 8.39
N GLU A 427 25.58 -0.75 8.54
CA GLU A 427 25.11 0.15 7.48
C GLU A 427 25.95 -0.04 6.22
N LEU A 428 27.25 -0.30 6.35
CA LEU A 428 28.05 -0.58 5.15
C LEU A 428 27.62 -1.85 4.42
N TYR A 429 27.37 -2.93 5.19
CA TYR A 429 26.86 -4.19 4.66
C TYR A 429 25.52 -3.95 3.98
N ARG A 430 24.60 -3.23 4.65
CA ARG A 430 23.29 -2.97 4.05
C ARG A 430 23.42 -2.11 2.79
N GLY A 431 24.45 -1.28 2.76
CA GLY A 431 24.73 -0.44 1.58
C GLY A 431 25.14 -1.28 0.36
N ILE A 432 25.92 -2.36 0.59
CA ILE A 432 26.26 -3.26 -0.49
C ILE A 432 24.96 -3.86 -1.04
N VAL A 433 24.10 -4.32 -0.15
CA VAL A 433 22.82 -4.90 -0.54
C VAL A 433 22.05 -3.91 -1.42
N ALA A 434 21.95 -2.66 -0.96
CA ALA A 434 21.22 -1.66 -1.70
C ALA A 434 21.78 -1.41 -3.09
N ILE A 435 23.11 -1.43 -3.23
CA ILE A 435 23.74 -1.31 -4.53
C ILE A 435 23.25 -2.44 -5.42
N TYR A 436 23.40 -3.70 -4.99
CA TYR A 436 23.06 -4.80 -5.91
C TYR A 436 21.59 -4.85 -6.20
N ARG A 437 20.75 -4.54 -5.22
CA ARG A 437 19.31 -4.45 -5.49
C ARG A 437 19.03 -3.41 -6.60
N SER A 438 19.69 -2.28 -6.48
CA SER A 438 19.46 -1.17 -7.43
C SER A 438 19.94 -1.46 -8.86
N LEU A 439 20.94 -2.33 -8.95
CA LEU A 439 21.50 -2.77 -10.24
C LEU A 439 20.71 -3.88 -10.87
N GLY A 440 19.70 -4.46 -10.20
CA GLY A 440 19.00 -5.59 -10.76
C GLY A 440 19.64 -6.93 -10.53
N GLY A 441 20.53 -7.04 -9.54
CA GLY A 441 21.15 -8.30 -9.20
C GLY A 441 20.19 -9.24 -8.53
N GLY A 442 20.40 -10.51 -8.70
CA GLY A 442 19.68 -11.51 -7.95
C GLY A 442 18.74 -12.40 -8.79
N TRP A 443 18.68 -12.20 -10.08
CA TRP A 443 17.91 -13.10 -10.92
C TRP A 443 18.88 -13.53 -12.02
N GLN A 444 18.66 -14.69 -12.60
CA GLN A 444 19.64 -15.22 -13.59
C GLN A 444 18.89 -15.40 -14.87
N PRO A 445 19.33 -14.70 -15.94
CA PRO A 445 18.65 -14.93 -17.22
C PRO A 445 18.86 -16.39 -17.70
N SER A 446 17.83 -17.01 -18.27
CA SER A 446 17.94 -18.37 -18.82
C SER A 446 18.86 -18.39 -20.06
N CYS B 1 -23.66 -35.29 -11.39
CA CYS B 1 -22.17 -35.37 -11.20
C CYS B 1 -21.98 -33.93 -10.57
N THR B 2 -21.03 -33.80 -9.66
CA THR B 2 -20.46 -32.48 -9.43
C THR B 2 -18.97 -32.64 -9.68
N VAL B 3 -18.46 -32.13 -10.82
CA VAL B 3 -17.09 -32.46 -11.22
C VAL B 3 -16.10 -31.49 -10.55
N GLY B 4 -14.82 -31.77 -10.75
CA GLY B 4 -13.74 -30.97 -10.20
C GLY B 4 -13.40 -31.47 -8.79
N PRO B 5 -12.33 -30.92 -8.23
CA PRO B 5 -11.84 -31.32 -6.91
C PRO B 5 -12.87 -30.98 -5.79
N ASP B 6 -13.01 -31.87 -4.82
CA ASP B 6 -13.78 -31.56 -3.64
C ASP B 6 -12.83 -30.91 -2.64
N TYR B 7 -13.11 -29.68 -2.28
CA TYR B 7 -12.26 -28.93 -1.38
C TYR B 7 -12.16 -29.59 0.02
N ARG B 8 -10.96 -29.62 0.56
CA ARG B 8 -10.66 -30.06 1.92
C ARG B 8 -9.70 -29.00 2.49
N THR B 9 -10.05 -28.48 3.64
CA THR B 9 -9.25 -27.42 4.30
CA THR B 9 -9.27 -27.46 4.33
C THR B 9 -7.82 -27.99 4.54
N PRO B 10 -6.80 -27.16 4.36
CA PRO B 10 -5.41 -27.66 4.53
C PRO B 10 -5.19 -28.19 5.93
N ASP B 11 -4.42 -29.24 6.03
CA ASP B 11 -4.15 -29.80 7.35
C ASP B 11 -2.97 -29.03 8.04
N THR B 12 -3.22 -27.78 8.39
CA THR B 12 -2.24 -26.87 8.94
C THR B 12 -1.95 -27.23 10.40
N ALA B 13 -0.66 -27.40 10.73
CA ALA B 13 -0.30 -27.74 12.12
C ALA B 13 -0.59 -26.57 13.04
N ALA B 14 -0.97 -26.92 14.27
CA ALA B 14 -1.14 -25.89 15.31
C ALA B 14 0.11 -25.08 15.57
N ALA B 15 -0.07 -23.80 15.90
CA ALA B 15 1.06 -22.94 16.31
C ALA B 15 1.75 -23.54 17.58
N LYS B 16 3.07 -23.51 17.61
CA LYS B 16 3.85 -23.95 18.79
C LYS B 16 4.66 -22.80 19.20
N ILE B 17 4.45 -22.30 20.45
CA ILE B 17 5.25 -21.24 20.97
C ILE B 17 5.74 -21.65 22.36
N ASP B 18 6.92 -22.26 22.38
CA ASP B 18 7.62 -22.76 23.59
C ASP B 18 7.65 -21.76 24.75
N ALA B 19 8.05 -20.51 24.44
CA ALA B 19 8.07 -19.43 25.46
C ALA B 19 6.75 -19.24 26.27
N THR B 20 5.64 -19.63 25.68
CA THR B 20 4.37 -19.47 26.37
C THR B 20 4.16 -20.38 27.61
N ALA B 21 4.96 -21.42 27.75
CA ALA B 21 4.92 -22.26 28.96
C ALA B 21 5.51 -21.55 30.23
N SER B 22 6.01 -20.33 30.11
CA SER B 22 6.67 -19.66 31.23
C SER B 22 5.74 -18.80 32.09
N LYS B 23 6.32 -18.36 33.19
CA LYS B 23 5.66 -17.59 34.21
C LYS B 23 4.96 -16.31 33.81
N PRO B 24 5.45 -15.57 32.78
CA PRO B 24 4.61 -14.40 32.43
C PRO B 24 3.18 -14.70 31.91
N TYR B 25 2.90 -15.96 31.57
CA TYR B 25 1.64 -16.30 30.79
C TYR B 25 0.81 -17.34 31.47
N ASP B 26 -0.49 -17.30 31.22
CA ASP B 26 -1.47 -18.26 31.70
C ASP B 26 -2.21 -18.90 30.53
N ARG B 27 -1.85 -20.13 30.22
CA ARG B 27 -2.44 -20.85 29.11
C ARG B 27 -3.79 -21.50 29.45
N SER B 28 -4.24 -21.38 30.70
CA SER B 28 -5.46 -22.07 31.16
C SER B 28 -6.74 -21.35 30.79
N ARG B 29 -6.64 -20.07 30.37
CA ARG B 29 -7.79 -19.28 29.98
CA ARG B 29 -7.82 -19.43 29.76
C ARG B 29 -7.40 -18.26 28.91
N PHE B 30 -8.34 -17.87 28.06
CA PHE B 30 -8.20 -16.82 27.10
C PHE B 30 -9.31 -15.79 27.34
N GLU B 31 -8.93 -14.53 27.32
CA GLU B 31 -9.88 -13.50 27.49
C GLU B 31 -10.15 -12.86 26.10
N SER B 32 -11.36 -13.02 25.56
CA SER B 32 -11.74 -12.45 24.26
CA SER B 32 -11.68 -12.46 24.25
CA SER B 32 -11.69 -12.45 24.25
C SER B 32 -11.70 -10.92 24.29
N LEU B 33 -12.27 -10.37 25.37
CA LEU B 33 -12.31 -8.90 25.55
C LEU B 33 -11.07 -8.51 26.31
N TRP B 34 -9.92 -8.65 25.61
CA TRP B 34 -8.64 -8.71 26.30
C TRP B 34 -8.22 -7.38 26.96
N TRP B 35 -8.69 -6.27 26.38
CA TRP B 35 -8.37 -4.94 26.81
C TRP B 35 -8.97 -4.62 28.17
N LYS B 36 -10.03 -5.35 28.53
CA LYS B 36 -10.70 -5.16 29.85
CA LYS B 36 -10.66 -5.07 29.84
C LYS B 36 -9.80 -5.50 31.00
N GLN B 37 -8.78 -6.31 30.76
CA GLN B 37 -7.93 -6.63 31.86
CA GLN B 37 -7.80 -6.65 31.76
C GLN B 37 -6.99 -5.51 32.31
N PHE B 38 -6.94 -4.42 31.54
CA PHE B 38 -6.27 -3.27 32.01
C PHE B 38 -7.06 -2.51 33.14
N ASP B 39 -8.33 -2.91 33.36
CA ASP B 39 -9.20 -2.31 34.39
C ASP B 39 -9.24 -0.77 34.24
N ASP B 40 -9.40 -0.30 33.01
CA ASP B 40 -9.41 1.12 32.69
C ASP B 40 -10.72 1.46 32.02
N PRO B 41 -11.68 2.03 32.79
CA PRO B 41 -13.00 2.29 32.23
C PRO B 41 -12.98 3.23 31.05
N THR B 42 -12.05 4.20 31.03
CA THR B 42 -11.97 5.14 29.89
C THR B 42 -11.62 4.36 28.59
N LEU B 43 -10.63 3.50 28.71
CA LEU B 43 -10.26 2.61 27.57
C LEU B 43 -11.46 1.79 27.11
N ASN B 44 -12.17 1.16 28.09
CA ASN B 44 -13.33 0.39 27.70
C ASN B 44 -14.37 1.17 26.98
N GLN B 45 -14.61 2.39 27.40
CA GLN B 45 -15.52 3.24 26.72
C GLN B 45 -15.09 3.57 25.28
N LEU B 46 -13.83 3.90 25.11
CA LEU B 46 -13.30 4.16 23.80
C LEU B 46 -13.51 2.98 22.86
N VAL B 47 -13.24 1.75 23.33
CA VAL B 47 -13.37 0.62 22.42
C VAL B 47 -14.83 0.47 21.99
N GLU B 48 -15.73 0.56 22.98
CA GLU B 48 -17.19 0.39 22.67
C GLU B 48 -17.69 1.48 21.74
N GLN B 49 -17.22 2.69 21.93
CA GLN B 49 -17.59 3.80 21.04
CA GLN B 49 -17.65 3.75 21.03
C GLN B 49 -17.10 3.55 19.63
N SER B 50 -15.87 3.05 19.51
CA SER B 50 -15.26 2.80 18.21
CA SER B 50 -15.26 2.82 18.20
C SER B 50 -16.04 1.79 17.40
N LEU B 51 -16.55 0.78 18.10
CA LEU B 51 -17.30 -0.22 17.40
C LEU B 51 -18.57 0.25 16.81
N SER B 52 -19.19 1.33 17.29
CA SER B 52 -20.34 1.84 16.61
C SER B 52 -20.03 3.01 15.72
N GLY B 53 -18.90 3.68 15.92
CA GLY B 53 -18.61 4.85 15.13
C GLY B 53 -17.65 4.68 13.96
N ASN B 54 -16.71 3.77 14.06
CA ASN B 54 -15.59 3.70 13.11
C ASN B 54 -16.08 3.51 11.67
N ARG B 55 -15.65 4.36 10.77
CA ARG B 55 -16.19 4.33 9.39
C ARG B 55 -15.63 3.20 8.55
N ASP B 56 -14.42 2.78 8.79
CA ASP B 56 -13.81 1.65 8.07
C ASP B 56 -14.56 0.36 8.40
N LEU B 57 -15.04 0.20 9.62
CA LEU B 57 -15.84 -0.95 9.93
CA LEU B 57 -15.93 -0.95 9.93
C LEU B 57 -17.19 -0.90 9.09
N ARG B 58 -17.76 0.30 8.92
CA ARG B 58 -18.96 0.46 8.09
C ARG B 58 -18.68 0.08 6.65
N VAL B 59 -17.52 0.44 6.11
CA VAL B 59 -17.15 0.03 4.74
C VAL B 59 -17.12 -1.50 4.68
N ALA B 60 -16.45 -2.10 5.64
CA ALA B 60 -16.32 -3.58 5.63
C ALA B 60 -17.67 -4.29 5.72
N PHE B 61 -18.63 -3.77 6.54
CA PHE B 61 -19.94 -4.36 6.56
CA PHE B 61 -19.97 -4.32 6.60
C PHE B 61 -20.64 -4.19 5.24
N ALA B 62 -20.50 -3.02 4.61
CA ALA B 62 -21.05 -2.82 3.27
C ALA B 62 -20.48 -3.81 2.26
N ARG B 63 -19.19 -4.07 2.31
CA ARG B 63 -18.56 -5.05 1.44
C ARG B 63 -19.08 -6.44 1.64
N LEU B 64 -19.40 -6.77 2.89
CA LEU B 64 -20.06 -8.06 3.22
C LEU B 64 -21.45 -8.11 2.58
N ARG B 65 -22.22 -7.03 2.73
CA ARG B 65 -23.54 -6.98 2.04
CA ARG B 65 -23.54 -7.03 2.06
C ARG B 65 -23.40 -7.17 0.53
N ALA B 66 -22.39 -6.55 -0.07
CA ALA B 66 -22.15 -6.71 -1.46
C ALA B 66 -21.84 -8.14 -1.85
N ALA B 67 -21.03 -8.81 -1.07
CA ALA B 67 -20.74 -10.24 -1.35
C ALA B 67 -21.94 -11.15 -1.24
N ARG B 68 -22.79 -10.89 -0.22
CA ARG B 68 -24.05 -11.63 -0.12
C ARG B 68 -25.00 -11.43 -1.32
N ALA B 69 -25.05 -10.21 -1.83
CA ALA B 69 -25.86 -9.90 -2.98
C ALA B 69 -25.38 -10.64 -4.22
N LEU B 70 -24.06 -10.73 -4.41
CA LEU B 70 -23.55 -11.47 -5.52
CA LEU B 70 -23.51 -11.57 -5.54
C LEU B 70 -23.92 -12.98 -5.40
N ARG B 71 -23.81 -13.50 -4.19
CA ARG B 71 -24.21 -14.88 -3.94
C ARG B 71 -25.65 -15.16 -4.25
N ASP B 72 -26.52 -14.22 -3.85
CA ASP B 72 -27.93 -14.42 -4.05
C ASP B 72 -28.30 -14.46 -5.50
N ASP B 73 -27.61 -13.70 -6.33
CA ASP B 73 -27.87 -13.73 -7.79
C ASP B 73 -27.45 -15.09 -8.38
N VAL B 74 -26.29 -15.59 -8.01
CA VAL B 74 -25.75 -16.89 -8.46
C VAL B 74 -26.68 -17.99 -8.06
N ALA B 75 -27.20 -17.91 -6.85
CA ALA B 75 -28.04 -18.99 -6.33
C ALA B 75 -29.29 -19.28 -7.18
N ASN B 76 -29.85 -18.25 -7.79
CA ASN B 76 -31.01 -18.41 -8.63
C ASN B 76 -30.76 -19.14 -9.93
N ASP B 77 -29.50 -19.27 -10.34
CA ASP B 77 -29.18 -20.03 -11.56
C ASP B 77 -29.44 -21.54 -11.47
N ARG B 78 -29.70 -22.03 -10.28
CA ARG B 78 -30.01 -23.42 -10.05
C ARG B 78 -31.41 -23.78 -10.58
N PHE B 79 -32.20 -22.78 -10.89
CA PHE B 79 -33.59 -22.99 -11.31
C PHE B 79 -33.83 -22.32 -12.65
N PRO B 80 -34.96 -22.73 -13.32
CA PRO B 80 -35.41 -22.01 -14.50
C PRO B 80 -35.56 -20.53 -14.25
N VAL B 81 -35.06 -19.75 -15.17
CA VAL B 81 -35.18 -18.32 -15.17
C VAL B 81 -36.30 -17.92 -16.14
N VAL B 82 -37.36 -17.42 -15.57
CA VAL B 82 -38.62 -17.20 -16.37
C VAL B 82 -38.94 -15.70 -16.40
N THR B 83 -38.73 -15.11 -17.54
CA THR B 83 -38.96 -13.70 -17.81
C THR B 83 -40.17 -13.51 -18.74
N SER B 84 -40.57 -12.28 -18.95
CA SER B 84 -41.74 -11.97 -19.74
C SER B 84 -41.38 -11.05 -20.90
N ARG B 85 -42.13 -11.17 -22.02
CA ARG B 85 -41.86 -10.40 -23.19
C ARG B 85 -43.13 -10.12 -24.01
N ALA B 86 -43.19 -8.94 -24.57
CA ALA B 86 -44.14 -8.63 -25.62
C ALA B 86 -43.34 -8.01 -26.76
N SER B 87 -43.39 -8.63 -27.95
CA SER B 87 -42.57 -8.19 -29.00
C SER B 87 -43.25 -8.31 -30.37
N ALA B 88 -42.76 -7.55 -31.32
CA ALA B 88 -43.23 -7.73 -32.71
C ALA B 88 -42.13 -7.53 -33.69
N ASP B 89 -42.33 -8.05 -34.91
CA ASP B 89 -41.45 -7.81 -36.02
C ASP B 89 -42.42 -7.38 -37.16
N ILE B 90 -42.31 -6.15 -37.62
CA ILE B 90 -43.26 -5.60 -38.58
C ILE B 90 -42.44 -5.07 -39.71
N GLY B 91 -42.79 -5.38 -40.97
CA GLY B 91 -41.96 -4.84 -42.01
C GLY B 91 -42.59 -5.03 -43.39
N LYS B 92 -41.90 -4.53 -44.38
CA LYS B 92 -42.31 -4.78 -45.77
C LYS B 92 -41.05 -5.12 -46.54
N GLY B 93 -41.12 -6.23 -47.23
CA GLY B 93 -40.00 -6.75 -48.03
C GLY B 93 -40.27 -8.15 -48.55
N GLN B 94 -39.34 -8.66 -49.36
CA GLN B 94 -39.30 -10.03 -49.73
C GLN B 94 -39.21 -10.95 -48.51
N GLN B 95 -39.68 -12.17 -48.70
CA GLN B 95 -39.65 -13.21 -47.67
C GLN B 95 -38.91 -14.41 -48.26
N PRO B 96 -37.56 -14.46 -48.09
CA PRO B 96 -36.75 -15.47 -48.75
C PRO B 96 -37.25 -16.92 -48.48
N GLY B 97 -37.35 -17.71 -49.53
CA GLY B 97 -37.89 -19.06 -49.42
C GLY B 97 -39.40 -19.14 -49.62
N VAL B 98 -40.13 -18.02 -49.40
CA VAL B 98 -41.59 -17.95 -49.44
C VAL B 98 -42.08 -17.17 -50.65
N THR B 99 -41.67 -15.90 -50.79
CA THR B 99 -42.00 -15.11 -51.99
C THR B 99 -40.94 -14.09 -52.33
N GLU B 100 -40.81 -13.75 -53.61
CA GLU B 100 -40.00 -12.61 -54.06
C GLU B 100 -40.77 -11.31 -54.26
N ASP B 101 -42.09 -11.33 -54.08
CA ASP B 101 -42.83 -10.09 -54.00
C ASP B 101 -42.45 -9.42 -52.66
N ARG B 102 -42.46 -8.10 -52.64
CA ARG B 102 -42.30 -7.36 -51.39
C ARG B 102 -43.66 -7.33 -50.75
N VAL B 103 -43.81 -8.02 -49.64
CA VAL B 103 -45.09 -8.10 -48.95
C VAL B 103 -45.01 -7.59 -47.50
N ASN B 104 -46.15 -7.17 -46.96
CA ASN B 104 -46.22 -6.80 -45.56
C ASN B 104 -46.12 -8.04 -44.76
N SER B 105 -45.39 -7.98 -43.67
CA SER B 105 -45.26 -9.12 -42.78
C SER B 105 -45.29 -8.58 -41.34
N GLU B 106 -45.90 -9.36 -40.48
CA GLU B 106 -46.04 -9.05 -39.08
C GLU B 106 -45.92 -10.35 -38.31
N ARG B 107 -45.32 -10.28 -37.11
CA ARG B 107 -45.38 -11.35 -36.17
C ARG B 107 -45.43 -10.68 -34.80
N TYR B 108 -46.27 -11.19 -33.93
CA TYR B 108 -46.46 -10.71 -32.58
C TYR B 108 -46.32 -11.84 -31.59
N ASP B 109 -45.60 -11.61 -30.49
CA ASP B 109 -45.48 -12.65 -29.46
C ASP B 109 -45.68 -12.00 -28.12
N LEU B 110 -46.30 -12.71 -27.20
CA LEU B 110 -46.59 -12.19 -25.88
C LEU B 110 -46.57 -13.37 -24.95
N GLY B 111 -45.65 -13.39 -23.99
CA GLY B 111 -45.60 -14.56 -23.11
C GLY B 111 -44.38 -14.61 -22.20
N LEU B 112 -44.18 -15.81 -21.66
CA LEU B 112 -43.11 -16.09 -20.73
C LEU B 112 -42.04 -16.83 -21.50
N ASP B 113 -40.79 -16.41 -21.27
CA ASP B 113 -39.61 -17.05 -21.87
C ASP B 113 -38.89 -17.73 -20.71
N SER B 114 -38.53 -19.00 -20.88
CA SER B 114 -37.86 -19.73 -19.85
C SER B 114 -36.49 -20.16 -20.34
N ALA B 115 -35.47 -20.04 -19.46
CA ALA B 115 -34.11 -20.52 -19.80
C ALA B 115 -33.60 -21.33 -18.59
N TRP B 116 -33.09 -22.52 -18.82
CA TRP B 116 -32.72 -23.43 -17.73
C TRP B 116 -31.47 -24.24 -18.08
N GLU B 117 -30.40 -24.08 -17.29
CA GLU B 117 -29.17 -24.92 -17.48
CA GLU B 117 -29.21 -24.88 -17.38
C GLU B 117 -29.40 -26.08 -16.49
N LEU B 118 -29.56 -27.29 -17.03
CA LEU B 118 -29.77 -28.46 -16.20
C LEU B 118 -28.38 -28.69 -15.59
N ASP B 119 -28.28 -28.88 -14.33
CA ASP B 119 -26.83 -28.63 -13.83
C ASP B 119 -26.20 -30.01 -13.72
N LEU B 120 -26.09 -30.72 -14.86
CA LEU B 120 -25.82 -32.14 -14.82
C LEU B 120 -24.42 -32.45 -14.30
N PHE B 121 -23.46 -31.55 -14.48
CA PHE B 121 -22.10 -31.73 -14.02
C PHE B 121 -21.68 -30.80 -12.91
N GLY B 122 -22.66 -30.06 -12.39
CA GLY B 122 -22.42 -29.31 -11.18
C GLY B 122 -21.68 -28.01 -11.41
N ARG B 123 -21.66 -27.47 -12.62
CA ARG B 123 -21.06 -26.18 -12.85
CA ARG B 123 -21.03 -26.14 -12.87
C ARG B 123 -21.66 -25.06 -11.95
N ILE B 124 -22.99 -25.04 -11.88
CA ILE B 124 -23.68 -24.00 -11.10
C ILE B 124 -23.55 -24.25 -9.60
N ARG B 125 -23.62 -25.51 -9.22
CA ARG B 125 -23.33 -25.86 -7.84
C ARG B 125 -21.93 -25.39 -7.39
N ARG B 126 -20.94 -25.53 -8.25
CA ARG B 126 -19.58 -25.06 -7.92
C ARG B 126 -19.53 -23.55 -7.89
N GLN B 127 -20.26 -22.89 -8.78
CA GLN B 127 -20.31 -21.41 -8.73
C GLN B 127 -20.91 -20.90 -7.42
N LEU B 128 -21.94 -21.60 -6.94
CA LEU B 128 -22.58 -21.22 -5.68
C LEU B 128 -21.64 -21.52 -4.50
N GLU B 129 -20.95 -22.67 -4.52
CA GLU B 129 -19.94 -23.00 -3.50
C GLU B 129 -18.89 -21.91 -3.42
N SER B 130 -18.45 -21.41 -4.58
CA SER B 130 -17.47 -20.33 -4.58
C SER B 130 -18.07 -19.05 -3.95
N SER B 131 -19.26 -18.63 -4.40
CA SER B 131 -19.89 -17.40 -3.90
CA SER B 131 -19.83 -17.39 -3.91
C SER B 131 -20.15 -17.48 -2.41
N ASP B 132 -20.57 -18.65 -1.94
CA ASP B 132 -20.85 -18.82 -0.51
C ASP B 132 -19.53 -18.63 0.25
N ALA B 133 -18.43 -19.22 -0.25
CA ALA B 133 -17.13 -19.11 0.45
C ALA B 133 -16.64 -17.66 0.46
N LEU B 134 -16.85 -16.92 -0.62
CA LEU B 134 -16.49 -15.51 -0.68
C LEU B 134 -17.30 -14.64 0.26
N SER B 135 -18.56 -14.98 0.46
CA SER B 135 -19.34 -14.30 1.51
C SER B 135 -18.73 -14.53 2.91
N GLU B 136 -18.36 -15.79 3.19
CA GLU B 136 -17.65 -16.09 4.45
C GLU B 136 -16.32 -15.35 4.52
N ALA B 137 -15.59 -15.23 3.39
CA ALA B 137 -14.36 -14.47 3.40
C ALA B 137 -14.60 -13.00 3.82
N ALA B 138 -15.68 -12.44 3.27
CA ALA B 138 -16.03 -11.05 3.60
C ALA B 138 -16.41 -10.89 5.10
N GLU B 139 -17.06 -11.89 5.69
CA GLU B 139 -17.37 -11.86 7.14
C GLU B 139 -16.04 -11.85 7.89
N ALA B 140 -15.11 -12.71 7.50
CA ALA B 140 -13.79 -12.77 8.16
C ALA B 140 -12.98 -11.51 7.95
N ASP B 141 -13.05 -10.89 6.78
CA ASP B 141 -12.40 -9.61 6.59
C ASP B 141 -12.90 -8.56 7.60
N LEU B 142 -14.19 -8.50 7.81
CA LEU B 142 -14.78 -7.57 8.82
CA LEU B 142 -14.80 -7.59 8.80
C LEU B 142 -14.26 -7.87 10.23
N GLN B 143 -14.19 -9.14 10.57
CA GLN B 143 -13.67 -9.53 11.88
C GLN B 143 -12.22 -9.17 12.04
N GLN B 144 -11.41 -9.36 10.95
CA GLN B 144 -10.02 -8.95 11.02
C GLN B 144 -9.89 -7.46 11.19
N LEU B 145 -10.77 -6.68 10.53
CA LEU B 145 -10.74 -5.24 10.74
C LEU B 145 -11.09 -4.90 12.19
N GLN B 146 -12.02 -5.62 12.80
CA GLN B 146 -12.31 -5.37 14.24
C GLN B 146 -11.06 -5.61 15.09
N VAL B 147 -10.39 -6.74 14.87
CA VAL B 147 -9.14 -7.01 15.59
C VAL B 147 -8.10 -5.89 15.41
N SER B 148 -7.91 -5.45 14.17
CA SER B 148 -6.92 -4.45 13.86
C SER B 148 -7.26 -3.11 14.44
N LEU B 149 -8.54 -2.75 14.35
CA LEU B 149 -9.05 -1.47 14.91
C LEU B 149 -8.89 -1.43 16.42
N ILE B 150 -9.28 -2.51 17.10
CA ILE B 150 -9.19 -2.50 18.54
C ILE B 150 -7.75 -2.40 18.95
N ALA B 151 -6.86 -3.15 18.31
CA ALA B 151 -5.43 -3.09 18.70
C ALA B 151 -4.88 -1.69 18.42
N GLU B 152 -5.22 -1.13 17.28
CA GLU B 152 -4.73 0.20 16.97
C GLU B 152 -5.19 1.30 17.97
N LEU B 153 -6.47 1.17 18.38
CA LEU B 153 -7.04 2.10 19.35
C LEU B 153 -6.40 1.97 20.74
N VAL B 154 -6.27 0.71 21.20
CA VAL B 154 -5.69 0.46 22.49
C VAL B 154 -4.22 0.92 22.52
N ASP B 155 -3.52 0.70 21.42
CA ASP B 155 -2.19 1.16 21.27
C ASP B 155 -2.06 2.66 21.27
N ALA B 156 -2.95 3.34 20.58
CA ALA B 156 -2.96 4.80 20.54
C ALA B 156 -3.23 5.40 21.93
N TYR B 157 -4.15 4.78 22.68
CA TYR B 157 -4.39 5.25 24.04
C TYR B 157 -3.13 5.12 24.91
N GLY B 158 -2.38 4.03 24.77
CA GLY B 158 -1.09 3.85 25.43
C GLY B 158 -0.09 4.92 25.05
N GLN B 159 -0.04 5.24 23.78
CA GLN B 159 0.84 6.31 23.30
C GLN B 159 0.44 7.69 23.90
N LEU B 160 -0.87 7.94 24.03
CA LEU B 160 -1.34 9.14 24.66
C LEU B 160 -0.89 9.19 26.14
N ARG B 161 -1.15 8.09 26.89
CA ARG B 161 -0.76 8.04 28.27
C ARG B 161 0.74 8.16 28.43
N GLY B 162 1.50 7.61 27.48
CA GLY B 162 2.93 7.74 27.49
C GLY B 162 3.46 9.13 27.30
N ALA B 163 2.83 9.86 26.43
CA ALA B 163 3.21 11.26 26.21
C ALA B 163 2.87 12.10 27.46
N GLN B 164 1.76 11.80 28.11
CA GLN B 164 1.41 12.48 29.34
C GLN B 164 2.35 12.15 30.49
N LEU B 165 2.70 10.90 30.61
CA LEU B 165 3.65 10.44 31.60
C LEU B 165 5.02 11.13 31.40
N ARG B 166 5.50 11.13 30.15
CA ARG B 166 6.81 11.74 29.80
C ARG B 166 6.77 13.24 30.05
N GLU B 167 5.63 13.88 29.82
CA GLU B 167 5.50 15.31 30.11
C GLU B 167 5.63 15.57 31.61
N LYS B 168 4.97 14.73 32.41
CA LYS B 168 5.01 14.87 33.86
C LYS B 168 6.45 14.73 34.35
N ILE B 169 7.18 13.75 33.77
CA ILE B 169 8.59 13.52 34.10
C ILE B 169 9.42 14.75 33.68
N ALA B 170 9.19 15.25 32.50
CA ALA B 170 9.96 16.40 32.00
C ALA B 170 9.76 17.60 32.95
N LEU B 171 8.50 17.80 33.33
CA LEU B 171 8.20 18.94 34.23
C LEU B 171 8.76 18.79 35.62
N SER B 172 8.80 17.57 36.16
CA SER B 172 9.41 17.32 37.48
CA SER B 172 9.41 17.37 37.49
C SER B 172 10.94 17.58 37.46
N ASN B 173 11.56 17.10 36.40
CA ASN B 173 12.97 17.40 36.17
C ASN B 173 13.23 18.89 35.91
N LEU B 174 12.32 19.54 35.22
CA LEU B 174 12.48 20.95 34.95
C LEU B 174 12.47 21.74 36.26
N GLU B 175 11.61 21.32 37.18
CA GLU B 175 11.57 21.98 38.51
CA GLU B 175 11.58 22.02 38.47
C GLU B 175 12.87 21.80 39.26
N ASN B 176 13.43 20.60 39.26
CA ASN B 176 14.68 20.35 39.90
C ASN B 176 15.77 21.25 39.28
N GLN B 177 15.77 21.33 37.95
CA GLN B 177 16.79 22.11 37.21
C GLN B 177 16.61 23.60 37.38
N LYS B 178 15.39 24.07 37.64
CA LYS B 178 15.17 25.49 37.94
C LYS B 178 15.78 25.81 39.29
N GLU B 179 15.58 24.90 40.25
CA GLU B 179 16.14 25.08 41.61
C GLU B 179 17.66 25.11 41.52
N SER B 180 18.26 24.19 40.78
CA SER B 180 19.69 24.17 40.59
CA SER B 180 19.73 24.22 40.67
C SER B 180 20.19 25.46 39.93
N ARG B 181 19.47 25.89 38.90
CA ARG B 181 19.88 27.12 38.21
C ARG B 181 19.80 28.35 39.16
N GLN B 182 18.73 28.42 39.96
CA GLN B 182 18.67 29.43 41.00
C GLN B 182 19.83 29.40 41.96
N LEU B 183 20.24 28.21 42.41
CA LEU B 183 21.37 28.06 43.29
C LEU B 183 22.67 28.56 42.61
N THR B 184 22.85 28.25 41.32
CA THR B 184 24.07 28.73 40.67
C THR B 184 24.13 30.26 40.68
N GLU B 185 22.98 30.88 40.47
CA GLU B 185 22.85 32.34 40.41
CA GLU B 185 22.93 32.34 40.42
C GLU B 185 23.17 32.91 41.84
N GLN B 186 22.56 32.28 42.83
CA GLN B 186 22.85 32.70 44.23
C GLN B 186 24.32 32.58 44.64
N LEU B 187 24.97 31.47 44.30
CA LEU B 187 26.36 31.28 44.61
C LEU B 187 27.23 32.28 43.85
N ARG B 188 26.87 32.54 42.58
CA ARG B 188 27.59 33.51 41.75
C ARG B 188 27.52 34.88 42.46
N ASP B 189 26.32 35.30 42.83
CA ASP B 189 26.07 36.60 43.54
C ASP B 189 26.73 36.65 44.89
N ALA B 190 26.85 35.52 45.59
CA ALA B 190 27.67 35.50 46.81
C ALA B 190 29.19 35.65 46.58
N GLY B 191 29.70 35.58 45.33
CA GLY B 191 31.12 35.57 45.09
C GLY B 191 31.75 34.23 45.37
N VAL B 192 30.96 33.16 45.58
CA VAL B 192 31.53 31.80 45.74
C VAL B 192 31.05 30.92 44.61
N GLY B 193 30.65 31.52 43.51
CA GLY B 193 30.21 30.72 42.35
C GLY B 193 30.93 31.06 41.08
N ALA B 194 30.27 30.89 39.95
CA ALA B 194 30.92 31.11 38.68
C ALA B 194 29.88 31.35 37.61
N GLU B 195 30.15 32.30 36.74
CA GLU B 195 29.26 32.54 35.60
C GLU B 195 29.15 31.25 34.72
N LEU B 196 30.24 30.50 34.63
CA LEU B 196 30.19 29.25 33.87
C LEU B 196 29.14 28.26 34.38
N ASP B 197 28.91 28.24 35.68
CA ASP B 197 27.93 27.35 36.31
C ASP B 197 26.53 27.83 35.84
N VAL B 198 26.29 29.16 35.92
CA VAL B 198 25.02 29.68 35.58
C VAL B 198 24.69 29.39 34.12
N LEU B 199 25.66 29.63 33.25
CA LEU B 199 25.42 29.41 31.80
C LEU B 199 25.09 27.94 31.50
N ARG B 200 25.81 27.03 32.13
CA ARG B 200 25.54 25.62 31.92
C ARG B 200 24.19 25.20 32.44
N ALA B 201 23.83 25.77 33.60
CA ALA B 201 22.49 25.53 34.13
C ALA B 201 21.38 26.11 33.26
N ASP B 202 21.59 27.29 32.70
CA ASP B 202 20.62 27.89 31.77
C ASP B 202 20.43 27.00 30.54
N ALA B 203 21.53 26.46 30.00
CA ALA B 203 21.42 25.63 28.79
C ALA B 203 20.65 24.35 29.06
N ARG B 204 20.90 23.74 30.21
CA ARG B 204 20.24 22.48 30.63
C ARG B 204 18.74 22.70 30.85
N LEU B 205 18.39 23.81 31.49
CA LEU B 205 16.98 24.16 31.75
C LEU B 205 16.24 24.36 30.43
N ALA B 206 16.87 25.05 29.52
CA ALA B 206 16.22 25.28 28.22
C ALA B 206 16.06 23.99 27.46
N ALA B 207 17.07 23.12 27.49
CA ALA B 207 16.96 21.82 26.84
C ALA B 207 15.72 21.06 27.40
N THR B 208 15.54 21.04 28.72
CA THR B 208 14.43 20.31 29.29
C THR B 208 13.12 20.98 28.95
N ALA B 209 13.13 22.30 28.96
CA ALA B 209 11.94 23.07 28.64
C ALA B 209 11.51 22.77 27.18
N ALA B 210 12.47 22.64 26.28
CA ALA B 210 12.16 22.35 24.86
C ALA B 210 11.48 21.01 24.66
N SER B 211 11.71 20.04 25.56
CA SER B 211 11.08 18.72 25.44
C SER B 211 9.56 18.77 25.68
N VAL B 212 9.07 19.73 26.45
CA VAL B 212 7.69 19.74 26.91
C VAL B 212 6.71 19.96 25.72
N PRO B 213 6.93 20.98 24.89
CA PRO B 213 5.98 21.11 23.75
C PRO B 213 6.05 19.98 22.76
N GLN B 214 7.19 19.30 22.62
CA GLN B 214 7.27 18.16 21.74
C GLN B 214 6.39 17.02 22.25
N LEU B 215 6.46 16.78 23.57
CA LEU B 215 5.62 15.74 24.21
C LEU B 215 4.13 16.13 24.15
N GLN B 216 3.83 17.42 24.31
CA GLN B 216 2.46 17.86 24.22
C GLN B 216 1.94 17.64 22.79
N ALA B 217 2.78 17.95 21.79
CA ALA B 217 2.40 17.69 20.38
C ALA B 217 2.12 16.23 20.13
N GLU B 218 2.90 15.32 20.70
N GLU B 218 2.91 15.34 20.71
CA GLU B 218 2.67 13.89 20.52
CA GLU B 218 2.73 13.93 20.56
C GLU B 218 1.34 13.51 21.14
C GLU B 218 1.38 13.51 21.15
N ALA B 219 1.05 14.04 22.30
CA ALA B 219 -0.22 13.72 22.96
C ALA B 219 -1.41 14.19 22.10
N GLU B 220 -1.31 15.39 21.51
CA GLU B 220 -2.38 15.88 20.68
C GLU B 220 -2.56 15.03 19.42
N ARG B 221 -1.46 14.58 18.80
CA ARG B 221 -1.53 13.66 17.64
CA ARG B 221 -1.62 13.69 17.65
C ARG B 221 -2.29 12.37 18.05
N ALA B 222 -1.97 11.86 19.23
CA ALA B 222 -2.61 10.64 19.70
C ALA B 222 -4.14 10.88 19.92
N ARG B 223 -4.49 12.00 20.53
CA ARG B 223 -5.88 12.37 20.71
CA ARG B 223 -5.90 12.39 20.72
C ARG B 223 -6.63 12.44 19.39
N HIS B 224 -5.99 13.05 18.37
CA HIS B 224 -6.67 13.18 17.07
C HIS B 224 -6.81 11.81 16.39
N ARG B 225 -5.81 10.94 16.56
CA ARG B 225 -5.90 9.57 16.01
C ARG B 225 -7.05 8.81 16.67
N ILE B 226 -7.14 8.92 18.00
CA ILE B 226 -8.26 8.31 18.75
C ILE B 226 -9.62 8.83 18.25
N ALA B 227 -9.75 10.16 18.00
CA ALA B 227 -11.00 10.67 17.51
C ALA B 227 -11.41 10.02 16.16
N THR B 228 -10.49 9.99 15.20
CA THR B 228 -10.83 9.36 13.91
C THR B 228 -11.19 7.86 14.09
N LEU B 229 -10.43 7.16 14.91
CA LEU B 229 -10.74 5.76 15.21
C LEU B 229 -12.14 5.53 15.77
N LEU B 230 -12.65 6.51 16.54
CA LEU B 230 -13.99 6.50 17.09
C LEU B 230 -15.02 6.97 16.10
N GLY B 231 -14.62 7.49 14.93
CA GLY B 231 -15.58 8.01 13.98
C GLY B 231 -16.00 9.43 14.37
N GLN B 232 -15.13 10.17 15.08
CA GLN B 232 -15.45 11.49 15.60
C GLN B 232 -14.50 12.55 15.06
N ARG B 233 -15.02 13.77 14.92
CA ARG B 233 -14.15 14.90 14.56
C ARG B 233 -13.28 15.30 15.75
N PRO B 234 -12.13 15.92 15.51
CA PRO B 234 -11.15 16.18 16.57
C PRO B 234 -11.77 17.02 17.71
N GLU B 235 -12.61 17.97 17.39
CA GLU B 235 -13.16 18.88 18.43
C GLU B 235 -14.46 18.34 19.07
N GLU B 236 -14.93 17.17 18.63
CA GLU B 236 -16.18 16.61 19.11
CA GLU B 236 -16.19 16.61 19.12
C GLU B 236 -15.98 15.38 19.96
N LEU B 237 -14.73 15.04 20.21
CA LEU B 237 -14.44 13.96 21.07
C LEU B 237 -14.94 14.41 22.49
N THR B 238 -15.79 13.59 23.02
CA THR B 238 -16.49 13.78 24.30
C THR B 238 -15.58 13.36 25.47
N VAL B 239 -15.04 12.15 25.29
CA VAL B 239 -14.40 11.35 26.35
C VAL B 239 -13.36 12.21 27.03
N ASP B 240 -13.33 12.21 28.34
CA ASP B 240 -12.37 12.96 29.09
C ASP B 240 -11.03 12.15 29.01
N LEU B 241 -10.06 12.76 28.32
CA LEU B 241 -8.71 12.13 28.13
C LEU B 241 -7.64 12.88 28.92
N SER B 242 -8.08 13.62 29.96
CA SER B 242 -7.14 14.25 30.87
C SER B 242 -6.23 13.18 31.53
N PRO B 243 -5.03 13.56 31.96
CA PRO B 243 -4.05 12.52 32.29
C PRO B 243 -4.46 11.54 33.38
N ARG B 244 -4.11 10.30 33.13
CA ARG B 244 -4.24 9.22 34.06
C ARG B 244 -3.01 8.33 33.88
N ASP B 245 -2.75 7.51 34.85
CA ASP B 245 -1.60 6.61 34.74
C ASP B 245 -1.76 5.60 33.57
N LEU B 246 -0.61 5.26 32.99
CA LEU B 246 -0.60 4.19 31.98
C LEU B 246 -1.13 2.88 32.59
N PRO B 247 -2.10 2.19 32.00
CA PRO B 247 -2.65 0.97 32.56
C PRO B 247 -1.66 -0.18 32.61
N ALA B 248 -1.93 -1.10 33.50
CA ALA B 248 -1.01 -2.25 33.67
C ALA B 248 -1.82 -3.50 33.95
N ILE B 249 -1.21 -4.64 33.70
CA ILE B 249 -1.76 -5.95 33.97
C ILE B 249 -0.70 -6.67 34.79
N THR B 250 -1.03 -6.87 36.07
CA THR B 250 -0.10 -7.54 36.98
C THR B 250 -0.37 -9.08 37.13
N LYS B 251 -1.51 -9.63 36.68
CA LYS B 251 -1.64 -11.11 36.67
C LYS B 251 -1.01 -11.74 35.43
N ALA B 252 -0.69 -13.02 35.48
CA ALA B 252 -0.11 -13.69 34.28
C ALA B 252 -1.11 -13.51 33.14
N LEU B 253 -0.62 -13.26 31.92
CA LEU B 253 -1.56 -12.94 30.82
C LEU B 253 -2.32 -14.20 30.38
N PRO B 254 -3.64 -14.13 30.37
CA PRO B 254 -4.45 -15.21 29.85
C PRO B 254 -4.44 -15.26 28.32
N ILE B 255 -3.65 -16.16 27.81
CA ILE B 255 -3.41 -16.27 26.38
C ILE B 255 -3.99 -17.53 25.76
N GLY B 256 -4.61 -18.38 26.58
CA GLY B 256 -5.12 -19.64 26.10
C GLY B 256 -4.07 -20.55 25.57
N ASP B 257 -4.50 -21.52 24.78
CA ASP B 257 -3.57 -22.41 24.14
C ASP B 257 -3.08 -21.72 22.85
N PRO B 258 -1.78 -21.48 22.70
CA PRO B 258 -1.33 -20.91 21.41
C PRO B 258 -1.64 -21.77 20.21
N GLY B 259 -1.85 -23.07 20.40
CA GLY B 259 -2.38 -23.89 19.33
C GLY B 259 -3.76 -23.58 18.74
N GLU B 260 -4.50 -22.66 19.36
CA GLU B 260 -5.80 -22.25 18.91
C GLU B 260 -5.60 -20.98 18.04
N LEU B 261 -4.40 -20.39 17.99
CA LEU B 261 -4.38 -19.04 17.41
C LEU B 261 -4.70 -19.01 15.91
N LEU B 262 -4.21 -20.01 15.16
CA LEU B 262 -4.51 -20.00 13.72
C LEU B 262 -5.96 -20.15 13.39
N ARG B 263 -6.70 -20.89 14.20
CA ARG B 263 -8.13 -21.03 14.05
C ARG B 263 -8.88 -19.77 14.51
N ARG B 264 -8.34 -19.08 15.49
CA ARG B 264 -9.05 -17.89 15.96
C ARG B 264 -8.89 -16.67 15.04
N ARG B 265 -7.72 -16.53 14.43
CA ARG B 265 -7.46 -15.30 13.64
C ARG B 265 -8.34 -15.18 12.44
N PRO B 266 -9.02 -14.02 12.29
CA PRO B 266 -9.90 -13.94 11.14
C PRO B 266 -9.15 -13.81 9.83
N ASP B 267 -7.94 -13.24 9.84
CA ASP B 267 -7.21 -13.14 8.56
C ASP B 267 -6.89 -14.52 7.95
N ILE B 268 -6.59 -15.51 8.83
CA ILE B 268 -6.29 -16.85 8.36
C ILE B 268 -7.58 -17.45 7.82
N ARG B 269 -8.72 -17.28 8.52
CA ARG B 269 -10.00 -17.77 7.97
CA ARG B 269 -10.00 -17.75 8.01
C ARG B 269 -10.37 -17.12 6.66
N ALA B 270 -10.13 -15.83 6.53
CA ALA B 270 -10.39 -15.14 5.24
C ALA B 270 -9.62 -15.73 4.10
N ALA B 271 -8.35 -15.99 4.35
CA ALA B 271 -7.49 -16.59 3.29
C ALA B 271 -7.89 -18.02 3.00
N GLU B 272 -8.30 -18.77 4.03
CA GLU B 272 -8.77 -20.15 3.82
C GLU B 272 -10.04 -20.20 3.03
N ARG B 273 -10.96 -19.25 3.28
CA ARG B 273 -12.23 -19.16 2.52
C ARG B 273 -11.97 -18.75 1.05
N ARG B 274 -11.02 -17.87 0.81
CA ARG B 274 -10.62 -17.53 -0.56
C ARG B 274 -10.02 -18.76 -1.28
N LEU B 275 -9.22 -19.53 -0.55
CA LEU B 275 -8.72 -20.82 -1.09
C LEU B 275 -9.91 -21.75 -1.46
N ALA B 276 -10.86 -21.91 -0.55
CA ALA B 276 -12.04 -22.71 -0.82
C ALA B 276 -12.76 -22.23 -2.06
N ALA B 277 -12.88 -20.91 -2.21
CA ALA B 277 -13.61 -20.34 -3.33
C ALA B 277 -12.84 -20.65 -4.62
N SER B 278 -11.53 -20.45 -4.56
CA SER B 278 -10.67 -20.76 -5.75
CA SER B 278 -10.74 -20.70 -5.78
C SER B 278 -10.72 -22.23 -6.16
N THR B 279 -10.88 -23.11 -5.20
CA THR B 279 -10.91 -24.54 -5.51
C THR B 279 -12.23 -24.87 -6.18
N ALA B 280 -13.33 -24.29 -5.68
CA ALA B 280 -14.65 -24.43 -6.30
C ALA B 280 -14.55 -23.90 -7.72
N ASP B 281 -13.83 -22.77 -7.95
CA ASP B 281 -13.70 -22.19 -9.29
C ASP B 281 -12.98 -23.17 -10.26
N VAL B 282 -12.10 -24.04 -9.74
CA VAL B 282 -11.52 -25.09 -10.59
C VAL B 282 -12.62 -26.04 -11.11
N GLY B 283 -13.57 -26.40 -10.25
CA GLY B 283 -14.70 -27.21 -10.60
C GLY B 283 -15.55 -26.54 -11.65
N VAL B 284 -15.78 -25.24 -11.52
CA VAL B 284 -16.56 -24.53 -12.54
C VAL B 284 -15.88 -24.71 -13.92
N ALA B 285 -14.59 -24.50 -13.96
CA ALA B 285 -13.87 -24.61 -15.22
C ALA B 285 -13.80 -26.08 -15.72
N THR B 286 -13.75 -27.05 -14.80
CA THR B 286 -13.71 -28.44 -15.13
C THR B 286 -15.04 -28.85 -15.79
N ALA B 287 -16.12 -28.25 -15.34
CA ALA B 287 -17.42 -28.59 -15.95
C ALA B 287 -17.48 -28.30 -17.41
N ASP B 288 -16.73 -27.30 -17.90
CA ASP B 288 -16.76 -26.97 -19.30
C ASP B 288 -16.09 -27.96 -20.27
N LEU B 289 -15.40 -28.95 -19.70
CA LEU B 289 -14.91 -30.12 -20.43
C LEU B 289 -16.05 -31.01 -20.88
N PHE B 290 -17.20 -30.91 -20.18
CA PHE B 290 -18.34 -31.77 -20.39
C PHE B 290 -19.44 -31.04 -21.10
N PRO B 291 -20.39 -31.77 -21.67
CA PRO B 291 -21.50 -31.07 -22.37
C PRO B 291 -22.35 -30.23 -21.43
N ARG B 292 -22.93 -29.17 -21.97
CA ARG B 292 -23.84 -28.30 -21.25
C ARG B 292 -25.24 -28.60 -21.76
N VAL B 293 -26.12 -29.03 -20.87
CA VAL B 293 -27.46 -29.44 -21.26
C VAL B 293 -28.40 -28.35 -20.78
N SER B 294 -29.26 -27.84 -21.66
CA SER B 294 -30.16 -26.77 -21.33
C SER B 294 -31.53 -26.96 -21.92
N LEU B 295 -32.50 -26.21 -21.42
CA LEU B 295 -33.89 -26.38 -21.88
C LEU B 295 -34.50 -25.00 -21.84
N SER B 296 -34.85 -24.48 -23.02
CA SER B 296 -35.57 -23.22 -23.18
C SER B 296 -37.05 -23.49 -23.37
N GLY B 297 -37.86 -22.48 -23.14
CA GLY B 297 -39.30 -22.62 -23.36
C GLY B 297 -39.94 -21.30 -23.63
N PHE B 298 -41.14 -21.37 -24.23
CA PHE B 298 -41.99 -20.23 -24.41
C PHE B 298 -43.43 -20.68 -24.09
N LEU B 299 -44.14 -19.84 -23.38
CA LEU B 299 -45.55 -20.04 -23.11
C LEU B 299 -46.28 -18.73 -23.25
N GLY B 300 -47.26 -18.70 -24.15
CA GLY B 300 -48.12 -17.53 -24.26
C GLY B 300 -48.89 -17.49 -25.55
N PHE B 301 -48.64 -16.46 -26.35
CA PHE B 301 -49.35 -16.22 -27.62
C PHE B 301 -48.39 -15.84 -28.73
N THR B 302 -48.72 -16.25 -29.97
CA THR B 302 -47.94 -15.96 -31.17
C THR B 302 -48.98 -15.81 -32.30
N ALA B 303 -48.87 -14.74 -33.06
CA ALA B 303 -49.78 -14.53 -34.18
C ALA B 303 -49.18 -13.69 -35.28
N GLY B 304 -49.82 -13.79 -36.47
CA GLY B 304 -49.43 -13.00 -37.63
C GLY B 304 -50.18 -11.69 -37.64
N ARG B 305 -51.18 -11.57 -36.83
CA ARG B 305 -51.98 -10.39 -36.83
C ARG B 305 -52.09 -9.98 -35.39
N GLY B 306 -51.72 -8.73 -35.14
CA GLY B 306 -51.60 -8.25 -33.78
C GLY B 306 -52.92 -8.26 -33.12
N SER B 307 -53.97 -8.16 -33.91
CA SER B 307 -55.30 -8.23 -33.35
C SER B 307 -55.68 -9.54 -32.66
N GLN B 308 -55.01 -10.66 -32.97
CA GLN B 308 -55.34 -11.97 -32.35
C GLN B 308 -54.56 -12.31 -31.03
N ILE B 309 -53.62 -11.47 -30.62
CA ILE B 309 -52.89 -11.76 -29.37
CA ILE B 309 -52.88 -11.69 -29.34
C ILE B 309 -53.83 -11.80 -28.15
N GLY B 310 -53.65 -12.79 -27.30
CA GLY B 310 -54.50 -12.98 -26.15
C GLY B 310 -55.70 -13.87 -26.46
N SER B 311 -55.99 -14.17 -27.75
CA SER B 311 -57.10 -15.08 -28.08
C SER B 311 -56.66 -16.54 -28.03
N SER B 312 -57.62 -17.45 -27.81
CA SER B 312 -57.31 -18.86 -27.78
C SER B 312 -56.71 -19.33 -29.12
N ALA B 313 -57.10 -18.68 -30.21
CA ALA B 313 -56.56 -19.02 -31.53
C ALA B 313 -55.06 -18.63 -31.72
N ALA B 314 -54.54 -17.79 -30.81
CA ALA B 314 -53.13 -17.40 -30.82
C ALA B 314 -52.29 -18.06 -29.70
N ARG B 315 -52.86 -18.96 -28.94
CA ARG B 315 -52.10 -19.67 -27.92
C ARG B 315 -50.89 -20.39 -28.55
N ALA B 316 -49.77 -20.42 -27.83
CA ALA B 316 -48.59 -21.03 -28.35
C ALA B 316 -47.69 -21.49 -27.21
N TRP B 317 -46.98 -22.59 -27.46
CA TRP B 317 -45.92 -23.04 -26.53
C TRP B 317 -44.81 -23.65 -27.36
N SER B 318 -43.62 -23.65 -26.81
CA SER B 318 -42.52 -24.41 -27.39
C SER B 318 -41.48 -24.73 -26.33
N VAL B 319 -40.75 -25.80 -26.57
CA VAL B 319 -39.64 -26.24 -25.69
C VAL B 319 -38.42 -26.46 -26.61
N GLY B 320 -37.23 -26.09 -26.10
CA GLY B 320 -36.01 -26.17 -26.82
C GLY B 320 -34.88 -26.86 -26.05
N PRO B 321 -34.91 -28.21 -25.95
CA PRO B 321 -33.81 -28.91 -25.32
C PRO B 321 -32.58 -28.80 -26.19
N SER B 322 -31.42 -28.65 -25.56
CA SER B 322 -30.22 -28.37 -26.29
C SER B 322 -29.01 -28.95 -25.51
N ILE B 323 -28.10 -29.58 -26.22
CA ILE B 323 -26.85 -30.03 -25.67
C ILE B 323 -25.72 -29.45 -26.50
N SER B 324 -24.75 -28.78 -25.86
CA SER B 324 -23.61 -28.34 -26.58
C SER B 324 -22.35 -28.82 -25.91
N TRP B 325 -21.30 -28.96 -26.71
CA TRP B 325 -20.01 -29.43 -26.24
C TRP B 325 -18.91 -28.76 -27.01
N ALA B 326 -17.83 -28.35 -26.31
CA ALA B 326 -16.82 -27.59 -26.93
C ALA B 326 -16.14 -28.22 -28.14
N ALA B 327 -16.01 -29.54 -28.18
CA ALA B 327 -15.49 -30.26 -29.34
C ALA B 327 -14.15 -29.72 -29.73
N PHE B 328 -14.01 -29.10 -30.89
CA PHE B 328 -12.70 -28.69 -31.34
C PHE B 328 -12.20 -27.45 -30.60
N ASP B 329 -13.06 -26.80 -29.83
CA ASP B 329 -12.60 -25.68 -29.02
C ASP B 329 -12.26 -26.13 -27.61
N LEU B 330 -12.10 -27.45 -27.40
CA LEU B 330 -11.60 -27.87 -26.11
C LEU B 330 -10.27 -27.30 -25.70
N GLY B 331 -9.43 -26.92 -26.65
CA GLY B 331 -8.18 -26.27 -26.34
C GLY B 331 -8.39 -24.97 -25.51
N SER B 332 -9.42 -24.22 -25.84
CA SER B 332 -9.72 -23.00 -25.10
C SER B 332 -10.23 -23.33 -23.67
N VAL B 333 -11.10 -24.33 -23.62
CA VAL B 333 -11.59 -24.85 -22.34
C VAL B 333 -10.39 -25.25 -21.45
N ARG B 334 -9.47 -25.99 -22.04
CA ARG B 334 -8.31 -26.43 -21.29
C ARG B 334 -7.43 -25.29 -20.83
N ALA B 335 -7.28 -24.25 -21.66
CA ALA B 335 -6.57 -23.05 -21.26
C ALA B 335 -7.24 -22.38 -20.02
N ARG B 336 -8.58 -22.26 -20.04
CA ARG B 336 -9.31 -21.69 -18.90
CA ARG B 336 -9.25 -21.64 -18.90
C ARG B 336 -9.14 -22.52 -17.66
N LEU B 337 -9.08 -23.83 -17.83
CA LEU B 337 -8.88 -24.73 -16.68
C LEU B 337 -7.48 -24.63 -16.12
N ARG B 338 -6.47 -24.51 -16.98
CA ARG B 338 -5.11 -24.19 -16.50
C ARG B 338 -5.05 -22.89 -15.73
N GLY B 339 -5.78 -21.87 -16.21
CA GLY B 339 -5.88 -20.58 -15.57
C GLY B 339 -6.49 -20.75 -14.16
N ALA B 340 -7.58 -21.49 -14.09
CA ALA B 340 -8.25 -21.70 -12.79
C ALA B 340 -7.38 -22.48 -11.81
N LYS B 341 -6.64 -23.46 -12.30
CA LYS B 341 -5.74 -24.22 -11.45
C LYS B 341 -4.60 -23.34 -10.93
N ALA B 342 -4.07 -22.48 -11.80
CA ALA B 342 -3.02 -21.57 -11.38
C ALA B 342 -3.57 -20.60 -10.29
N ASP B 343 -4.77 -20.09 -10.47
CA ASP B 343 -5.36 -19.22 -9.47
C ASP B 343 -5.54 -19.93 -8.13
N ALA B 344 -5.92 -21.18 -8.19
CA ALA B 344 -6.06 -21.94 -6.95
C ALA B 344 -4.71 -22.19 -6.28
N ASP B 345 -3.68 -22.44 -7.09
CA ASP B 345 -2.37 -22.54 -6.56
C ASP B 345 -1.91 -21.22 -5.94
N ALA B 346 -2.23 -20.08 -6.56
CA ALA B 346 -1.87 -18.81 -5.96
C ALA B 346 -2.59 -18.65 -4.62
N ALA B 347 -3.86 -19.03 -4.56
CA ALA B 347 -4.64 -18.88 -3.30
C ALA B 347 -4.07 -19.78 -2.23
N LEU B 348 -3.55 -20.96 -2.58
CA LEU B 348 -2.98 -21.85 -1.59
C LEU B 348 -1.70 -21.27 -1.02
N ALA B 349 -0.77 -20.86 -1.91
CA ALA B 349 0.46 -20.20 -1.46
C ALA B 349 0.19 -18.95 -0.64
N SER B 350 -0.87 -18.18 -1.02
CA SER B 350 -1.24 -17.00 -0.27
CA SER B 350 -1.22 -17.02 -0.29
C SER B 350 -1.69 -17.35 1.12
N TYR B 351 -2.52 -18.40 1.21
CA TYR B 351 -2.99 -18.91 2.48
C TYR B 351 -1.78 -19.28 3.36
N GLU B 352 -0.85 -20.05 2.80
CA GLU B 352 0.31 -20.48 3.57
C GLU B 352 1.17 -19.33 4.03
N GLN B 353 1.32 -18.30 3.18
CA GLN B 353 2.03 -17.09 3.55
C GLN B 353 1.34 -16.39 4.69
N GLN B 354 0.01 -16.29 4.69
CA GLN B 354 -0.68 -15.71 5.83
C GLN B 354 -0.47 -16.44 7.15
N VAL B 355 -0.43 -17.76 7.05
CA VAL B 355 -0.09 -18.58 8.19
C VAL B 355 1.29 -18.22 8.73
N LEU B 356 2.28 -18.19 7.85
CA LEU B 356 3.65 -17.86 8.28
C LEU B 356 3.74 -16.50 8.90
N LEU B 357 3.06 -15.53 8.27
CA LEU B 357 3.07 -14.17 8.80
C LEU B 357 2.44 -14.12 10.18
N ALA B 358 1.38 -14.89 10.38
CA ALA B 358 0.75 -14.95 11.70
C ALA B 358 1.67 -15.56 12.74
N LEU B 359 2.43 -16.60 12.32
CA LEU B 359 3.36 -17.23 13.26
C LEU B 359 4.55 -16.31 13.56
N GLU B 360 4.99 -15.53 12.58
CA GLU B 360 6.02 -14.53 12.78
C GLU B 360 5.54 -13.44 13.79
N GLU B 361 4.33 -12.97 13.58
CA GLU B 361 3.77 -11.91 14.44
C GLU B 361 3.65 -12.41 15.87
N SER B 362 3.13 -13.64 16.03
CA SER B 362 3.03 -14.13 17.39
C SER B 362 4.38 -14.41 18.03
N ALA B 363 5.32 -14.99 17.27
CA ALA B 363 6.65 -15.20 17.79
C ALA B 363 7.31 -13.91 18.22
N ASN B 364 7.17 -12.88 17.39
CA ASN B 364 7.72 -11.56 17.72
C ASN B 364 7.07 -11.00 18.98
N ALA B 365 5.76 -11.13 19.07
CA ALA B 365 5.06 -10.52 20.24
C ALA B 365 5.48 -11.17 21.55
N PHE B 366 5.62 -12.47 21.56
CA PHE B 366 6.04 -13.12 22.78
C PHE B 366 7.50 -12.90 23.11
N SER B 367 8.35 -12.92 22.11
CA SER B 367 9.78 -12.65 22.39
CA SER B 367 9.77 -12.63 22.36
C SER B 367 9.96 -11.23 22.90
N ASP B 368 9.30 -10.27 22.26
CA ASP B 368 9.36 -8.86 22.64
C ASP B 368 8.86 -8.67 24.08
N TYR B 369 7.75 -9.28 24.44
CA TYR B 369 7.19 -9.04 25.75
C TYR B 369 8.10 -9.52 26.88
N GLY B 370 8.66 -10.75 26.80
CA GLY B 370 9.58 -11.18 27.83
C GLY B 370 10.81 -10.31 27.93
N LYS B 371 11.35 -9.87 26.79
CA LYS B 371 12.56 -8.97 26.85
C LYS B 371 12.22 -7.57 27.39
N ARG B 372 11.02 -7.10 27.11
CA ARG B 372 10.55 -5.79 27.62
C ARG B 372 10.42 -5.87 29.13
N GLN B 373 9.93 -7.00 29.66
CA GLN B 373 9.89 -7.11 31.11
C GLN B 373 11.28 -7.11 31.71
N GLU B 374 12.22 -7.83 31.09
CA GLU B 374 13.57 -7.88 31.59
C GLU B 374 14.24 -6.52 31.56
N ARG B 375 14.08 -5.85 30.45
CA ARG B 375 14.60 -4.50 30.28
C ARG B 375 14.14 -3.52 31.37
N LEU B 376 12.86 -3.57 31.64
CA LEU B 376 12.30 -2.66 32.66
C LEU B 376 12.91 -2.88 34.02
N VAL B 377 13.20 -4.13 34.42
CA VAL B 377 13.88 -4.34 35.68
C VAL B 377 15.17 -3.51 35.80
N SER B 378 15.98 -3.52 34.74
CA SER B 378 17.23 -2.76 34.80
C SER B 378 16.98 -1.27 34.76
N LEU B 379 15.97 -0.82 34.03
CA LEU B 379 15.73 0.60 33.95
C LEU B 379 15.17 1.14 35.28
N VAL B 380 14.37 0.35 35.99
CA VAL B 380 13.90 0.74 37.32
C VAL B 380 15.11 0.96 38.25
N ARG B 381 16.08 0.05 38.17
CA ARG B 381 17.29 0.20 38.95
C ARG B 381 18.10 1.47 38.55
N GLN B 382 18.18 1.72 37.24
CA GLN B 382 18.88 2.89 36.74
C GLN B 382 18.24 4.14 37.33
N SER B 383 16.90 4.22 37.28
CA SER B 383 16.18 5.43 37.74
C SER B 383 16.43 5.68 39.24
N GLU B 384 16.33 4.60 40.02
CA GLU B 384 16.58 4.70 41.47
C GLU B 384 17.96 5.20 41.80
N ALA B 385 18.97 4.61 41.16
CA ALA B 385 20.35 4.99 41.44
C ALA B 385 20.58 6.42 40.94
N SER B 386 19.96 6.78 39.82
CA SER B 386 20.16 8.11 39.24
CA SER B 386 20.19 8.11 39.25
C SER B 386 19.53 9.18 40.12
N ARG B 387 18.38 8.91 40.68
CA ARG B 387 17.77 9.90 41.62
C ARG B 387 18.64 10.09 42.91
N ALA B 388 19.15 8.97 43.43
CA ALA B 388 19.97 9.04 44.63
C ALA B 388 21.23 9.87 44.29
N ALA B 389 21.86 9.62 43.15
CA ALA B 389 23.01 10.37 42.74
C ALA B 389 22.76 11.87 42.57
N ALA B 390 21.65 12.22 41.93
CA ALA B 390 21.35 13.64 41.71
C ALA B 390 21.11 14.34 43.09
N GLN B 391 20.41 13.63 43.99
CA GLN B 391 20.13 14.21 45.34
C GLN B 391 21.45 14.47 46.09
N GLN B 392 22.33 13.50 46.06
CA GLN B 392 23.59 13.63 46.76
C GLN B 392 24.49 14.62 46.07
N ALA B 393 24.52 14.67 44.72
CA ALA B 393 25.26 15.72 44.07
C ALA B 393 24.79 17.09 44.40
N ALA B 394 23.49 17.30 44.57
CA ALA B 394 22.95 18.61 44.80
C ALA B 394 23.37 19.07 46.21
N ILE B 395 23.29 18.13 47.15
CA ILE B 395 23.82 18.43 48.52
C ILE B 395 25.22 18.86 48.49
N ARG B 396 26.08 18.08 47.78
CA ARG B 396 27.48 18.37 47.74
C ARG B 396 27.80 19.67 47.03
N TYR B 397 27.10 19.97 45.94
CA TYR B 397 27.34 21.23 45.23
C TYR B 397 27.00 22.45 46.12
N ARG B 398 25.89 22.35 46.83
CA ARG B 398 25.45 23.48 47.69
C ARG B 398 26.49 23.70 48.81
N GLU B 399 27.05 22.63 49.36
CA GLU B 399 28.10 22.71 50.44
C GLU B 399 29.46 23.10 49.95
N GLY B 400 29.68 22.96 48.64
CA GLY B 400 30.96 23.23 48.03
C GLY B 400 31.96 22.10 48.05
N THR B 401 31.50 20.83 48.15
CA THR B 401 32.38 19.71 48.07
C THR B 401 32.38 18.97 46.72
N THR B 402 31.66 19.50 45.76
CA THR B 402 31.74 18.98 44.37
C THR B 402 31.48 20.10 43.41
N ASP B 403 31.95 19.96 42.17
CA ASP B 403 31.85 21.02 41.20
C ASP B 403 30.49 20.90 40.47
N PHE B 404 30.09 21.98 39.81
CA PHE B 404 28.76 22.01 39.17
C PHE B 404 28.63 20.95 38.13
N LEU B 405 29.69 20.66 37.34
CA LEU B 405 29.51 19.66 36.29
C LEU B 405 29.02 18.32 36.87
N VAL B 406 29.47 17.97 38.08
CA VAL B 406 29.05 16.70 38.74
C VAL B 406 27.53 16.73 38.96
N LEU B 407 27.00 17.87 39.41
CA LEU B 407 25.55 18.01 39.54
C LEU B 407 24.82 17.97 38.22
N LEU B 408 25.34 18.76 37.27
CA LEU B 408 24.77 18.83 35.91
C LEU B 408 24.68 17.45 35.29
N ASP B 409 25.77 16.68 35.34
CA ASP B 409 25.75 15.38 34.77
C ASP B 409 24.75 14.43 35.46
N ALA B 410 24.66 14.56 36.78
CA ALA B 410 23.72 13.72 37.53
C ALA B 410 22.28 14.11 37.19
N GLU B 411 22.03 15.41 36.98
CA GLU B 411 20.67 15.83 36.60
C GLU B 411 20.34 15.31 35.22
N ARG B 412 21.31 15.37 34.30
CA ARG B 412 21.09 14.81 32.98
C ARG B 412 20.74 13.34 33.03
N GLU B 413 21.50 12.59 33.77
CA GLU B 413 21.27 11.20 33.92
C GLU B 413 19.94 10.82 34.58
N GLN B 414 19.49 11.63 35.53
CA GLN B 414 18.24 11.36 36.18
C GLN B 414 17.09 11.47 35.13
N LEU B 415 17.13 12.55 34.37
CA LEU B 415 16.10 12.74 33.35
C LEU B 415 16.14 11.66 32.30
N SER B 416 17.35 11.34 31.84
CA SER B 416 17.55 10.27 30.83
C SER B 416 17.00 8.94 31.32
N ALA B 417 17.29 8.59 32.58
CA ALA B 417 16.84 7.30 33.17
C ALA B 417 15.32 7.27 33.35
N GLU B 418 14.75 8.35 33.90
CA GLU B 418 13.30 8.40 34.17
C GLU B 418 12.52 8.35 32.88
N ASP B 419 13.02 9.08 31.89
CA ASP B 419 12.33 9.11 30.58
C ASP B 419 12.45 7.78 29.89
N ALA B 420 13.64 7.16 29.96
CA ALA B 420 13.82 5.80 29.40
C ALA B 420 12.92 4.74 30.04
N GLN B 421 12.73 4.86 31.35
CA GLN B 421 11.90 3.92 32.11
C GLN B 421 10.43 4.13 31.65
N ALA B 422 10.02 5.40 31.52
CA ALA B 422 8.67 5.66 31.03
C ALA B 422 8.46 5.07 29.63
N GLN B 423 9.40 5.30 28.71
CA GLN B 423 9.28 4.72 27.32
C GLN B 423 9.16 3.21 27.39
N ALA B 424 9.95 2.59 28.28
CA ALA B 424 9.92 1.12 28.45
C ALA B 424 8.59 0.63 29.01
N GLU B 425 7.98 1.40 29.92
CA GLU B 425 6.64 1.06 30.43
C GLU B 425 5.61 1.12 29.29
N VAL B 426 5.71 2.12 28.43
CA VAL B 426 4.85 2.19 27.27
C VAL B 426 5.10 1.01 26.33
N GLU B 427 6.36 0.67 26.11
CA GLU B 427 6.67 -0.51 25.28
C GLU B 427 6.08 -1.80 25.83
N LEU B 428 6.08 -1.94 27.15
CA LEU B 428 5.46 -3.09 27.76
C LEU B 428 3.95 -3.17 27.45
N TYR B 429 3.26 -2.05 27.66
CA TYR B 429 1.87 -1.91 27.31
C TYR B 429 1.63 -2.25 25.84
N ARG B 430 2.42 -1.69 24.94
CA ARG B 430 2.29 -1.95 23.52
C ARG B 430 2.56 -3.38 23.17
N GLY B 431 3.41 -4.01 23.98
CA GLY B 431 3.72 -5.42 23.81
C GLY B 431 2.57 -6.33 24.14
N ILE B 432 1.80 -5.94 25.18
CA ILE B 432 0.56 -6.66 25.48
C ILE B 432 -0.42 -6.59 24.33
N VAL B 433 -0.58 -5.40 23.75
CA VAL B 433 -1.41 -5.20 22.59
C VAL B 433 -0.96 -6.13 21.46
N ALA B 434 0.32 -6.15 21.20
CA ALA B 434 0.82 -6.92 20.07
C ALA B 434 0.55 -8.44 20.27
N ILE B 435 0.66 -8.87 21.51
CA ILE B 435 0.33 -10.29 21.87
C ILE B 435 -1.12 -10.58 21.49
N TYR B 436 -2.05 -9.79 22.05
CA TYR B 436 -3.46 -10.01 21.76
C TYR B 436 -3.86 -9.86 20.32
N ARG B 437 -3.26 -8.90 19.59
CA ARG B 437 -3.56 -8.76 18.19
C ARG B 437 -3.12 -10.02 17.50
N SER B 438 -1.93 -10.53 17.84
CA SER B 438 -1.43 -11.74 17.18
C SER B 438 -2.22 -13.01 17.46
N LEU B 439 -2.92 -13.05 18.55
CA LEU B 439 -3.70 -14.23 18.95
C LEU B 439 -5.08 -14.16 18.33
N GLY B 440 -5.46 -13.03 17.73
CA GLY B 440 -6.70 -12.92 17.03
C GLY B 440 -7.95 -12.70 17.87
N GLY B 441 -7.70 -12.12 19.01
CA GLY B 441 -8.76 -11.74 19.93
C GLY B 441 -9.57 -10.53 19.59
N GLY B 442 -10.85 -10.69 19.88
CA GLY B 442 -11.74 -9.53 20.11
C GLY B 442 -12.88 -9.30 19.13
N TRP B 443 -12.96 -10.11 18.11
CA TRP B 443 -14.00 -9.98 17.09
C TRP B 443 -15.38 -10.52 17.44
N GLN B 444 -16.39 -10.06 16.72
CA GLN B 444 -17.80 -10.43 16.97
C GLN B 444 -18.17 -11.54 15.96
N PRO B 445 -18.67 -12.68 16.44
CA PRO B 445 -19.10 -13.72 15.48
C PRO B 445 -20.27 -13.21 14.64
N SER B 446 -20.36 -13.68 13.40
CA SER B 446 -21.37 -13.15 12.46
C SER B 446 -22.63 -13.99 12.65
N ALA B 447 -23.82 -13.37 12.52
CA ALA B 447 -25.09 -14.15 12.41
C ALA B 447 -25.16 -14.94 11.09
N GLY B 448 -24.42 -14.49 10.07
CA GLY B 448 -24.44 -15.19 8.82
C GLY B 448 -25.79 -15.08 8.15
N SER B 449 -26.09 -16.06 7.30
CA SER B 449 -27.36 -16.04 6.55
C SER B 449 -27.94 -17.41 6.49
N HIS B 450 -29.25 -17.51 6.27
CA HIS B 450 -29.95 -18.82 6.07
C HIS B 450 -30.69 -18.90 4.73
N CYS C 1 -39.16 8.88 -17.12
CA CYS C 1 -38.75 9.28 -15.72
C CYS C 1 -37.40 8.69 -15.40
N THR C 2 -36.86 9.02 -14.24
CA THR C 2 -35.56 8.54 -13.85
C THR C 2 -35.70 7.96 -12.45
N VAL C 3 -35.64 6.64 -12.31
CA VAL C 3 -35.92 5.99 -11.05
C VAL C 3 -34.64 5.86 -10.22
N GLY C 4 -34.84 5.44 -8.96
CA GLY C 4 -33.71 5.35 -8.01
C GLY C 4 -33.48 6.69 -7.30
N PRO C 5 -32.61 6.67 -6.28
CA PRO C 5 -32.38 7.87 -5.51
C PRO C 5 -31.84 9.05 -6.31
N ASP C 6 -32.24 10.25 -5.94
CA ASP C 6 -31.72 11.45 -6.56
C ASP C 6 -30.63 11.99 -5.63
N TYR C 7 -29.40 11.92 -6.09
CA TYR C 7 -28.25 12.26 -5.23
C TYR C 7 -28.30 13.67 -4.71
N ARG C 8 -27.98 13.82 -3.42
CA ARG C 8 -27.78 15.13 -2.81
C ARG C 8 -26.45 15.07 -2.01
N THR C 9 -25.58 16.00 -2.27
CA THR C 9 -24.31 16.06 -1.54
C THR C 9 -24.55 16.03 -0.04
N PRO C 10 -23.73 15.28 0.70
CA PRO C 10 -23.90 15.26 2.17
C PRO C 10 -23.80 16.65 2.78
N ASP C 11 -24.55 16.85 3.84
CA ASP C 11 -24.60 18.13 4.53
C ASP C 11 -23.44 18.24 5.55
N THR C 12 -22.20 18.23 5.09
CA THR C 12 -21.03 18.08 5.96
C THR C 12 -20.74 19.42 6.61
N ALA C 13 -20.65 19.40 7.94
CA ALA C 13 -20.34 20.62 8.69
C ALA C 13 -18.98 21.16 8.37
N ALA C 14 -18.88 22.48 8.34
CA ALA C 14 -17.57 23.10 8.12
C ALA C 14 -16.54 22.68 9.18
N ALA C 15 -15.27 22.57 8.78
CA ALA C 15 -14.20 22.35 9.73
C ALA C 15 -14.12 23.46 10.82
N LYS C 16 -13.88 23.07 12.05
CA LYS C 16 -13.71 24.03 13.12
C LYS C 16 -12.39 23.74 13.81
N ILE C 17 -11.49 24.74 13.77
CA ILE C 17 -10.15 24.64 14.40
C ILE C 17 -9.94 25.92 15.22
N ASP C 18 -10.32 25.87 16.51
CA ASP C 18 -10.23 27.07 17.40
C ASP C 18 -8.86 27.70 17.45
N ALA C 19 -7.80 26.87 17.44
CA ALA C 19 -6.40 27.38 17.46
C ALA C 19 -6.06 28.37 16.35
N THR C 20 -6.80 28.33 15.24
CA THR C 20 -6.49 29.24 14.16
C THR C 20 -6.85 30.72 14.46
N ALA C 21 -7.59 31.00 15.55
CA ALA C 21 -7.90 32.40 15.99
C ALA C 21 -6.73 33.15 16.66
N SER C 22 -5.65 32.45 16.96
CA SER C 22 -4.43 33.02 17.59
C SER C 22 -3.40 33.71 16.64
N LYS C 23 -2.43 34.39 17.24
CA LYS C 23 -1.55 35.29 16.47
C LYS C 23 -0.55 34.68 15.45
N PRO C 24 -0.20 33.36 15.54
CA PRO C 24 0.61 32.85 14.40
C PRO C 24 -0.10 32.90 13.02
N TYR C 25 -1.43 33.09 13.01
CA TYR C 25 -2.24 32.90 11.78
C TYR C 25 -3.01 34.12 11.32
N ASP C 26 -3.23 34.24 10.02
CA ASP C 26 -4.05 35.27 9.42
C ASP C 26 -5.22 34.62 8.67
N ARG C 27 -6.41 34.69 9.26
CA ARG C 27 -7.61 34.12 8.63
C ARG C 27 -8.30 35.05 7.60
N SER C 28 -7.77 36.24 7.40
CA SER C 28 -8.41 37.20 6.50
C SER C 28 -8.10 36.92 5.04
N ARG C 29 -7.11 36.07 4.74
CA ARG C 29 -6.85 35.74 3.31
C ARG C 29 -6.14 34.38 3.24
N PHE C 30 -6.33 33.66 2.12
CA PHE C 30 -5.67 32.42 1.83
C PHE C 30 -4.73 32.64 0.67
N GLU C 31 -3.46 32.26 0.78
CA GLU C 31 -2.59 32.29 -0.43
C GLU C 31 -2.63 30.92 -1.12
N SER C 32 -3.16 30.83 -2.34
CA SER C 32 -3.18 29.56 -3.10
C SER C 32 -1.81 29.10 -3.49
N LEU C 33 -0.98 30.02 -3.94
CA LEU C 33 0.42 29.66 -4.31
C LEU C 33 1.27 29.83 -3.05
N TRP C 34 1.02 28.95 -2.09
CA TRP C 34 1.46 29.17 -0.72
C TRP C 34 2.95 29.16 -0.53
N TRP C 35 3.65 28.43 -1.37
CA TRP C 35 5.08 28.25 -1.26
C TRP C 35 5.84 29.54 -1.63
N LYS C 36 5.20 30.39 -2.41
CA LYS C 36 5.83 31.68 -2.83
C LYS C 36 6.08 32.62 -1.67
N GLN C 37 5.43 32.35 -0.54
CA GLN C 37 5.60 33.12 0.68
CA GLN C 37 5.62 33.23 0.59
C GLN C 37 6.97 32.98 1.31
N PHE C 38 7.69 31.91 0.95
CA PHE C 38 9.05 31.71 1.41
C PHE C 38 10.06 32.68 0.69
N ASP C 39 9.63 33.34 -0.36
CA ASP C 39 10.45 34.30 -1.10
CA ASP C 39 10.44 34.29 -1.11
C ASP C 39 11.75 33.64 -1.56
N ASP C 40 11.63 32.44 -2.14
CA ASP C 40 12.79 31.64 -2.53
C ASP C 40 12.67 31.30 -4.01
N PRO C 41 13.36 32.06 -4.87
CA PRO C 41 13.15 31.81 -6.31
C PRO C 41 13.59 30.41 -6.76
N THR C 42 14.60 29.85 -6.11
CA THR C 42 15.02 28.44 -6.42
C THR C 42 13.86 27.48 -6.20
N LEU C 43 13.20 27.61 -5.05
CA LEU C 43 12.05 26.76 -4.74
C LEU C 43 10.94 26.99 -5.76
N ASN C 44 10.72 28.24 -6.13
CA ASN C 44 9.67 28.51 -7.06
C ASN C 44 9.95 27.86 -8.41
N GLN C 45 11.17 27.89 -8.84
CA GLN C 45 11.57 27.28 -10.09
C GLN C 45 11.42 25.73 -10.02
N LEU C 46 11.77 25.15 -8.89
CA LEU C 46 11.53 23.71 -8.71
C LEU C 46 10.06 23.36 -8.91
N VAL C 47 9.17 24.13 -8.25
CA VAL C 47 7.75 23.80 -8.32
C VAL C 47 7.28 23.93 -9.77
N GLU C 48 7.69 25.01 -10.42
CA GLU C 48 7.26 25.17 -11.85
C GLU C 48 7.70 24.03 -12.75
N GLN C 49 8.95 23.59 -12.59
CA GLN C 49 9.50 22.49 -13.37
C GLN C 49 8.78 21.14 -13.05
N SER C 50 8.41 20.94 -11.77
CA SER C 50 7.71 19.73 -11.38
CA SER C 50 7.70 19.72 -11.37
C SER C 50 6.34 19.65 -12.03
N LEU C 51 5.66 20.79 -12.10
CA LEU C 51 4.30 20.77 -12.66
C LEU C 51 4.33 20.43 -14.14
N SER C 52 5.41 20.73 -14.83
CA SER C 52 5.63 20.39 -16.22
C SER C 52 6.19 19.03 -16.47
N GLY C 53 6.97 18.51 -15.54
CA GLY C 53 7.75 17.34 -15.78
C GLY C 53 7.34 16.09 -15.01
N ASN C 54 6.66 16.25 -13.86
CA ASN C 54 6.42 15.15 -12.99
C ASN C 54 5.59 14.05 -13.73
N ARG C 55 6.09 12.81 -13.67
CA ARG C 55 5.42 11.71 -14.43
C ARG C 55 4.15 11.18 -13.79
N ASP C 56 4.06 11.18 -12.45
CA ASP C 56 2.81 10.80 -11.75
C ASP C 56 1.68 11.78 -12.12
N LEU C 57 1.98 13.08 -12.24
CA LEU C 57 0.99 14.02 -12.64
CA LEU C 57 0.99 14.04 -12.71
C LEU C 57 0.53 13.71 -14.10
N ARG C 58 1.48 13.32 -14.95
CA ARG C 58 1.14 12.95 -16.33
C ARG C 58 0.23 11.73 -16.40
N VAL C 59 0.48 10.75 -15.53
CA VAL C 59 -0.42 9.60 -15.39
C VAL C 59 -1.81 10.10 -15.01
N ALA C 60 -1.91 10.96 -14.00
CA ALA C 60 -3.23 11.42 -13.56
C ALA C 60 -4.01 12.16 -14.68
N PHE C 61 -3.30 12.98 -15.45
CA PHE C 61 -3.91 13.70 -16.61
CA PHE C 61 -3.97 13.66 -16.56
C PHE C 61 -4.45 12.64 -17.59
N ALA C 62 -3.65 11.61 -17.85
CA ALA C 62 -4.07 10.52 -18.77
C ALA C 62 -5.30 9.77 -18.27
N ARG C 63 -5.32 9.50 -16.98
CA ARG C 63 -6.50 8.88 -16.37
C ARG C 63 -7.73 9.75 -16.50
N LEU C 64 -7.57 11.06 -16.40
CA LEU C 64 -8.72 11.96 -16.58
C LEU C 64 -9.23 11.85 -18.05
N ARG C 65 -8.31 11.85 -19.00
CA ARG C 65 -8.71 11.69 -20.43
C ARG C 65 -9.43 10.36 -20.63
N ALA C 66 -8.97 9.30 -19.99
CA ALA C 66 -9.58 7.98 -20.09
C ALA C 66 -11.02 8.00 -19.50
N ALA C 67 -11.21 8.67 -18.36
CA ALA C 67 -12.53 8.77 -17.79
C ALA C 67 -13.51 9.55 -18.67
N ARG C 68 -13.03 10.61 -19.29
CA ARG C 68 -13.87 11.41 -20.18
CA ARG C 68 -13.84 11.42 -20.22
C ARG C 68 -14.24 10.58 -21.42
N ALA C 69 -13.29 9.77 -21.90
CA ALA C 69 -13.60 8.89 -23.05
C ALA C 69 -14.65 7.82 -22.76
N LEU C 70 -14.65 7.29 -21.56
CA LEU C 70 -15.63 6.33 -21.15
C LEU C 70 -17.00 7.01 -21.10
N ARG C 71 -17.04 8.22 -20.53
CA ARG C 71 -18.32 8.98 -20.44
C ARG C 71 -18.85 9.28 -21.83
N ASP C 72 -17.97 9.59 -22.76
CA ASP C 72 -18.42 9.92 -24.13
C ASP C 72 -19.05 8.74 -24.80
N ASP C 73 -18.54 7.55 -24.57
CA ASP C 73 -19.12 6.33 -25.14
C ASP C 73 -20.53 6.10 -24.58
N VAL C 74 -20.68 6.14 -23.27
CA VAL C 74 -21.98 5.96 -22.60
C VAL C 74 -22.99 7.01 -23.08
N ALA C 75 -22.55 8.25 -23.31
CA ALA C 75 -23.51 9.30 -23.66
C ALA C 75 -24.23 8.99 -24.98
N ASN C 76 -23.61 8.23 -25.87
CA ASN C 76 -24.28 7.88 -27.13
C ASN C 76 -25.42 6.89 -27.00
N ASP C 77 -25.51 6.23 -25.87
CA ASP C 77 -26.58 5.28 -25.60
C ASP C 77 -27.94 5.92 -25.43
N ARG C 78 -27.98 7.25 -25.33
CA ARG C 78 -29.23 7.97 -25.21
C ARG C 78 -30.00 7.99 -26.53
N PHE C 79 -29.35 7.63 -27.63
CA PHE C 79 -29.93 7.77 -28.99
C PHE C 79 -29.85 6.45 -29.69
N PRO C 80 -30.64 6.30 -30.77
CA PRO C 80 -30.42 5.11 -31.57
C PRO C 80 -29.00 4.95 -32.04
N VAL C 81 -28.57 3.70 -32.07
CA VAL C 81 -27.28 3.29 -32.51
C VAL C 81 -27.49 2.59 -33.87
N VAL C 82 -26.97 3.24 -34.89
CA VAL C 82 -27.22 2.81 -36.30
C VAL C 82 -25.94 2.37 -36.96
N THR C 83 -25.85 1.08 -37.16
CA THR C 83 -24.70 0.41 -37.77
C THR C 83 -25.06 -0.13 -39.13
N SER C 84 -24.10 -0.69 -39.84
CA SER C 84 -24.35 -1.18 -41.20
C SER C 84 -23.90 -2.64 -41.32
N ARG C 85 -24.53 -3.35 -42.26
CA ARG C 85 -24.29 -4.78 -42.41
C ARG C 85 -24.62 -5.26 -43.82
N ALA C 86 -23.81 -6.22 -44.31
CA ALA C 86 -24.09 -7.01 -45.52
C ALA C 86 -23.90 -8.47 -45.04
N SER C 87 -24.91 -9.31 -45.21
CA SER C 87 -24.83 -10.68 -44.72
C SER C 87 -25.61 -11.61 -45.64
N ALA C 88 -25.30 -12.90 -45.56
CA ALA C 88 -26.08 -13.89 -46.23
C ALA C 88 -26.16 -15.12 -45.37
N ASP C 89 -27.13 -15.94 -45.69
CA ASP C 89 -27.26 -17.28 -45.08
C ASP C 89 -27.59 -18.21 -46.22
N ILE C 90 -26.71 -19.17 -46.46
CA ILE C 90 -26.77 -20.00 -47.66
C ILE C 90 -26.63 -21.42 -47.15
N GLY C 91 -27.45 -22.35 -47.62
CA GLY C 91 -27.35 -23.70 -47.14
C GLY C 91 -28.13 -24.69 -47.97
N LYS C 92 -28.04 -25.95 -47.58
CA LYS C 92 -28.85 -27.03 -48.18
C LYS C 92 -29.21 -28.02 -47.12
N GLY C 93 -30.49 -28.32 -47.01
CA GLY C 93 -30.98 -29.30 -46.07
C GLY C 93 -32.49 -29.30 -46.05
N GLN C 94 -33.06 -30.19 -45.22
CA GLN C 94 -34.50 -30.21 -44.96
C GLN C 94 -34.98 -28.90 -44.36
N GLN C 95 -36.26 -28.60 -44.57
CA GLN C 95 -36.89 -27.42 -43.95
C GLN C 95 -38.07 -27.90 -43.11
N PRO C 96 -37.80 -28.25 -41.82
CA PRO C 96 -38.81 -28.85 -40.94
C PRO C 96 -40.11 -28.07 -40.95
N GLY C 97 -41.21 -28.77 -41.13
CA GLY C 97 -42.53 -28.15 -41.29
C GLY C 97 -42.91 -27.71 -42.71
N VAL C 98 -41.93 -27.61 -43.61
CA VAL C 98 -42.17 -27.25 -45.02
C VAL C 98 -41.91 -28.43 -45.92
N THR C 99 -40.71 -29.03 -45.86
CA THR C 99 -40.38 -30.23 -46.68
C THR C 99 -39.28 -31.15 -46.09
N GLU C 100 -39.38 -32.44 -46.38
CA GLU C 100 -38.37 -33.44 -46.02
C GLU C 100 -37.37 -33.66 -47.13
N ASP C 101 -37.58 -33.00 -48.24
CA ASP C 101 -36.54 -32.93 -49.25
C ASP C 101 -35.44 -32.02 -48.70
N ARG C 102 -34.19 -32.31 -49.07
CA ARG C 102 -33.07 -31.38 -48.95
C ARG C 102 -33.08 -30.34 -50.07
N VAL C 103 -33.38 -29.09 -49.70
CA VAL C 103 -33.57 -27.95 -50.60
CA VAL C 103 -33.51 -27.99 -50.66
C VAL C 103 -32.48 -26.92 -50.39
N ASN C 104 -32.09 -26.25 -51.45
CA ASN C 104 -31.21 -25.11 -51.34
C ASN C 104 -31.96 -23.92 -50.76
N SER C 105 -31.29 -23.15 -49.90
CA SER C 105 -31.91 -21.90 -49.41
C SER C 105 -30.84 -20.85 -49.35
N GLU C 106 -31.25 -19.63 -49.66
CA GLU C 106 -30.36 -18.50 -49.64
C GLU C 106 -31.15 -17.28 -49.21
N ARG C 107 -30.51 -16.40 -48.46
CA ARG C 107 -31.03 -15.10 -48.11
C ARG C 107 -29.84 -14.14 -48.08
N TYR C 108 -30.07 -12.92 -48.56
CA TYR C 108 -29.09 -11.84 -48.59
C TYR C 108 -29.72 -10.60 -47.98
N ASP C 109 -28.96 -9.88 -47.16
CA ASP C 109 -29.42 -8.65 -46.53
C ASP C 109 -28.30 -7.63 -46.63
N LEU C 110 -28.64 -6.40 -46.92
CA LEU C 110 -27.66 -5.32 -46.96
C LEU C 110 -28.36 -4.08 -46.46
N GLY C 111 -27.87 -3.45 -45.39
CA GLY C 111 -28.54 -2.24 -45.02
C GLY C 111 -28.07 -1.71 -43.69
N LEU C 112 -28.91 -0.86 -43.11
CA LEU C 112 -28.65 -0.24 -41.78
C LEU C 112 -29.46 -0.96 -40.73
N ASP C 113 -28.79 -1.24 -39.59
CA ASP C 113 -29.41 -1.83 -38.43
C ASP C 113 -29.43 -0.75 -37.33
N SER C 114 -30.58 -0.58 -36.71
CA SER C 114 -30.74 0.37 -35.60
CA SER C 114 -30.75 0.38 -35.61
C SER C 114 -31.12 -0.39 -34.35
N ALA C 115 -30.53 0.03 -33.21
CA ALA C 115 -30.87 -0.52 -31.90
C ALA C 115 -31.10 0.70 -31.04
N TRP C 116 -32.20 0.69 -30.30
CA TRP C 116 -32.57 1.85 -29.48
C TRP C 116 -33.24 1.35 -28.21
N GLU C 117 -32.61 1.64 -27.07
CA GLU C 117 -33.27 1.41 -25.75
CA GLU C 117 -33.19 1.47 -25.76
C GLU C 117 -33.98 2.74 -25.44
N LEU C 118 -35.32 2.72 -25.40
CA LEU C 118 -36.06 3.92 -25.14
C LEU C 118 -35.90 4.19 -23.65
N ASP C 119 -35.57 5.36 -23.22
CA ASP C 119 -34.93 5.24 -21.80
C ASP C 119 -36.02 5.52 -20.78
N LEU C 120 -37.11 4.72 -20.78
CA LEU C 120 -38.33 5.20 -20.11
C LEU C 120 -38.23 5.35 -18.60
N PHE C 121 -37.33 4.58 -17.99
CA PHE C 121 -37.15 4.63 -16.56
C PHE C 121 -35.77 5.17 -16.17
N GLY C 122 -35.02 5.66 -17.15
CA GLY C 122 -33.81 6.36 -16.86
C GLY C 122 -32.58 5.56 -16.57
N ARG C 123 -32.55 4.29 -16.93
CA ARG C 123 -31.37 3.46 -16.74
CA ARG C 123 -31.34 3.42 -16.75
C ARG C 123 -30.13 4.09 -17.39
N ILE C 124 -30.33 4.55 -18.63
CA ILE C 124 -29.22 5.15 -19.38
C ILE C 124 -28.85 6.52 -18.87
N ARG C 125 -29.84 7.33 -18.51
CA ARG C 125 -29.59 8.59 -17.85
C ARG C 125 -28.76 8.44 -16.58
N ARG C 126 -29.10 7.43 -15.77
CA ARG C 126 -28.35 7.16 -14.56
C ARG C 126 -26.90 6.68 -14.89
N GLN C 127 -26.74 5.88 -15.94
CA GLN C 127 -25.38 5.48 -16.34
C GLN C 127 -24.51 6.67 -16.72
N LEU C 128 -25.11 7.63 -17.45
CA LEU C 128 -24.39 8.83 -17.83
C LEU C 128 -24.07 9.72 -16.61
N GLU C 129 -25.02 9.82 -15.66
CA GLU C 129 -24.87 10.58 -14.45
C GLU C 129 -23.65 9.97 -13.73
N SER C 130 -23.61 8.64 -13.65
CA SER C 130 -22.48 7.98 -13.00
C SER C 130 -21.14 8.27 -13.69
N SER C 131 -21.12 8.13 -15.01
CA SER C 131 -19.90 8.37 -15.82
CA SER C 131 -19.88 8.33 -15.76
C SER C 131 -19.41 9.82 -15.69
N ASP C 132 -20.34 10.75 -15.71
CA ASP C 132 -20.02 12.17 -15.58
C ASP C 132 -19.40 12.44 -14.16
N ALA C 133 -19.96 11.83 -13.11
CA ALA C 133 -19.43 12.00 -11.77
C ALA C 133 -18.02 11.41 -11.70
N LEU C 134 -17.80 10.27 -12.34
CA LEU C 134 -16.49 9.64 -12.29
C LEU C 134 -15.44 10.44 -13.06
N SER C 135 -15.85 11.13 -14.12
CA SER C 135 -14.93 12.09 -14.79
C SER C 135 -14.54 13.22 -13.83
N GLU C 136 -15.51 13.74 -13.10
CA GLU C 136 -15.20 14.79 -12.11
C GLU C 136 -14.32 14.24 -11.00
N ALA C 137 -14.53 12.99 -10.57
CA ALA C 137 -13.64 12.38 -9.59
C ALA C 137 -12.22 12.31 -10.10
N ALA C 138 -12.04 11.98 -11.35
CA ALA C 138 -10.72 11.90 -11.91
C ALA C 138 -10.04 13.26 -12.03
N GLU C 139 -10.84 14.30 -12.22
CA GLU C 139 -10.28 15.62 -12.19
C GLU C 139 -9.81 16.00 -10.79
N ALA C 140 -10.63 15.67 -9.81
CA ALA C 140 -10.27 15.92 -8.41
C ALA C 140 -9.04 15.11 -8.00
N ASP C 141 -8.94 13.86 -8.47
CA ASP C 141 -7.75 13.03 -8.18
C ASP C 141 -6.47 13.71 -8.73
N LEU C 142 -6.56 14.33 -9.91
CA LEU C 142 -5.45 15.03 -10.53
CA LEU C 142 -5.45 15.03 -10.51
C LEU C 142 -5.06 16.22 -9.65
N GLN C 143 -6.07 17.00 -9.22
CA GLN C 143 -5.81 18.15 -8.39
C GLN C 143 -5.19 17.74 -7.06
N GLN C 144 -5.67 16.63 -6.48
CA GLN C 144 -5.11 16.13 -5.25
C GLN C 144 -3.66 15.73 -5.39
N LEU C 145 -3.33 15.12 -6.52
CA LEU C 145 -1.92 14.73 -6.82
CA LEU C 145 -1.96 14.69 -6.78
C LEU C 145 -1.08 15.97 -6.91
N GLN C 146 -1.60 17.05 -7.52
CA GLN C 146 -0.84 18.32 -7.48
CA GLN C 146 -0.87 18.32 -7.52
C GLN C 146 -0.59 18.84 -6.07
N VAL C 147 -1.64 18.81 -5.23
CA VAL C 147 -1.48 19.23 -3.82
C VAL C 147 -0.37 18.41 -3.16
N SER C 148 -0.45 17.10 -3.29
CA SER C 148 0.46 16.18 -2.66
C SER C 148 1.90 16.30 -3.17
N LEU C 149 2.03 16.45 -4.49
CA LEU C 149 3.31 16.69 -5.17
C LEU C 149 3.99 17.94 -4.70
N ILE C 150 3.25 19.04 -4.68
CA ILE C 150 3.85 20.33 -4.31
C ILE C 150 4.33 20.24 -2.88
N ALA C 151 3.50 19.71 -2.01
CA ALA C 151 3.89 19.57 -0.61
C ALA C 151 5.13 18.63 -0.47
N GLU C 152 5.15 17.49 -1.16
CA GLU C 152 6.29 16.64 -1.07
C GLU C 152 7.57 17.30 -1.51
N LEU C 153 7.49 18.06 -2.61
CA LEU C 153 8.63 18.72 -3.17
C LEU C 153 9.12 19.83 -2.23
N VAL C 154 8.21 20.70 -1.79
CA VAL C 154 8.61 21.77 -0.91
C VAL C 154 9.21 21.20 0.37
N ASP C 155 8.61 20.16 0.89
CA ASP C 155 9.18 19.42 2.01
C ASP C 155 10.58 18.86 1.78
N ALA C 156 10.79 18.21 0.65
CA ALA C 156 12.13 17.68 0.29
C ALA C 156 13.17 18.81 0.18
N TYR C 157 12.78 19.97 -0.34
CA TYR C 157 13.69 21.07 -0.44
C TYR C 157 14.10 21.54 0.99
N GLY C 158 13.14 21.54 1.90
CA GLY C 158 13.48 21.83 3.28
C GLY C 158 14.41 20.84 3.89
N GLN C 159 14.20 19.59 3.62
CA GLN C 159 15.10 18.57 4.09
C GLN C 159 16.52 18.71 3.53
N LEU C 160 16.64 19.10 2.26
CA LEU C 160 17.90 19.39 1.66
C LEU C 160 18.59 20.57 2.40
N ARG C 161 17.87 21.71 2.53
CA ARG C 161 18.43 22.82 3.20
C ARG C 161 18.79 22.48 4.63
N GLY C 162 18.00 21.64 5.30
CA GLY C 162 18.31 21.21 6.65
C GLY C 162 19.61 20.45 6.71
N ALA C 163 19.81 19.52 5.80
CA ALA C 163 21.05 18.76 5.80
C ALA C 163 22.26 19.65 5.55
N GLN C 164 22.08 20.63 4.66
CA GLN C 164 23.14 21.59 4.40
C GLN C 164 23.45 22.47 5.58
N LEU C 165 22.43 22.93 6.26
CA LEU C 165 22.57 23.68 7.51
C LEU C 165 23.27 22.86 8.61
N ARG C 166 22.82 21.64 8.81
CA ARG C 166 23.42 20.77 9.80
C ARG C 166 24.89 20.44 9.49
N GLU C 167 25.22 20.26 8.21
CA GLU C 167 26.63 20.11 7.80
C GLU C 167 27.47 21.35 8.14
N LYS C 168 26.96 22.55 7.83
CA LYS C 168 27.66 23.79 8.18
C LYS C 168 27.92 23.86 9.70
N ILE C 169 26.91 23.52 10.50
CA ILE C 169 27.03 23.45 11.95
C ILE C 169 28.08 22.43 12.38
N ALA C 170 28.00 21.23 11.82
CA ALA C 170 28.93 20.19 12.16
C ALA C 170 30.39 20.63 11.85
N LEU C 171 30.56 21.30 10.70
CA LEU C 171 31.90 21.72 10.33
C LEU C 171 32.43 22.87 11.23
N SER C 172 31.57 23.80 11.59
CA SER C 172 31.95 24.89 12.47
CA SER C 172 32.01 24.89 12.46
C SER C 172 32.38 24.32 13.84
N ASN C 173 31.58 23.39 14.35
CA ASN C 173 31.93 22.73 15.61
C ASN C 173 33.18 21.89 15.47
N LEU C 174 33.35 21.26 14.34
CA LEU C 174 34.58 20.46 14.10
C LEU C 174 35.82 21.36 14.18
N GLU C 175 35.73 22.58 13.63
CA GLU C 175 36.85 23.51 13.70
C GLU C 175 37.13 23.95 15.12
N ASN C 176 36.10 24.23 15.91
CA ASN C 176 36.31 24.55 17.32
C ASN C 176 37.00 23.39 18.05
N GLN C 177 36.51 22.18 17.79
CA GLN C 177 37.06 20.96 18.44
C GLN C 177 38.51 20.65 17.94
N LYS C 178 38.84 21.02 16.70
CA LYS C 178 40.20 20.82 16.21
C LYS C 178 41.12 21.82 16.91
N GLU C 179 40.62 23.02 17.11
CA GLU C 179 41.40 24.02 17.89
C GLU C 179 41.66 23.59 19.33
N SER C 180 40.65 23.02 20.00
CA SER C 180 40.94 22.61 21.36
CA SER C 180 40.80 22.52 21.35
C SER C 180 41.77 21.32 21.38
N ARG C 181 41.66 20.42 20.41
CA ARG C 181 42.50 19.25 20.34
C ARG C 181 43.99 19.71 20.18
N GLN C 182 44.21 20.70 19.32
CA GLN C 182 45.55 21.30 19.18
CA GLN C 182 45.56 21.28 19.17
C GLN C 182 46.04 21.84 20.49
N LEU C 183 45.18 22.54 21.22
CA LEU C 183 45.56 23.07 22.53
C LEU C 183 45.91 21.95 23.53
N THR C 184 45.13 20.87 23.53
CA THR C 184 45.50 19.74 24.43
C THR C 184 46.89 19.20 24.11
N GLU C 185 47.21 19.08 22.86
CA GLU C 185 48.58 18.61 22.44
C GLU C 185 49.66 19.58 22.85
N GLN C 186 49.41 20.87 22.65
CA GLN C 186 50.41 21.90 23.04
C GLN C 186 50.66 21.91 24.51
N LEU C 187 49.62 21.84 25.33
CA LEU C 187 49.82 21.83 26.77
C LEU C 187 50.52 20.53 27.20
N ARG C 188 50.09 19.38 26.62
CA ARG C 188 50.76 18.14 26.91
C ARG C 188 52.26 18.25 26.53
N ASP C 189 52.56 18.76 25.36
CA ASP C 189 53.97 18.79 24.89
C ASP C 189 54.87 19.85 25.62
N ALA C 190 54.25 20.79 26.26
CA ALA C 190 54.96 21.78 27.13
C ALA C 190 55.03 21.34 28.59
N GLY C 191 54.56 20.12 28.89
CA GLY C 191 54.68 19.62 30.23
C GLY C 191 53.62 20.05 31.24
N VAL C 192 52.53 20.66 30.76
CA VAL C 192 51.49 21.18 31.62
C VAL C 192 50.12 20.66 31.17
N GLY C 193 50.08 19.44 30.65
CA GLY C 193 48.85 18.89 30.08
C GLY C 193 48.77 17.46 30.43
N ALA C 194 48.09 16.67 29.60
CA ALA C 194 47.91 15.28 29.86
C ALA C 194 47.55 14.51 28.61
N GLU C 195 48.11 13.32 28.48
CA GLU C 195 47.75 12.46 27.37
C GLU C 195 46.22 12.17 27.41
N LEU C 196 45.68 12.02 28.64
CA LEU C 196 44.24 11.79 28.78
C LEU C 196 43.42 12.86 28.14
N ASP C 197 43.84 14.11 28.21
CA ASP C 197 43.11 15.17 27.60
C ASP C 197 43.13 15.04 26.07
N VAL C 198 44.31 14.76 25.50
CA VAL C 198 44.43 14.62 24.08
C VAL C 198 43.56 13.50 23.53
N LEU C 199 43.61 12.33 24.21
CA LEU C 199 42.85 11.19 23.78
C LEU C 199 41.34 11.49 23.72
N ARG C 200 40.86 12.14 24.80
CA ARG C 200 39.45 12.53 24.83
C ARG C 200 39.05 13.55 23.74
N ALA C 201 39.95 14.49 23.49
CA ALA C 201 39.76 15.46 22.43
C ALA C 201 39.73 14.76 21.05
N ASP C 202 40.61 13.78 20.85
CA ASP C 202 40.68 13.03 19.61
C ASP C 202 39.36 12.29 19.41
N ALA C 203 38.88 11.64 20.44
CA ALA C 203 37.65 10.85 20.35
C ALA C 203 36.44 11.70 19.96
N ARG C 204 36.33 12.85 20.58
CA ARG C 204 35.22 13.73 20.26
CA ARG C 204 35.31 13.86 20.29
C ARG C 204 35.38 14.39 18.88
N LEU C 205 36.60 14.71 18.45
CA LEU C 205 36.81 15.23 17.10
CA LEU C 205 36.80 15.25 17.13
C LEU C 205 36.35 14.20 16.06
N ALA C 206 36.67 12.94 16.32
CA ALA C 206 36.31 11.86 15.37
C ALA C 206 34.81 11.64 15.34
N ALA C 207 34.14 11.72 16.49
CA ALA C 207 32.68 11.64 16.55
C ALA C 207 32.08 12.72 15.70
N THR C 208 32.52 13.96 15.88
CA THR C 208 31.98 15.05 15.08
C THR C 208 32.26 14.88 13.59
N ALA C 209 33.47 14.48 13.24
CA ALA C 209 33.85 14.21 11.88
C ALA C 209 32.97 13.15 11.20
N ALA C 210 32.59 12.13 11.98
CA ALA C 210 31.73 11.05 11.46
C ALA C 210 30.35 11.56 11.09
N SER C 211 29.87 12.65 11.71
CA SER C 211 28.52 13.17 11.38
C SER C 211 28.49 13.79 9.98
N VAL C 212 29.61 14.28 9.49
CA VAL C 212 29.64 15.06 8.28
C VAL C 212 29.22 14.24 7.03
N PRO C 213 29.82 13.03 6.82
CA PRO C 213 29.38 12.26 5.66
C PRO C 213 27.98 11.75 5.78
N GLN C 214 27.47 11.55 6.98
CA GLN C 214 26.08 11.16 7.17
CA GLN C 214 26.07 11.16 7.16
C GLN C 214 25.14 12.29 6.67
N LEU C 215 25.43 13.52 7.07
CA LEU C 215 24.65 14.67 6.61
C LEU C 215 24.80 14.89 5.13
N GLN C 216 25.98 14.70 4.57
CA GLN C 216 26.13 14.80 3.12
C GLN C 216 25.29 13.76 2.42
N ALA C 217 25.28 12.53 2.96
CA ALA C 217 24.45 11.47 2.32
C ALA C 217 22.97 11.85 2.33
N GLU C 218 22.49 12.44 3.43
CA GLU C 218 21.10 12.91 3.53
C GLU C 218 20.82 13.99 2.48
N ALA C 219 21.76 14.89 2.30
CA ALA C 219 21.56 15.95 1.28
C ALA C 219 21.48 15.36 -0.11
N GLU C 220 22.33 14.40 -0.42
CA GLU C 220 22.29 13.76 -1.71
C GLU C 220 20.99 13.02 -1.94
N ARG C 221 20.48 12.30 -0.95
CA ARG C 221 19.23 11.58 -1.10
CA ARG C 221 19.20 11.60 -1.09
C ARG C 221 18.10 12.60 -1.38
N ALA C 222 18.11 13.74 -0.69
CA ALA C 222 17.13 14.83 -0.96
C ALA C 222 17.24 15.39 -2.36
N ARG C 223 18.46 15.59 -2.85
CA ARG C 223 18.63 16.06 -4.22
CA ARG C 223 18.69 16.02 -4.21
C ARG C 223 18.07 15.05 -5.23
N HIS C 224 18.31 13.77 -4.98
CA HIS C 224 17.83 12.74 -5.91
C HIS C 224 16.31 12.64 -5.89
N ARG C 225 15.71 12.79 -4.70
CA ARG C 225 14.24 12.83 -4.56
C ARG C 225 13.69 14.00 -5.39
N ILE C 226 14.30 15.20 -5.22
CA ILE C 226 13.87 16.39 -5.94
C ILE C 226 13.92 16.13 -7.45
N ALA C 227 15.02 15.53 -7.92
CA ALA C 227 15.13 15.24 -9.34
C ALA C 227 13.96 14.39 -9.82
N THR C 228 13.66 13.27 -9.15
CA THR C 228 12.55 12.50 -9.60
C THR C 228 11.23 13.26 -9.54
N LEU C 229 11.00 14.05 -8.49
CA LEU C 229 9.77 14.83 -8.38
C LEU C 229 9.63 15.84 -9.54
N LEU C 230 10.74 16.27 -10.11
CA LEU C 230 10.77 17.17 -11.27
C LEU C 230 10.57 16.44 -12.60
N GLY C 231 10.64 15.12 -12.59
CA GLY C 231 10.64 14.32 -13.80
C GLY C 231 12.00 14.28 -14.45
N GLN C 232 13.08 14.43 -13.67
CA GLN C 232 14.44 14.53 -14.15
C GLN C 232 15.34 13.46 -13.60
N ARG C 233 16.34 13.08 -14.41
CA ARG C 233 17.36 12.13 -13.99
C ARG C 233 18.26 12.81 -12.98
N PRO C 234 18.89 12.05 -12.08
CA PRO C 234 19.70 12.62 -11.00
C PRO C 234 20.84 13.49 -11.53
N GLU C 235 21.50 13.07 -12.59
CA GLU C 235 22.62 13.86 -13.09
C GLU C 235 22.22 15.02 -13.99
N GLU C 236 20.93 15.19 -14.30
CA GLU C 236 20.46 16.18 -15.25
C GLU C 236 19.62 17.33 -14.65
N LEU C 237 19.60 17.42 -13.33
CA LEU C 237 18.91 18.51 -12.69
C LEU C 237 19.33 19.85 -13.27
N THR C 238 18.37 20.66 -13.65
CA THR C 238 18.58 21.97 -14.25
C THR C 238 18.84 23.10 -13.19
N VAL C 239 18.27 22.93 -12.00
CA VAL C 239 18.27 23.96 -10.99
C VAL C 239 19.46 23.80 -10.05
N ASP C 240 20.12 24.90 -9.76
CA ASP C 240 21.33 24.94 -8.91
C ASP C 240 20.89 24.82 -7.42
N LEU C 241 21.31 23.73 -6.79
CA LEU C 241 20.91 23.43 -5.40
C LEU C 241 22.07 23.63 -4.43
N SER C 242 23.09 24.40 -4.80
CA SER C 242 24.15 24.73 -3.87
CA SER C 242 24.15 24.77 -3.89
C SER C 242 23.58 25.44 -2.61
N PRO C 243 24.27 25.31 -1.48
CA PRO C 243 23.65 25.73 -0.20
C PRO C 243 23.15 27.15 -0.13
N ARG C 244 21.98 27.29 0.42
CA ARG C 244 21.34 28.54 0.76
CA ARG C 244 21.35 28.56 0.78
C ARG C 244 20.66 28.35 2.11
N ASP C 245 20.37 29.43 2.82
CA ASP C 245 19.64 29.30 4.08
C ASP C 245 18.26 28.65 3.90
N LEU C 246 17.84 27.94 4.94
CA LEU C 246 16.47 27.44 5.00
C LEU C 246 15.47 28.61 4.96
N PRO C 247 14.47 28.55 4.09
CA PRO C 247 13.58 29.67 4.00
C PRO C 247 12.68 29.82 5.21
N ALA C 248 12.15 31.03 5.34
CA ALA C 248 11.27 31.34 6.48
C ALA C 248 10.13 32.28 6.09
N ILE C 249 9.04 32.17 6.82
CA ILE C 249 7.88 33.09 6.73
C ILE C 249 7.76 33.80 8.07
N THR C 250 7.98 35.12 8.06
CA THR C 250 7.90 35.91 9.28
C THR C 250 6.51 36.57 9.46
N LYS C 251 5.73 36.78 8.40
CA LYS C 251 4.33 37.27 8.61
C LYS C 251 3.40 36.19 9.17
N ALA C 252 2.26 36.59 9.74
CA ALA C 252 1.30 35.57 10.17
C ALA C 252 0.84 34.82 8.88
N LEU C 253 0.68 33.50 9.01
CA LEU C 253 0.37 32.66 7.85
C LEU C 253 -1.04 32.94 7.35
N PRO C 254 -1.19 33.28 6.10
CA PRO C 254 -2.54 33.43 5.51
C PRO C 254 -3.19 32.07 5.20
N ILE C 255 -4.10 31.69 6.06
CA ILE C 255 -4.72 30.37 6.04
C ILE C 255 -6.19 30.44 5.68
N GLY C 256 -6.73 31.64 5.49
CA GLY C 256 -8.12 31.77 5.15
C GLY C 256 -8.99 31.30 6.29
N ASP C 257 -10.22 30.99 5.96
CA ASP C 257 -11.14 30.49 6.92
C ASP C 257 -10.99 28.97 6.95
N PRO C 258 -10.58 28.42 8.07
CA PRO C 258 -10.42 26.94 8.13
C PRO C 258 -11.67 26.20 7.82
N GLY C 259 -12.81 26.86 8.00
CA GLY C 259 -14.09 26.38 7.56
C GLY C 259 -14.26 26.06 6.09
N GLU C 260 -13.39 26.58 5.26
CA GLU C 260 -13.48 26.28 3.86
C GLU C 260 -12.64 25.07 3.47
N LEU C 261 -11.84 24.50 4.39
CA LEU C 261 -10.86 23.50 3.96
C LEU C 261 -11.51 22.29 3.34
N LEU C 262 -12.67 21.84 3.83
CA LEU C 262 -13.24 20.66 3.26
C LEU C 262 -13.78 20.88 1.84
N ARG C 263 -14.14 22.10 1.52
CA ARG C 263 -14.57 22.42 0.15
C ARG C 263 -13.38 22.64 -0.75
N ARG C 264 -12.23 23.05 -0.18
CA ARG C 264 -11.07 23.29 -1.03
C ARG C 264 -10.32 22.00 -1.39
N ARG C 265 -10.25 21.07 -0.44
CA ARG C 265 -9.43 19.87 -0.62
C ARG C 265 -9.92 18.97 -1.76
N PRO C 266 -9.07 18.71 -2.75
CA PRO C 266 -9.55 17.86 -3.84
C PRO C 266 -9.84 16.43 -3.49
N ASP C 267 -9.14 15.88 -2.49
CA ASP C 267 -9.44 14.51 -2.07
C ASP C 267 -10.89 14.33 -1.55
N ILE C 268 -11.36 15.34 -0.84
CA ILE C 268 -12.76 15.36 -0.38
C ILE C 268 -13.75 15.39 -1.57
N ARG C 269 -13.48 16.23 -2.54
CA ARG C 269 -14.31 16.30 -3.73
C ARG C 269 -14.27 15.02 -4.52
N ALA C 270 -13.10 14.37 -4.61
CA ALA C 270 -13.01 13.10 -5.34
C ALA C 270 -13.88 12.03 -4.69
N ALA C 271 -13.79 11.99 -3.38
CA ALA C 271 -14.57 11.00 -2.63
C ALA C 271 -16.10 11.30 -2.72
N GLU C 272 -16.45 12.59 -2.73
CA GLU C 272 -17.86 13.04 -2.89
C GLU C 272 -18.39 12.66 -4.28
N ARG C 273 -17.55 12.83 -5.29
CA ARG C 273 -17.90 12.50 -6.70
C ARG C 273 -18.03 10.97 -6.86
N ARG C 274 -17.19 10.20 -6.19
CA ARG C 274 -17.35 8.74 -6.17
CA ARG C 274 -17.38 8.76 -6.20
C ARG C 274 -18.67 8.31 -5.49
N LEU C 275 -19.04 9.04 -4.43
CA LEU C 275 -20.31 8.81 -3.78
C LEU C 275 -21.47 9.13 -4.73
N ALA C 276 -21.37 10.28 -5.40
CA ALA C 276 -22.42 10.66 -6.38
C ALA C 276 -22.52 9.57 -7.47
N ALA C 277 -21.38 9.04 -7.96
CA ALA C 277 -21.43 8.03 -9.00
C ALA C 277 -22.06 6.75 -8.49
N SER C 278 -21.73 6.37 -7.26
CA SER C 278 -22.29 5.15 -6.68
CA SER C 278 -22.29 5.15 -6.67
C SER C 278 -23.80 5.28 -6.45
N THR C 279 -24.25 6.48 -6.14
CA THR C 279 -25.66 6.72 -5.92
C THR C 279 -26.42 6.59 -7.25
N ALA C 280 -25.88 7.17 -8.31
CA ALA C 280 -26.44 6.98 -9.66
C ALA C 280 -26.49 5.50 -10.04
N ASP C 281 -25.44 4.72 -9.72
CA ASP C 281 -25.45 3.30 -9.99
C ASP C 281 -26.58 2.52 -9.29
N VAL C 282 -27.05 3.00 -8.15
CA VAL C 282 -28.25 2.43 -7.50
C VAL C 282 -29.44 2.63 -8.43
N GLY C 283 -29.53 3.79 -9.07
CA GLY C 283 -30.60 4.00 -10.03
C GLY C 283 -30.56 3.16 -11.27
N VAL C 284 -29.36 2.92 -11.76
CA VAL C 284 -29.19 1.98 -12.88
C VAL C 284 -29.79 0.61 -12.51
N ALA C 285 -29.45 0.15 -11.32
CA ALA C 285 -29.95 -1.16 -10.85
C ALA C 285 -31.49 -1.12 -10.59
N THR C 286 -31.97 0.00 -10.08
CA THR C 286 -33.39 0.18 -9.80
C THR C 286 -34.23 0.10 -11.07
N ALA C 287 -33.71 0.64 -12.17
CA ALA C 287 -34.45 0.60 -13.45
C ALA C 287 -34.74 -0.80 -13.90
N ASP C 288 -33.90 -1.79 -13.55
CA ASP C 288 -34.19 -3.17 -13.91
C ASP C 288 -35.36 -3.83 -13.22
N LEU C 289 -35.92 -3.19 -12.17
CA LEU C 289 -37.16 -3.64 -11.61
C LEU C 289 -38.33 -3.41 -12.58
N PHE C 290 -38.14 -2.52 -13.56
CA PHE C 290 -39.23 -2.05 -14.42
C PHE C 290 -39.00 -2.64 -15.80
N PRO C 291 -40.01 -2.62 -16.65
CA PRO C 291 -39.83 -3.14 -17.99
C PRO C 291 -38.79 -2.39 -18.80
N ARG C 292 -38.12 -3.10 -19.72
CA ARG C 292 -37.18 -2.51 -20.66
C ARG C 292 -37.88 -2.44 -22.06
N VAL C 293 -38.00 -1.23 -22.60
CA VAL C 293 -38.65 -1.00 -23.88
C VAL C 293 -37.57 -0.69 -24.91
N SER C 294 -37.54 -1.46 -25.98
CA SER C 294 -36.53 -1.25 -26.99
C SER C 294 -37.11 -1.34 -28.38
N LEU C 295 -36.42 -0.76 -29.33
CA LEU C 295 -36.93 -0.64 -30.69
C LEU C 295 -35.77 -0.89 -31.65
N SER C 296 -35.80 -2.05 -32.30
CA SER C 296 -34.83 -2.33 -33.37
C SER C 296 -35.42 -1.96 -34.76
N GLY C 297 -34.53 -1.73 -35.72
CA GLY C 297 -34.97 -1.42 -37.09
C GLY C 297 -33.95 -1.93 -38.09
N PHE C 298 -34.45 -2.12 -39.31
CA PHE C 298 -33.60 -2.43 -40.46
C PHE C 298 -34.09 -1.66 -41.63
N LEU C 299 -33.19 -1.07 -42.39
CA LEU C 299 -33.55 -0.39 -43.63
C LEU C 299 -32.52 -0.73 -44.69
N GLY C 300 -32.96 -1.25 -45.82
CA GLY C 300 -32.03 -1.54 -46.89
C GLY C 300 -32.64 -2.50 -47.86
N PHE C 301 -32.01 -3.68 -48.03
CA PHE C 301 -32.40 -4.66 -49.07
C PHE C 301 -32.35 -6.06 -48.48
N THR C 302 -33.29 -6.88 -48.89
CA THR C 302 -33.38 -8.29 -48.53
C THR C 302 -33.84 -9.02 -49.76
N ALA C 303 -33.20 -10.14 -50.05
CA ALA C 303 -33.63 -10.93 -51.23
C ALA C 303 -33.24 -12.37 -51.09
N GLY C 304 -33.95 -13.23 -51.81
CA GLY C 304 -33.56 -14.64 -51.91
C GLY C 304 -32.49 -14.88 -52.96
N ARG C 305 -32.29 -13.92 -53.86
CA ARG C 305 -31.29 -14.04 -54.85
C ARG C 305 -30.37 -12.87 -54.71
N GLY C 306 -29.08 -13.12 -54.57
CA GLY C 306 -28.11 -12.05 -54.33
C GLY C 306 -28.02 -11.05 -55.43
N SER C 307 -28.37 -11.49 -56.67
CA SER C 307 -28.33 -10.59 -57.77
C SER C 307 -29.31 -9.41 -57.65
N GLN C 308 -30.36 -9.55 -56.84
CA GLN C 308 -31.35 -8.49 -56.70
C GLN C 308 -31.00 -7.43 -55.61
N ILE C 309 -29.97 -7.70 -54.82
CA ILE C 309 -29.62 -6.74 -53.77
C ILE C 309 -29.26 -5.40 -54.39
N GLY C 310 -29.79 -4.34 -53.82
CA GLY C 310 -29.56 -3.00 -54.33
C GLY C 310 -30.64 -2.56 -55.32
N SER C 311 -31.47 -3.49 -55.78
CA SER C 311 -32.58 -3.10 -56.69
C SER C 311 -33.84 -2.70 -55.94
N SER C 312 -34.75 -1.98 -56.62
CA SER C 312 -36.05 -1.62 -56.07
C SER C 312 -36.82 -2.78 -55.62
N ALA C 313 -36.76 -3.87 -56.40
CA ALA C 313 -37.52 -5.09 -56.04
C ALA C 313 -37.04 -5.76 -54.76
N ALA C 314 -35.87 -5.37 -54.27
CA ALA C 314 -35.40 -5.98 -53.03
C ALA C 314 -35.39 -4.98 -51.84
N ARG C 315 -35.92 -3.77 -52.02
CA ARG C 315 -36.02 -2.86 -50.87
C ARG C 315 -36.76 -3.55 -49.74
N ALA C 316 -36.31 -3.22 -48.52
CA ALA C 316 -36.89 -3.81 -47.36
C ALA C 316 -36.73 -2.90 -46.14
N TRP C 317 -37.74 -2.96 -45.28
CA TRP C 317 -37.63 -2.29 -43.94
C TRP C 317 -38.30 -3.17 -42.93
N SER C 318 -37.86 -3.03 -41.66
CA SER C 318 -38.49 -3.74 -40.60
CA SER C 318 -38.55 -3.69 -40.61
C SER C 318 -38.29 -2.98 -39.30
N VAL C 319 -39.26 -3.11 -38.40
CA VAL C 319 -39.10 -2.58 -37.03
C VAL C 319 -39.42 -3.67 -36.05
N GLY C 320 -38.75 -3.64 -34.90
CA GLY C 320 -38.83 -4.73 -33.91
C GLY C 320 -39.06 -4.10 -32.50
N PRO C 321 -40.26 -3.67 -32.22
CA PRO C 321 -40.53 -3.17 -30.84
C PRO C 321 -40.57 -4.32 -29.87
N SER C 322 -40.04 -4.10 -28.66
CA SER C 322 -39.99 -5.16 -27.72
C SER C 322 -40.13 -4.55 -26.29
N ILE C 323 -40.83 -5.25 -25.42
CA ILE C 323 -40.90 -4.89 -24.01
CA ILE C 323 -40.87 -4.88 -24.03
C ILE C 323 -40.60 -6.16 -23.23
N SER C 324 -39.60 -6.10 -22.36
CA SER C 324 -39.16 -7.25 -21.57
CA SER C 324 -39.28 -7.28 -21.56
C SER C 324 -39.26 -6.89 -20.09
N TRP C 325 -39.57 -7.85 -19.25
CA TRP C 325 -39.64 -7.59 -17.81
C TRP C 325 -39.21 -8.83 -17.07
N ALA C 326 -38.42 -8.61 -16.02
CA ALA C 326 -37.85 -9.75 -15.36
C ALA C 326 -38.82 -10.76 -14.80
N ALA C 327 -40.01 -10.34 -14.40
CA ALA C 327 -41.03 -11.31 -13.98
C ALA C 327 -40.58 -12.22 -12.84
N PHE C 328 -40.56 -13.53 -13.06
CA PHE C 328 -40.19 -14.45 -12.00
C PHE C 328 -38.73 -14.38 -11.65
N ASP C 329 -37.92 -13.73 -12.48
CA ASP C 329 -36.51 -13.50 -12.12
C ASP C 329 -36.26 -12.17 -11.44
N LEU C 330 -37.32 -11.55 -10.90
CA LEU C 330 -37.13 -10.32 -10.17
C LEU C 330 -36.26 -10.49 -8.97
N GLY C 331 -36.23 -11.70 -8.40
CA GLY C 331 -35.31 -11.95 -7.32
C GLY C 331 -33.84 -11.65 -7.66
N SER C 332 -33.42 -11.98 -8.87
CA SER C 332 -32.08 -11.70 -9.32
C SER C 332 -31.80 -10.22 -9.46
N VAL C 333 -32.78 -9.51 -10.01
CA VAL C 333 -32.76 -8.07 -10.12
C VAL C 333 -32.62 -7.42 -8.74
N ARG C 334 -33.41 -7.92 -7.78
CA ARG C 334 -33.35 -7.37 -6.44
C ARG C 334 -31.98 -7.66 -5.83
N ALA C 335 -31.38 -8.82 -6.09
CA ALA C 335 -30.03 -9.12 -5.57
C ALA C 335 -29.03 -8.08 -6.12
N ARG C 336 -29.09 -7.79 -7.40
CA ARG C 336 -28.17 -6.81 -7.97
C ARG C 336 -28.39 -5.42 -7.38
N LEU C 337 -29.66 -5.11 -7.14
CA LEU C 337 -29.99 -3.82 -6.49
C LEU C 337 -29.45 -3.71 -5.04
N ARG C 338 -29.54 -4.81 -4.28
CA ARG C 338 -28.90 -4.84 -2.98
C ARG C 338 -27.40 -4.64 -3.05
N GLY C 339 -26.77 -5.22 -4.08
CA GLY C 339 -25.39 -5.01 -4.29
C GLY C 339 -25.01 -3.57 -4.56
N ALA C 340 -25.83 -2.91 -5.39
CA ALA C 340 -25.59 -1.48 -5.72
C ALA C 340 -25.79 -0.62 -4.48
N LYS C 341 -26.83 -0.95 -3.69
CA LYS C 341 -27.05 -0.23 -2.44
C LYS C 341 -25.88 -0.36 -1.47
N ALA C 342 -25.37 -1.58 -1.32
CA ALA C 342 -24.19 -1.80 -0.52
C ALA C 342 -22.98 -1.00 -1.00
N ASP C 343 -22.73 -1.00 -2.29
CA ASP C 343 -21.65 -0.23 -2.85
C ASP C 343 -21.78 1.27 -2.54
N ALA C 344 -22.99 1.80 -2.62
CA ALA C 344 -23.23 3.18 -2.28
C ALA C 344 -23.05 3.47 -0.81
N ASP C 345 -23.43 2.52 0.03
CA ASP C 345 -23.18 2.67 1.46
C ASP C 345 -21.70 2.65 1.78
N ALA C 346 -20.95 1.81 1.09
CA ALA C 346 -19.49 1.81 1.22
C ALA C 346 -18.92 3.15 0.76
N ALA C 347 -19.41 3.68 -0.33
CA ALA C 347 -18.90 4.97 -0.80
C ALA C 347 -19.23 6.11 0.20
N LEU C 348 -20.40 6.08 0.85
CA LEU C 348 -20.71 7.08 1.83
C LEU C 348 -19.80 6.98 3.02
N ALA C 349 -19.63 5.79 3.57
CA ALA C 349 -18.71 5.64 4.68
C ALA C 349 -17.25 6.00 4.34
N SER C 350 -16.84 5.70 3.13
CA SER C 350 -15.53 6.08 2.68
CA SER C 350 -15.51 6.09 2.65
C SER C 350 -15.34 7.59 2.57
N TYR C 351 -16.38 8.27 2.10
CA TYR C 351 -16.40 9.72 2.04
C TYR C 351 -16.29 10.31 3.46
N GLU C 352 -17.09 9.78 4.36
CA GLU C 352 -17.03 10.23 5.74
C GLU C 352 -15.69 9.99 6.40
N GLN C 353 -15.07 8.88 6.09
CA GLN C 353 -13.71 8.60 6.59
C GLN C 353 -12.72 9.59 6.00
N GLN C 354 -12.84 9.95 4.73
CA GLN C 354 -11.96 10.94 4.13
C GLN C 354 -12.09 12.29 4.81
N VAL C 355 -13.32 12.68 5.14
CA VAL C 355 -13.54 13.90 5.92
C VAL C 355 -12.80 13.84 7.26
N LEU C 356 -13.03 12.78 8.01
CA LEU C 356 -12.38 12.64 9.26
C LEU C 356 -10.86 12.64 9.17
N LEU C 357 -10.30 11.96 8.20
CA LEU C 357 -8.87 12.03 8.00
C LEU C 357 -8.35 13.43 7.69
N ALA C 358 -9.10 14.18 6.91
CA ALA C 358 -8.74 15.55 6.59
C ALA C 358 -8.76 16.43 7.81
N LEU C 359 -9.82 16.29 8.65
CA LEU C 359 -9.88 17.02 9.90
C LEU C 359 -8.77 16.65 10.86
N GLU C 360 -8.41 15.35 10.95
CA GLU C 360 -7.26 14.89 11.73
C GLU C 360 -5.95 15.52 11.24
N GLU C 361 -5.76 15.49 9.93
CA GLU C 361 -4.53 16.07 9.36
CA GLU C 361 -4.53 16.07 9.27
C GLU C 361 -4.43 17.56 9.64
N SER C 362 -5.53 18.29 9.49
CA SER C 362 -5.49 19.69 9.77
C SER C 362 -5.34 20.01 11.26
N ALA C 363 -6.01 19.22 12.10
CA ALA C 363 -5.85 19.40 13.53
C ALA C 363 -4.40 19.14 13.95
N ASN C 364 -3.82 18.07 13.44
CA ASN C 364 -2.42 17.80 13.70
C ASN C 364 -1.47 18.93 13.22
N ALA C 365 -1.72 19.42 12.01
CA ALA C 365 -0.79 20.41 11.44
C ALA C 365 -0.78 21.69 12.27
N PHE C 366 -1.95 22.13 12.69
CA PHE C 366 -2.03 23.31 13.52
C PHE C 366 -1.49 23.07 14.91
N SER C 367 -1.81 21.96 15.55
CA SER C 367 -1.24 21.67 16.85
CA SER C 367 -1.25 21.69 16.86
C SER C 367 0.30 21.62 16.83
N ASP C 368 0.85 20.88 15.85
CA ASP C 368 2.29 20.73 15.68
C ASP C 368 2.94 22.12 15.46
N TYR C 369 2.34 22.96 14.61
CA TYR C 369 3.01 24.24 14.26
C TYR C 369 3.19 25.14 15.49
N GLY C 370 2.11 25.30 16.29
CA GLY C 370 2.19 26.06 17.49
C GLY C 370 3.23 25.56 18.46
N LYS C 371 3.28 24.25 18.63
CA LYS C 371 4.25 23.63 19.53
C LYS C 371 5.66 23.71 19.02
N ARG C 372 5.85 23.65 17.70
CA ARG C 372 7.19 23.79 17.09
C ARG C 372 7.71 25.23 17.28
N GLN C 373 6.84 26.23 17.22
CA GLN C 373 7.26 27.61 17.51
C GLN C 373 7.73 27.73 18.96
N GLU C 374 6.96 27.18 19.89
CA GLU C 374 7.30 27.21 21.29
C GLU C 374 8.63 26.51 21.59
N ARG C 375 8.82 25.34 21.02
CA ARG C 375 10.00 24.53 21.20
C ARG C 375 11.22 25.32 20.71
N LEU C 376 11.09 25.98 19.58
CA LEU C 376 12.20 26.76 19.04
C LEU C 376 12.68 27.88 19.92
N VAL C 377 11.77 28.55 20.63
CA VAL C 377 12.17 29.59 21.57
C VAL C 377 13.14 29.01 22.60
N SER C 378 12.82 27.84 23.16
CA SER C 378 13.70 27.21 24.16
C SER C 378 15.01 26.78 23.55
N LEU C 379 14.98 26.25 22.35
CA LEU C 379 16.22 25.78 21.74
C LEU C 379 17.16 26.94 21.36
N VAL C 380 16.59 28.07 20.97
CA VAL C 380 17.44 29.25 20.71
C VAL C 380 18.16 29.66 21.99
N ARG C 381 17.45 29.68 23.11
CA ARG C 381 18.04 29.99 24.38
C ARG C 381 19.13 28.96 24.75
N GLN C 382 18.86 27.68 24.51
CA GLN C 382 19.82 26.63 24.78
C GLN C 382 21.09 26.86 23.98
N SER C 383 20.93 27.17 22.72
CA SER C 383 22.13 27.43 21.87
C SER C 383 22.97 28.64 22.30
N GLU C 384 22.29 29.70 22.66
CA GLU C 384 22.97 30.91 23.10
C GLU C 384 23.75 30.65 24.40
N ALA C 385 23.12 29.96 25.38
CA ALA C 385 23.79 29.70 26.60
C ALA C 385 24.94 28.74 26.39
N SER C 386 24.74 27.74 25.51
CA SER C 386 25.75 26.70 25.30
CA SER C 386 25.75 26.69 25.28
C SER C 386 27.00 27.28 24.62
N ARG C 387 26.82 28.19 23.69
CA ARG C 387 27.96 28.88 23.10
C ARG C 387 28.72 29.69 24.10
N ALA C 388 28.01 30.48 24.89
CA ALA C 388 28.69 31.28 25.92
C ALA C 388 29.46 30.38 26.91
N ALA C 389 28.86 29.27 27.32
CA ALA C 389 29.54 28.37 28.19
C ALA C 389 30.80 27.79 27.58
N ALA C 390 30.71 27.36 26.32
CA ALA C 390 31.88 26.77 25.64
C ALA C 390 33.02 27.78 25.48
N GLN C 391 32.67 29.01 25.19
CA GLN C 391 33.68 30.10 25.10
C GLN C 391 34.37 30.33 26.41
N GLN C 392 33.60 30.41 27.49
CA GLN C 392 34.19 30.57 28.84
C GLN C 392 35.00 29.40 29.31
N ALA C 393 34.52 28.18 29.02
CA ALA C 393 35.27 26.98 29.38
C ALA C 393 36.62 26.93 28.64
N ALA C 394 36.66 27.37 27.38
CA ALA C 394 37.91 27.32 26.59
C ALA C 394 38.97 28.31 27.17
N ILE C 395 38.51 29.46 27.59
CA ILE C 395 39.40 30.44 28.26
C ILE C 395 39.93 29.79 29.51
N ARG C 396 39.07 29.21 30.31
CA ARG C 396 39.53 28.65 31.57
C ARG C 396 40.46 27.46 31.42
N TYR C 397 40.21 26.57 30.45
CA TYR C 397 41.12 25.46 30.21
C TYR C 397 42.49 25.98 29.78
N ARG C 398 42.51 26.95 28.90
CA ARG C 398 43.77 27.46 28.33
C ARG C 398 44.59 28.05 29.44
N GLU C 399 43.88 28.72 30.35
CA GLU C 399 44.48 29.39 31.52
C GLU C 399 44.73 28.47 32.69
N GLY C 400 44.36 27.20 32.59
CA GLY C 400 44.66 26.24 33.64
C GLY C 400 43.74 26.31 34.87
N THR C 401 42.60 27.05 34.82
CA THR C 401 41.65 27.13 35.94
C THR C 401 40.37 26.29 35.82
N THR C 402 40.33 25.38 34.82
CA THR C 402 39.38 24.30 34.78
C THR C 402 39.95 23.05 34.11
N ASP C 403 39.39 21.88 34.40
CA ASP C 403 39.81 20.59 33.87
C ASP C 403 39.28 20.44 32.41
N PHE C 404 39.95 19.62 31.58
CA PHE C 404 39.53 19.45 30.20
C PHE C 404 38.11 18.93 30.06
N LEU C 405 37.65 18.04 30.96
CA LEU C 405 36.31 17.53 30.85
C LEU C 405 35.30 18.69 30.83
N VAL C 406 35.56 19.79 31.52
CA VAL C 406 34.61 20.93 31.54
C VAL C 406 34.45 21.50 30.15
N LEU C 407 35.59 21.65 29.46
CA LEU C 407 35.58 22.13 28.06
C LEU C 407 34.99 21.11 27.11
N LEU C 408 35.35 19.85 27.24
CA LEU C 408 34.80 18.80 26.38
C LEU C 408 33.28 18.78 26.51
N ASP C 409 32.78 18.74 27.75
CA ASP C 409 31.33 18.70 27.92
C ASP C 409 30.68 19.93 27.32
N ALA C 410 31.25 21.10 27.52
CA ALA C 410 30.71 22.30 26.96
C ALA C 410 30.68 22.28 25.44
N GLU C 411 31.73 21.74 24.83
CA GLU C 411 31.72 21.58 23.39
C GLU C 411 30.69 20.60 22.88
N ARG C 412 30.50 19.49 23.59
CA ARG C 412 29.48 18.53 23.26
C ARG C 412 28.09 19.16 23.27
N GLU C 413 27.84 19.91 24.36
CA GLU C 413 26.59 20.64 24.53
C GLU C 413 26.37 21.72 23.48
N GLN C 414 27.39 22.44 23.07
CA GLN C 414 27.23 23.45 22.01
CA GLN C 414 27.20 23.45 22.01
C GLN C 414 26.76 22.76 20.72
N LEU C 415 27.45 21.68 20.34
CA LEU C 415 27.04 20.99 19.12
C LEU C 415 25.66 20.43 19.22
N SER C 416 25.35 19.76 20.32
CA SER C 416 24.07 19.17 20.51
C SER C 416 22.94 20.25 20.39
N ALA C 417 23.14 21.37 21.09
CA ALA C 417 22.19 22.49 21.07
C ALA C 417 22.03 23.11 19.69
N GLU C 418 23.13 23.38 19.01
CA GLU C 418 23.05 24.00 17.71
C GLU C 418 22.43 23.08 16.67
N ASP C 419 22.77 21.79 16.72
CA ASP C 419 22.13 20.84 15.81
C ASP C 419 20.64 20.66 16.11
N ALA C 420 20.27 20.60 17.38
CA ALA C 420 18.83 20.48 17.76
C ALA C 420 18.05 21.70 17.27
N GLN C 421 18.62 22.88 17.42
CA GLN C 421 17.95 24.11 16.98
C GLN C 421 17.75 24.00 15.46
N ALA C 422 18.79 23.62 14.71
CA ALA C 422 18.65 23.44 13.26
C ALA C 422 17.52 22.46 12.93
N GLN C 423 17.48 21.31 13.59
CA GLN C 423 16.46 20.36 13.28
C GLN C 423 15.08 20.93 13.58
N ALA C 424 14.98 21.73 14.63
CA ALA C 424 13.73 22.38 14.97
C ALA C 424 13.28 23.47 13.98
N GLU C 425 14.22 24.17 13.39
CA GLU C 425 13.94 25.11 12.30
C GLU C 425 13.41 24.38 11.08
N VAL C 426 14.02 23.24 10.79
CA VAL C 426 13.47 22.35 9.73
C VAL C 426 12.06 21.88 10.02
N GLU C 427 11.82 21.41 11.25
CA GLU C 427 10.49 21.02 11.65
C GLU C 427 9.49 22.14 11.52
N LEU C 428 9.88 23.37 11.84
CA LEU C 428 8.95 24.45 11.65
C LEU C 428 8.59 24.63 10.17
N TYR C 429 9.61 24.66 9.29
CA TYR C 429 9.39 24.72 7.87
C TYR C 429 8.46 23.58 7.39
N ARG C 430 8.73 22.35 7.80
CA ARG C 430 7.93 21.25 7.42
C ARG C 430 6.50 21.37 7.94
N GLY C 431 6.36 22.00 9.12
CA GLY C 431 5.05 22.28 9.68
C GLY C 431 4.19 23.25 8.88
N ILE C 432 4.83 24.24 8.28
CA ILE C 432 4.15 25.11 7.36
C ILE C 432 3.63 24.33 6.15
N VAL C 433 4.47 23.46 5.60
CA VAL C 433 4.04 22.64 4.50
C VAL C 433 2.83 21.78 4.88
N ALA C 434 2.90 21.17 6.05
CA ALA C 434 1.81 20.31 6.50
C ALA C 434 0.51 21.10 6.68
N ILE C 435 0.58 22.32 7.15
CA ILE C 435 -0.64 23.16 7.23
C ILE C 435 -1.21 23.36 5.82
N TYR C 436 -0.40 23.86 4.87
CA TYR C 436 -0.96 24.13 3.52
C TYR C 436 -1.42 22.89 2.78
N ARG C 437 -0.72 21.78 2.96
CA ARG C 437 -1.22 20.53 2.41
C ARG C 437 -2.61 20.17 2.98
N SER C 438 -2.75 20.34 4.30
CA SER C 438 -4.01 19.99 4.97
C SER C 438 -5.19 20.87 4.56
N LEU C 439 -4.88 22.09 4.12
CA LEU C 439 -5.89 23.04 3.71
C LEU C 439 -6.28 22.92 2.26
N GLY C 440 -5.60 22.04 1.52
CA GLY C 440 -5.86 21.79 0.10
C GLY C 440 -5.35 22.90 -0.80
N GLY C 441 -4.24 23.52 -0.37
CA GLY C 441 -3.43 24.49 -1.13
C GLY C 441 -2.74 23.97 -2.33
N GLY C 442 -2.84 24.66 -3.42
CA GLY C 442 -1.84 24.50 -4.48
C GLY C 442 -2.32 24.07 -5.86
N TRP C 443 -3.60 23.68 -5.99
CA TRP C 443 -4.05 23.11 -7.31
C TRP C 443 -4.65 24.10 -8.33
N GLN C 444 -4.55 23.74 -9.63
CA GLN C 444 -5.21 24.40 -10.80
C GLN C 444 -6.59 23.83 -11.17
CA1 3PK D . -4.72 -3.83 -48.53
OA1 3PK D . -4.07 -2.87 -48.83
CA2 3PK D . -5.24 -4.85 -49.51
CA3 3PK D . -5.33 -6.28 -48.98
CA4 3PK D . -6.68 -6.66 -48.46
CA5 3PK D . -7.50 -7.59 -49.33
CB1 3PK D . -7.87 -2.00 -46.34
OB1 3PK D . -8.02 -0.87 -45.94
CB2 3PK D . -8.75 -2.65 -47.40
CB3 3PK D . -9.32 -1.64 -48.40
CB4 3PK D . -10.42 -2.23 -49.27
CB5 3PK D . -11.26 -1.27 -50.07
CB6 3PK D . -12.56 -1.84 -50.57
CG1 3PK D . -4.50 -3.27 -46.19
OG1 3PK D . -5.07 -4.10 -47.26
CG2 3PK D . -5.54 -2.27 -45.68
OG2 3PK D . -6.88 -2.85 -45.90
CG3 3PK D . -5.39 -1.98 -44.20
C14 OYA E . -7.98 -14.21 -46.60
C5 OYA E . -7.07 -12.98 -46.64
C6 OYA E . -5.68 -13.18 -46.02
C11 OYA E . -4.79 -11.92 -46.13
C7 OYA E . -4.56 -11.17 -44.81
C8 OYA E . -4.48 -9.64 -44.94
C9 OYA E . -4.44 -8.91 -43.58
C10 OYA E . -3.66 -7.57 -43.64
OAB OYA E . -3.76 -6.93 -44.72
C1 BOG F . -10.51 -25.93 -37.92
O1 BOG F . -11.33 -25.16 -38.80
C2 BOG F . -10.53 -25.33 -36.51
O2 BOG F . -10.00 -24.00 -36.53
C3 BOG F . -9.64 -26.16 -35.58
O3 BOG F . -9.80 -25.68 -34.24
C4 BOG F . -10.00 -27.64 -35.66
O4 BOG F . -9.04 -28.38 -34.90
C5 BOG F . -10.05 -28.13 -37.12
O5 BOG F . -10.96 -27.28 -37.84
C6 BOG F . -10.53 -29.57 -37.24
O6 BOG F . -9.77 -30.22 -38.27
C1' BOG F . -11.45 -25.61 -40.17
C2' BOG F . -12.93 -25.49 -40.53
C3' BOG F . -13.19 -24.21 -41.31
C4' BOG F . -14.63 -23.75 -41.13
C5' BOG F . -15.13 -23.09 -42.40
C6' BOG F . -16.38 -22.24 -42.11
C7' BOG F . -17.60 -22.54 -42.97
C8' BOG F . -17.30 -22.63 -44.46
C1 BOG G . -20.14 9.90 -39.13
O1 BOG G . -20.15 8.67 -39.89
C2 BOG G . -21.09 9.75 -37.92
O2 BOG G . -22.40 10.16 -38.34
C3 BOG G . -20.75 10.58 -36.67
O3 BOG G . -20.50 9.69 -35.56
C4 BOG G . -19.58 11.59 -36.81
O4 BOG G . -20.09 12.92 -36.60
C5 BOG G . -18.81 11.59 -38.13
O5 BOG G . -18.82 10.26 -38.70
C6 BOG G . -17.37 12.15 -37.96
O6 BOG G . -17.32 13.57 -38.14
C1' BOG G . -20.98 8.67 -41.07
C2' BOG G . -21.29 7.23 -41.46
C3' BOG G . -21.98 7.07 -42.80
C4' BOG G . -22.54 5.66 -42.89
C5' BOG G . -22.97 5.25 -44.30
C6' BOG G . -23.50 3.81 -44.31
C7' BOG G . -22.71 2.87 -45.22
C8' BOG G . -23.53 1.65 -45.58
C1 BOG H . 1.52 -11.45 -39.89
O1 BOG H . 0.60 -12.56 -39.91
C2 BOG H . 1.99 -11.04 -38.49
O2 BOG H . 0.91 -10.82 -37.56
C3 BOG H . 2.82 -9.77 -38.63
O3 BOG H . 3.25 -9.33 -37.32
C4 BOG H . 4.00 -10.03 -39.58
O4 BOG H . 4.79 -8.86 -39.80
C5 BOG H . 3.47 -10.56 -40.92
O5 BOG H . 2.70 -11.76 -40.67
C6 BOG H . 4.61 -10.82 -41.91
O6 BOG H . 5.20 -12.04 -41.50
C1' BOG H . -0.25 -12.46 -41.08
C2' BOG H . -1.14 -13.69 -41.29
C3' BOG H . -2.24 -13.37 -42.30
C4' BOG H . -3.48 -12.80 -41.60
C5' BOG H . -4.55 -13.85 -41.29
C6' BOG H . -5.97 -13.39 -41.66
C7' BOG H . -6.92 -14.55 -41.49
C8' BOG H . -8.14 -14.37 -42.36
C1 GOL I . 33.49 -4.69 15.69
O1 GOL I . 32.55 -3.60 15.61
C2 GOL I . 34.85 -4.13 15.24
O2 GOL I . 35.07 -4.39 13.84
C3 GOL I . 36.02 -4.67 16.06
O3 GOL I . 36.15 -6.08 15.83
C1 GOL J . 9.90 -8.31 -1.18
O1 GOL J . 11.15 -8.29 -0.49
C2 GOL J . 9.08 -9.58 -0.90
O2 GOL J . 9.37 -10.28 0.35
C3 GOL J . 7.62 -9.10 -1.07
O3 GOL J . 6.63 -10.02 -0.59
C1 GOL K . -19.23 10.72 -29.09
O1 GOL K . -19.69 10.30 -30.35
C2 GOL K . -17.77 11.18 -29.05
O2 GOL K . -17.61 12.35 -28.23
C3 GOL K . -17.18 11.49 -30.41
O3 GOL K . -16.20 10.48 -30.54
C1 GOL L . -16.98 -3.60 -34.67
O1 GOL L . -18.30 -3.73 -34.12
C2 GOL L . -17.09 -2.95 -36.05
O2 GOL L . -16.10 -3.43 -36.97
C3 GOL L . -17.02 -1.46 -35.96
O3 GOL L . -16.83 -1.00 -37.33
C FMT M . -1.37 -11.72 -13.88
O1 FMT M . -0.25 -11.04 -13.79
O2 FMT M . -1.64 -13.11 -13.81
C FMT N . 37.61 7.26 3.11
O1 FMT N . 36.74 6.38 3.09
O2 FMT N . 37.88 8.04 4.20
C FMT O . -10.69 -14.04 -23.96
O1 FMT O . -10.22 -14.89 -24.70
O2 FMT O . -11.92 -14.17 -23.46
C FMT P . 30.84 1.65 36.50
O1 FMT P . 29.68 1.37 36.19
O2 FMT P . 31.47 2.69 35.94
C FMT Q . -21.38 1.62 -28.90
O1 FMT Q . -22.57 1.87 -29.08
O2 FMT Q . -20.95 1.39 -27.67
C FMT R . 18.57 0.47 19.59
O1 FMT R . 18.88 -0.68 19.95
O2 FMT R . 19.48 1.31 19.07
NA NA S . -10.42 -19.00 -26.98
C ACT T . 2.42 -23.74 7.20
O ACT T . 1.46 -24.31 7.78
OXT ACT T . 2.23 -22.88 6.33
CH3 ACT T . 3.84 -24.13 7.49
C ACT U . -13.79 14.72 -29.34
O ACT U . -14.01 14.79 -28.11
OXT ACT U . -14.73 14.52 -30.15
CH3 ACT U . -12.38 14.89 -29.84
C1 BOG V . -15.77 -35.95 -21.94
O1 BOG V . -16.53 -36.50 -23.01
C2 BOG V . -15.03 -37.06 -21.19
O2 BOG V . -15.95 -37.90 -20.49
C3 BOG V . -13.97 -36.50 -20.22
O3 BOG V . -13.18 -37.56 -19.69
C4 BOG V . -13.05 -35.52 -20.94
O4 BOG V . -12.12 -34.88 -20.03
C5 BOG V . -13.90 -34.47 -21.66
O5 BOG V . -14.82 -35.09 -22.55
C6 BOG V . -13.05 -33.53 -22.51
O6 BOG V . -12.07 -34.26 -23.25
C1' BOG V . -17.68 -35.78 -23.39
C2' BOG V . -18.13 -36.17 -24.79
C3' BOG V . -19.50 -35.60 -25.07
C4' BOG V . -19.97 -35.71 -26.53
C5' BOG V . -21.33 -35.02 -26.62
C6' BOG V . -21.82 -34.65 -28.03
C7' BOG V . -23.17 -33.92 -27.94
C8' BOG V . -23.16 -32.64 -28.74
C1 GOL W . -18.74 -25.19 -22.45
O1 GOL W . -17.39 -25.50 -22.85
C2 GOL W . -19.67 -26.41 -22.56
O2 GOL W . -19.73 -27.25 -21.42
C3 GOL W . -19.27 -27.38 -23.64
O3 GOL W . -18.00 -27.99 -23.49
C1 GOL X . 6.41 -8.53 11.04
O1 GOL X . 5.05 -8.47 11.48
C2 GOL X . 6.59 -7.77 9.73
O2 GOL X . 7.96 -7.38 9.61
C3 GOL X . 6.19 -8.60 8.51
O3 GOL X . 6.59 -7.99 7.27
C1 GOL Y . 26.05 13.87 53.57
O1 GOL Y . 26.54 12.54 53.38
C2 GOL Y . 27.21 14.86 53.35
O2 GOL Y . 27.32 15.27 51.97
C3 GOL Y . 27.04 16.04 54.29
O3 GOL Y . 26.60 17.26 53.72
C1 GOL Z . 22.42 18.78 28.87
O1 GOL Z . 21.25 18.67 28.07
C2 GOL Z . 22.82 20.19 29.24
O2 GOL Z . 24.24 20.33 29.33
C3 GOL Z . 22.11 21.09 28.26
O3 GOL Z . 22.77 22.36 28.17
C FMT AA . 1.33 -6.30 13.31
O1 FMT AA . 1.59 -6.52 12.13
O2 FMT AA . 0.59 -5.22 13.65
C FMT BA . -22.83 -15.02 4.57
O1 FMT BA . -24.03 -14.76 4.27
O2 FMT BA . -22.46 -16.18 5.20
C FMT CA . -9.66 -17.27 -8.28
O1 FMT CA . -9.10 -17.10 -7.17
O2 FMT CA . -10.32 -18.42 -8.61
C FMT DA . -13.27 -14.69 19.74
O1 FMT DA . -14.16 -13.83 19.70
O2 FMT DA . -12.22 -14.57 20.58
C FMT EA . -15.14 -7.18 -5.22
O1 FMT EA . -15.34 -6.01 -5.54
O2 FMT EA . -16.16 -8.03 -5.23
C FMT FA . -13.86 -20.69 -16.15
O1 FMT FA . -14.92 -20.96 -15.58
O2 FMT FA . -13.90 -20.28 -17.40
C FMT GA . 11.27 12.21 21.64
O1 FMT GA . 11.77 11.19 22.08
O2 FMT GA . 9.95 12.45 21.80
NA NA HA . -29.45 -14.81 -11.13
C ACT IA . -18.24 14.05 9.45
O ACT IA . -18.22 14.02 10.75
OXT ACT IA . -18.71 15.00 8.72
CH3 ACT IA . -17.67 12.92 8.66
C ACT JA . -4.58 -24.62 -25.85
O ACT JA . -5.28 -24.46 -26.96
OXT ACT JA . -3.46 -24.04 -25.62
CH3 ACT JA . -4.98 -25.55 -24.70
C ACT KA . -8.24 -30.51 -2.24
O ACT KA . -8.57 -30.65 -3.45
OXT ACT KA . -7.59 -31.37 -1.60
CH3 ACT KA . -8.59 -29.25 -1.51
CA1 3PK LA . -44.61 8.13 -14.15
OA1 3PK LA . -45.66 7.59 -13.91
CA2 3PK LA . -44.43 9.16 -15.26
CA3 3PK LA . -45.17 8.81 -16.54
CA4 3PK LA . -44.65 9.47 -17.77
CA5 3PK LA . -45.04 8.80 -19.07
CB1 3PK LA . -43.28 5.46 -16.72
OB1 3PK LA . -42.65 6.16 -17.48
CB2 3PK LA . -44.03 4.24 -17.14
CB3 3PK LA . -45.50 4.49 -17.35
CB4 3PK LA . -46.39 3.88 -16.28
CB5 3PK LA . -47.82 3.66 -16.66
CB6 3PK LA . -48.50 2.48 -16.05
CG1 3PK LA . -43.02 6.49 -13.21
OG1 3PK LA . -43.47 7.87 -13.47
CG2 3PK LA . -42.38 5.92 -14.45
OG2 3PK LA . -43.50 5.78 -15.40
CG3 3PK LA . -41.29 6.82 -15.03
C14 OYA MA . -42.68 8.57 -25.17
C5 OYA MA . -41.75 8.86 -24.01
C6 OYA MA . -41.27 10.32 -23.94
C11 OYA MA . -40.20 10.59 -22.86
C7 OYA MA . -40.71 10.50 -21.41
C8 OYA MA . -39.66 10.04 -20.39
C9 OYA MA . -40.22 9.21 -19.21
C10 OYA MA . -39.96 9.78 -17.77
OAB OYA MA . -39.36 10.88 -17.58
C1 BOG NA . -41.65 -12.44 -8.65
O1 BOG NA . -42.84 -11.87 -9.25
C2 BOG NA . -41.61 -11.97 -7.19
O2 BOG NA . -41.75 -10.56 -7.11
C3 BOG NA . -40.29 -12.39 -6.54
O3 BOG NA . -40.43 -12.20 -5.12
C4 BOG NA . -39.89 -13.83 -6.84
O4 BOG NA . -38.59 -13.83 -7.46
C5 BOG NA . -40.89 -14.63 -7.72
O5 BOG NA . -41.61 -13.87 -8.71
C6 BOG NA . -41.97 -15.32 -6.87
O6 BOG NA . -41.80 -16.75 -6.96
C1' BOG NA . -43.73 -12.69 -9.99
C2' BOG NA . -44.49 -11.85 -11.01
C3' BOG NA . -44.57 -12.55 -12.36
C4' BOG NA . -45.79 -12.15 -13.18
C5' BOG NA . -45.88 -12.98 -14.44
C6' BOG NA . -46.69 -12.28 -15.52
C7' BOG NA . -45.79 -11.46 -16.43
C8' BOG NA . -46.54 -10.33 -17.10
C1 BOG OA . -29.84 8.79 -35.74
O1 BOG OA . -31.01 8.00 -35.55
C2 BOG OA . -28.69 8.24 -34.89
O2 BOG OA . -29.08 8.25 -33.51
C3 BOG OA . -27.46 9.11 -35.08
O3 BOG OA . -26.37 8.53 -34.38
C4 BOG OA . -27.13 9.25 -36.56
O4 BOG OA . -26.07 10.17 -36.74
C5 BOG OA . -28.35 9.76 -37.33
O5 BOG OA . -29.43 8.83 -37.12
C6 BOG OA . -28.01 9.93 -38.82
O6 BOG OA . -29.20 10.04 -39.60
C1' BOG OA . -32.15 8.64 -36.16
C2' BOG OA . -33.36 7.73 -36.10
C3' BOG OA . -32.95 6.30 -36.38
C4' BOG OA . -34.16 5.44 -36.60
C5' BOG OA . -34.92 5.17 -35.33
C6' BOG OA . -35.57 3.81 -35.43
C7' BOG OA . -36.60 3.78 -36.55
C8' BOG OA . -37.35 2.46 -36.51
C1 BOG PA . -37.04 3.90 -6.46
O1 BOG PA . -35.94 4.24 -5.53
C2 BOG PA . -38.07 3.10 -5.63
O2 BOG PA . -37.51 2.26 -4.60
C3 BOG PA . -38.84 2.30 -6.67
O3 BOG PA . -39.49 1.14 -6.17
C4 BOG PA . -39.76 3.33 -7.27
O4 BOG PA . -40.82 2.67 -7.95
C5 BOG PA . -38.93 4.31 -8.12
O5 BOG PA . -37.68 4.89 -7.43
C6 BOG PA . -39.96 5.38 -8.61
O6 BOG PA . -41.16 4.97 -9.32
C1' BOG PA . -35.86 5.63 -5.06
C2' BOG PA . -34.91 5.97 -3.89
C3' BOG PA . -34.73 5.02 -2.68
C4' BOG PA . -33.66 3.91 -2.89
C5' BOG PA . -32.68 3.72 -1.71
C6' BOG PA . -31.23 3.51 -2.16
C7' BOG PA . -30.13 4.08 -1.27
C8' BOG PA . -28.83 4.17 -2.05
C1 BOG QA . -40.63 -3.32 -5.29
O1 BOG QA . -41.26 -4.12 -6.30
C2 BOG QA . -41.27 -3.57 -3.92
O2 BOG QA . -42.62 -3.10 -3.91
C3 BOG QA . -40.47 -2.82 -2.87
O3 BOG QA . -41.03 -3.10 -1.58
C4 BOG QA . -39.02 -3.26 -2.88
O4 BOG QA . -38.29 -2.42 -1.98
C5 BOG QA . -38.38 -3.26 -4.28
O5 BOG QA . -39.26 -3.67 -5.34
C6 BOG QA . -37.28 -4.29 -4.42
O6 BOG QA . -36.13 -3.96 -3.66
C1' BOG QA . -41.32 -3.40 -7.52
C2' BOG QA . -41.76 -4.31 -8.63
C3' BOG QA . -41.43 -3.68 -9.97
C4' BOG QA . -42.47 -2.65 -10.40
C5' BOG QA . -43.61 -3.35 -11.11
C6' BOG QA . -43.43 -3.31 -12.63
C7' BOG QA . -44.39 -4.30 -13.28
C8' BOG QA . -44.38 -4.29 -14.79
C1 GOL RA . 2.50 11.98 -3.75
O1 GOL RA . 2.99 13.13 -3.05
C2 GOL RA . 2.47 12.31 -5.22
O2 GOL RA . 2.24 11.08 -5.94
C3 GOL RA . 3.75 13.00 -5.75
O3 GOL RA . 4.82 12.06 -5.87
C1 GOL SA . 6.99 5.67 -5.81
O1 GOL SA . 8.07 5.72 -4.87
C2 GOL SA . 6.49 7.09 -6.12
O2 GOL SA . 7.33 8.09 -5.48
C3 GOL SA . 6.55 7.49 -7.59
O3 GOL SA . 5.57 6.99 -8.48
C1 GOL TA . -4.69 11.26 8.61
O1 GOL TA . -4.21 11.10 7.26
C2 GOL TA . -3.54 11.39 9.61
O2 GOL TA . -2.47 12.19 9.10
C3 GOL TA . -3.04 10.00 9.97
O3 GOL TA . -1.85 10.12 10.76
C1 GOL UA . 34.95 16.65 4.92
O1 GOL UA . 34.49 15.92 6.06
C2 GOL UA . 33.77 17.29 4.20
O2 GOL UA . 33.65 16.78 2.86
C3 GOL UA . 33.90 18.82 4.15
O3 GOL UA . 32.63 19.45 3.86
C FMT VA . 13.16 13.26 -17.98
O1 FMT VA . 14.36 13.09 -17.89
O2 FMT VA . 12.57 14.09 -18.88
C FMT WA . -33.88 -5.52 -2.87
O1 FMT WA . -33.93 -4.35 -2.50
O2 FMT WA . -34.21 -6.56 -2.06
C FMT XA . -0.31 13.91 4.99
O1 FMT XA . 0.87 13.86 4.64
O2 FMT XA . -0.91 12.92 5.69
C FMT YA . -17.90 -4.58 -7.47
O1 FMT YA . -17.43 -5.12 -8.47
O2 FMT YA . -17.17 -3.72 -6.72
C FMT ZA . -21.17 -2.98 -44.55
O1 FMT ZA . -22.04 -2.74 -45.38
O2 FMT ZA . -19.97 -2.39 -44.67
NA NA AB . -21.64 4.02 -26.98
C ACT BB . -35.85 -5.98 -16.47
O ACT BB . -36.98 -6.19 -15.93
OXT ACT BB . -34.74 -6.51 -16.11
CH3 ACT BB . -35.88 -4.95 -17.55
C ACT CB . 13.98 8.93 -18.75
O ACT CB . 14.54 10.04 -18.42
OXT ACT CB . 14.40 8.11 -19.63
CH3 ACT CB . 12.73 8.52 -18.08
C ACT DB . -4.08 9.40 -9.96
O ACT DB . -5.17 9.59 -10.55
OXT ACT DB . -3.07 9.01 -10.61
CH3 ACT DB . -4.03 9.62 -8.47
C ACT EB . -6.62 26.93 -4.79
O ACT EB . -7.24 27.41 -3.83
OXT ACT EB . -5.55 26.27 -4.62
CH3 ACT EB . -7.13 27.17 -6.20
#